data_8IUK
#
_entry.id   8IUK
#
loop_
_entity.id
_entity.type
_entity.pdbx_description
1 polymer 'G subunit alpha (q)'
2 polymer 'Guanine nucleotide-binding protein G(I)/G(S)/G(T) subunit beta-1'
3 polymer 'Antibody fragment scFv16'
4 polymer 'Guanine nucleotide-binding protein G(I)/G(S)/G(O) subunit gamma-2'
5 polymer 'nanobody Nb35'
6 polymer 'Prostaglandin F2-alpha receptor'
7 non-polymer '(Z)-7-[(1R,2R,3R,5S)-3,5-bis(oxidanyl)-2-[(E,3S)-3-oxidanyloct-1-enyl]cyclopentyl]hept-5-enoic acid'
#
loop_
_entity_poly.entity_id
_entity_poly.type
_entity_poly.pdbx_seq_one_letter_code
_entity_poly.pdbx_strand_id
1 'polypeptide(L)'
;MGCTLSAEDKAAVERSKMIEKQLQKDKQVYRRTLRLLLLGADNSGKSTIVKQMRIYHVNGYSEEECKQYKAVVYSNTIQS
IIAIIRAMGRLKIDFGDSARADDARQLFVLAGAAEEGFMTAELAGVIKRLWKDSGVQACFNRSREYQLNDSAAYYLNDLD
RIAQPNYIPTQQDVLRTRVKTSGIFETKFQVDKVNFHMFDVGAQRDERRKWIQCFNDVTAIIFVVDSSDYNRLQEALNDF
KSIWNNRWLRTISVILFLNKQDLLAEKVLAGKSKIEDYFPEFARYTTPEDATPEPGEDPRVTRAKYFIRKEFVDISTASG
DGRHICYPHFTCSVDTENARRIFNDCKDIILQMNLREYNLV
;
A
2 'polypeptide(L)'
;MLLQSELDQLRQEAEQLKNQIRDARKACADATLSQITNNIDPVGRIQMRTRRTLRGHLAKIYAMHWGTDSRLLVSASQDG
KLIIWDSYTTNKVHAIPLRSSWVMTCAYAPSGNYVACGGLDNICSIYNLKTREGNVRVSRELAGHTGYLSCCRFLDDNQI
VTSSGDTTCALWDIETGQQTTTFTGHTGDVMSLSLAPDTRLFVSGACDASAKLWDVREGMCRQTFTGHESDINAICFFPN
GNAFATGSDDATCRLFDLRADQELMTYSHDNIICGITSVSFSKSGRLLLAGYDDFNCNVWDALKADRAGVLAGHDNRVSC
LGVTDDGMAVATGSWDSFLKIWN
;
B
3 'polypeptide(L)'
;VQLVESGGGLVQPGGSRKLSCSASGFAFSSFGMHWVRQAPEKGLEWVAYISSGSGTIYYADTVKGRFTISRDDPKNTLFL
QMTSLRSEDTAMYYCVRSIYYYGSSPFDFWGQGTTLTVSAGGGGSGGGGSGGGGSADIVMTQATSSVPVTPGESVSISCR
SSKSLLHSNGNTYLYWFLQRPGQSPQLLIYRMSNLASGVPDRFSGSGSGTAFTLTISRLEAEDVGVYYCMQHLEYPLTFG
AGTKLEL
;
E
4 'polypeptide(L)' MASNNTASIAQARKLVEQLKMEANIDRIKVSKAAADLMAYCEAHAKEDPLLTPVPASENPFREKKFFCAIL G
5 'polypeptide(L)'
;MKYLLPTAAAGLLLLAAQPAMAQVQLQESGGGLVQPGGSLRLSCAASGFTFSNYKMNWVRQAPGKGLEWVSDISQSGASI
SYTGSVKGRFTISRDNAKNTLYLQMNSLKPEDTAVYYCARCPAPFTRDCFDVTSTTYAYRGQGTQVTVSS
;
N
6 'polypeptide(L)'
;MSMNNSKQLVSPAAALLSNTTCQTENRLSVFFSVIFMTVGILSNSLAIAILMKAYQRFRQKSKASFLLLASGLVITDFFG
HLINGAIAVFVYASDKEWIRFDQSNVLCSIFGICMVFSGLCPLLLGSVMAIERCIGVTKPIFHSTKITSKHVKMMLSGVC
LFAVFIALLPILGHRDYKIQASRTWCFYNTEDIKDWEDRFYLLLFSFLGLLALGVSLLCNAITGITLLRVKFKSQQHRQG
RSHHLEMVIQLLAIMCVSCICWSPFLVTMANIGINGNHSLETCETTLFALRMATWNQILDPWVYILLRKAVLKNLYKLAS
QCCGVHVISLHIWELSSIKNSLKVAAISESPVAEKSAST
;
R
#
loop_
_chem_comp.id
_chem_comp.type
_chem_comp.name
_chem_comp.formula
UGU non-polymer '(Z)-7-[(1R,2R,3R,5S)-3,5-bis(oxidanyl)-2-[(E,3S)-3-oxidanyloct-1-enyl]cyclopentyl]hept-5-enoic acid' 'C20 H34 O5'
#
# COMPACT_ATOMS: atom_id res chain seq x y z
N LEU A 5 5.22 1.06 30.67
CA LEU A 5 6.20 0.75 29.65
C LEU A 5 7.62 0.72 30.22
N SER A 6 8.41 -0.28 29.89
CA SER A 6 9.76 -0.41 30.35
C SER A 6 10.70 0.51 29.65
N ALA A 7 11.99 0.39 29.89
CA ALA A 7 12.91 1.34 29.31
C ALA A 7 12.99 0.95 27.88
N GLU A 8 13.06 -0.39 27.74
CA GLU A 8 13.17 -1.03 26.45
C GLU A 8 12.01 -0.83 25.61
N ASP A 9 10.85 -0.82 26.18
CA ASP A 9 9.69 -0.53 25.43
C ASP A 9 9.52 0.94 25.16
N LYS A 10 10.46 1.77 25.56
CA LYS A 10 10.40 3.16 25.22
C LYS A 10 11.34 3.30 24.06
N ALA A 11 12.58 2.89 24.14
CA ALA A 11 13.56 2.77 23.09
C ALA A 11 12.92 2.26 21.80
N ALA A 12 12.00 1.31 21.91
CA ALA A 12 11.29 0.82 20.74
C ALA A 12 10.40 1.90 20.13
N VAL A 13 9.77 2.72 20.97
CA VAL A 13 8.96 3.82 20.47
C VAL A 13 9.83 4.83 19.74
N GLU A 14 11.01 5.13 20.28
CA GLU A 14 11.92 6.06 19.62
C GLU A 14 12.42 5.51 18.30
N ARG A 15 12.72 4.20 18.25
CA ARG A 15 13.14 3.58 17.00
C ARG A 15 12.01 3.61 15.98
N SER A 16 10.77 3.39 16.42
CA SER A 16 9.64 3.46 15.51
C SER A 16 9.46 4.87 14.98
N LYS A 17 9.65 5.87 15.82
CA LYS A 17 9.55 7.26 15.37
C LYS A 17 10.65 7.58 14.36
N MET A 18 11.87 7.07 14.59
CA MET A 18 12.95 7.28 13.63
C MET A 18 12.65 6.61 12.30
N ILE A 19 12.09 5.39 12.34
CA ILE A 19 11.72 4.70 11.12
C ILE A 19 10.62 5.45 10.40
N GLU A 20 9.68 6.03 11.14
CA GLU A 20 8.62 6.81 10.52
C GLU A 20 9.17 8.07 9.86
N LYS A 21 10.14 8.73 10.51
CA LYS A 21 10.77 9.89 9.90
C LYS A 21 11.52 9.50 8.62
N GLN A 22 12.23 8.37 8.65
CA GLN A 22 12.91 7.89 7.46
C GLN A 22 11.92 7.59 6.34
N LEU A 23 10.78 6.99 6.69
CA LEU A 23 9.76 6.69 5.69
C LEU A 23 9.16 7.97 5.12
N GLN A 24 8.99 8.99 5.97
CA GLN A 24 8.50 10.28 5.46
C GLN A 24 9.50 10.91 4.50
N LYS A 25 10.80 10.83 4.83
CA LYS A 25 11.81 11.36 3.91
C LYS A 25 11.81 10.60 2.59
N ASP A 26 11.71 9.27 2.65
CA ASP A 26 11.66 8.48 1.43
C ASP A 26 10.41 8.79 0.62
N LYS A 27 9.28 9.04 1.29
CA LYS A 27 8.06 9.41 0.60
C LYS A 27 8.20 10.76 -0.09
N GLN A 28 8.85 11.71 0.58
CA GLN A 28 9.11 13.01 -0.04
C GLN A 28 9.98 12.84 -1.28
N VAL A 29 11.04 12.04 -1.18
CA VAL A 29 11.93 11.82 -2.31
C VAL A 29 11.19 11.14 -3.46
N TYR A 30 10.31 10.18 -3.13
CA TYR A 30 9.57 9.48 -4.17
C TYR A 30 8.50 10.36 -4.80
N ARG A 31 7.94 11.31 -4.05
CA ARG A 31 6.91 12.18 -4.59
C ARG A 31 7.48 13.35 -5.37
N ARG A 32 8.73 13.74 -5.07
CA ARG A 32 9.37 14.78 -5.87
C ARG A 32 9.59 14.33 -7.30
N THR A 33 9.82 13.03 -7.51
CA THR A 33 10.00 12.49 -8.84
C THR A 33 8.67 11.91 -9.36
N LEU A 34 8.53 11.92 -10.67
CA LEU A 34 7.34 11.40 -11.33
C LEU A 34 7.66 10.06 -12.00
N ARG A 35 6.64 9.22 -12.10
CA ARG A 35 6.78 7.87 -12.66
C ARG A 35 5.86 7.72 -13.86
N LEU A 36 6.38 7.08 -14.91
CA LEU A 36 5.63 6.87 -16.14
C LEU A 36 5.77 5.42 -16.57
N LEU A 37 4.78 4.92 -17.30
CA LEU A 37 4.78 3.58 -17.85
C LEU A 37 4.96 3.65 -19.36
N LEU A 38 5.67 2.66 -19.91
CA LEU A 38 5.88 2.55 -21.36
C LEU A 38 5.41 1.17 -21.82
N LEU A 39 4.49 1.16 -22.77
CA LEU A 39 3.96 -0.08 -23.32
C LEU A 39 4.03 -0.04 -24.84
N GLY A 40 4.04 -1.22 -25.45
CA GLY A 40 4.11 -1.32 -26.89
C GLY A 40 4.44 -2.73 -27.38
N ALA A 41 4.07 -3.03 -28.61
CA ALA A 41 4.35 -4.33 -29.19
C ALA A 41 5.82 -4.45 -29.57
N ASP A 42 6.20 -5.66 -29.98
CA ASP A 42 7.59 -5.90 -30.38
C ASP A 42 7.92 -5.24 -31.70
N ASN A 43 6.93 -5.07 -32.58
CA ASN A 43 7.17 -4.43 -33.87
C ASN A 43 7.38 -2.93 -33.74
N SER A 44 6.87 -2.31 -32.69
CA SER A 44 7.03 -0.88 -32.50
C SER A 44 8.47 -0.55 -32.13
N GLY A 45 8.91 0.64 -32.53
CA GLY A 45 10.27 1.08 -32.28
C GLY A 45 10.43 1.83 -30.97
N LYS A 46 10.07 1.18 -29.85
CA LYS A 46 10.23 1.82 -28.55
C LYS A 46 11.68 1.90 -28.11
N SER A 47 12.54 1.01 -28.62
CA SER A 47 13.95 1.04 -28.24
C SER A 47 14.61 2.33 -28.69
N THR A 48 14.29 2.79 -29.91
CA THR A 48 14.83 4.06 -30.39
C THR A 48 14.32 5.22 -29.55
N ILE A 49 13.07 5.16 -29.11
CA ILE A 49 12.51 6.22 -28.28
C ILE A 49 13.21 6.25 -26.92
N VAL A 50 13.53 5.08 -26.37
CA VAL A 50 14.24 5.04 -25.10
C VAL A 50 15.67 5.53 -25.27
N LYS A 51 16.29 5.20 -26.41
CA LYS A 51 17.69 5.58 -26.62
C LYS A 51 17.85 7.07 -26.88
N GLN A 52 16.89 7.68 -27.57
CA GLN A 52 17.01 9.09 -27.93
C GLN A 52 16.80 10.01 -26.72
N MET A 53 16.29 9.49 -25.60
CA MET A 53 16.08 10.32 -24.40
C MET A 53 17.39 10.42 -23.62
N ARG A 54 18.33 11.19 -24.18
CA ARG A 54 19.62 11.42 -23.58
C ARG A 54 19.69 12.76 -22.85
N ILE A 55 18.54 13.36 -22.54
CA ILE A 55 18.51 14.63 -21.84
C ILE A 55 18.76 14.43 -20.35
N THR A 181 18.40 -10.88 -17.56
CA THR A 181 17.14 -11.55 -17.31
C THR A 181 16.17 -10.64 -16.56
N SER A 182 16.54 -9.36 -16.46
CA SER A 182 15.70 -8.39 -15.78
C SER A 182 14.47 -8.06 -16.63
N GLY A 183 13.29 -8.36 -16.11
CA GLY A 183 12.06 -8.11 -16.83
C GLY A 183 11.54 -6.70 -16.78
N ILE A 184 12.19 -5.81 -16.03
CA ILE A 184 11.78 -4.42 -15.89
C ILE A 184 12.97 -3.53 -16.20
N PHE A 185 12.77 -2.53 -17.06
CA PHE A 185 13.78 -1.56 -17.40
C PHE A 185 13.33 -0.19 -16.92
N GLU A 186 14.20 0.49 -16.16
CA GLU A 186 13.91 1.80 -15.61
C GLU A 186 14.86 2.82 -16.21
N THR A 187 14.31 3.89 -16.77
CA THR A 187 15.08 4.97 -17.39
C THR A 187 14.75 6.27 -16.69
N LYS A 188 15.74 6.88 -16.05
CA LYS A 188 15.57 8.13 -15.33
C LYS A 188 16.14 9.28 -16.16
N PHE A 189 15.35 10.33 -16.33
CA PHE A 189 15.80 11.51 -17.06
C PHE A 189 15.20 12.76 -16.42
N GLN A 190 15.61 13.92 -16.93
CA GLN A 190 15.21 15.20 -16.37
C GLN A 190 14.69 16.10 -17.48
N VAL A 191 13.45 16.54 -17.35
CA VAL A 191 12.81 17.46 -18.29
C VAL A 191 12.29 18.64 -17.51
N ASP A 192 12.77 19.85 -17.86
CA ASP A 192 12.36 21.09 -17.22
C ASP A 192 12.55 21.01 -15.70
N LYS A 193 13.73 20.52 -15.30
CA LYS A 193 14.10 20.34 -13.89
C LYS A 193 13.14 19.43 -13.15
N VAL A 194 12.46 18.53 -13.86
CA VAL A 194 11.55 17.57 -13.25
C VAL A 194 12.06 16.17 -13.59
N ASN A 195 12.17 15.32 -12.58
CA ASN A 195 12.70 13.97 -12.75
C ASN A 195 11.59 13.02 -13.16
N PHE A 196 11.79 12.32 -14.28
CA PHE A 196 10.84 11.35 -14.79
C PHE A 196 11.51 9.98 -14.87
N HIS A 197 10.87 8.98 -14.26
CA HIS A 197 11.35 7.60 -14.28
C HIS A 197 10.35 6.78 -15.10
N MET A 198 10.78 6.32 -16.26
CA MET A 198 9.95 5.53 -17.16
C MET A 198 10.25 4.05 -16.95
N PHE A 199 9.20 3.26 -16.74
CA PHE A 199 9.30 1.83 -16.52
C PHE A 199 8.74 1.09 -17.74
N ASP A 200 9.52 0.15 -18.26
CA ASP A 200 9.13 -0.61 -19.45
C ASP A 200 9.36 -2.10 -19.20
N VAL A 201 8.64 -2.92 -19.96
CA VAL A 201 8.79 -4.37 -19.84
C VAL A 201 10.10 -4.78 -20.51
N GLY A 202 10.95 -5.48 -19.75
CA GLY A 202 12.24 -5.90 -20.26
C GLY A 202 12.22 -7.25 -20.93
N ALA A 203 11.77 -8.29 -20.21
CA ALA A 203 11.70 -9.64 -20.76
C ALA A 203 10.53 -10.36 -20.10
N GLN A 204 9.40 -10.41 -20.80
CA GLN A 204 8.22 -11.12 -20.34
C GLN A 204 7.55 -11.80 -21.53
N ARG A 205 6.59 -12.65 -21.23
CA ARG A 205 5.84 -13.37 -22.25
C ARG A 205 4.66 -12.52 -22.72
N ASP A 206 3.76 -13.11 -23.49
CA ASP A 206 2.59 -12.39 -24.00
C ASP A 206 1.53 -12.17 -22.94
N GLU A 207 1.73 -12.65 -21.72
CA GLU A 207 0.75 -12.45 -20.66
C GLU A 207 0.71 -10.98 -20.26
N ARG A 208 -0.49 -10.41 -20.19
CA ARG A 208 -0.68 -9.00 -19.86
C ARG A 208 -1.78 -8.76 -18.84
N ARG A 209 -2.65 -9.73 -18.58
CA ARG A 209 -3.79 -9.49 -17.70
C ARG A 209 -3.39 -9.40 -16.23
N LYS A 210 -2.24 -9.94 -15.85
CA LYS A 210 -1.84 -9.99 -14.45
C LYS A 210 -0.96 -8.82 -14.04
N TRP A 211 0.18 -8.63 -14.71
CA TRP A 211 1.13 -7.59 -14.31
C TRP A 211 0.66 -6.19 -14.66
N ILE A 212 -0.47 -6.04 -15.35
CA ILE A 212 -0.96 -4.70 -15.68
C ILE A 212 -1.53 -4.00 -14.44
N GLN A 213 -1.96 -4.76 -13.43
CA GLN A 213 -2.51 -4.16 -12.23
C GLN A 213 -1.44 -3.55 -11.33
N CYS A 214 -0.18 -3.96 -11.47
CA CYS A 214 0.90 -3.42 -10.65
C CYS A 214 1.37 -2.05 -11.12
N PHE A 215 1.18 -1.72 -12.40
CA PHE A 215 1.61 -0.45 -12.95
C PHE A 215 0.51 0.62 -12.91
N ASN A 216 -0.43 0.51 -11.98
CA ASN A 216 -1.49 1.51 -11.86
C ASN A 216 -1.01 2.66 -10.98
N ASP A 217 -1.87 3.68 -10.84
CA ASP A 217 -1.61 4.86 -10.04
C ASP A 217 -0.39 5.64 -10.52
N VAL A 218 0.06 5.39 -11.75
CA VAL A 218 1.20 6.10 -12.32
C VAL A 218 0.73 7.42 -12.88
N THR A 219 1.67 8.30 -13.20
CA THR A 219 1.31 9.62 -13.74
C THR A 219 0.74 9.50 -15.15
N ALA A 220 1.41 8.74 -16.01
CA ALA A 220 0.96 8.60 -17.39
C ALA A 220 1.50 7.30 -17.97
N ILE A 221 0.83 6.83 -19.02
CA ILE A 221 1.21 5.63 -19.75
C ILE A 221 1.35 5.99 -21.22
N ILE A 222 2.50 5.66 -21.79
CA ILE A 222 2.81 5.95 -23.19
C ILE A 222 2.77 4.65 -23.97
N PHE A 223 1.82 4.55 -24.90
CA PHE A 223 1.66 3.38 -25.74
C PHE A 223 2.25 3.67 -27.12
N VAL A 224 3.28 2.93 -27.49
CA VAL A 224 3.94 3.11 -28.78
C VAL A 224 3.30 2.18 -29.80
N VAL A 225 2.99 2.70 -30.97
CA VAL A 225 2.34 1.95 -32.04
C VAL A 225 3.05 2.24 -33.35
N ASP A 226 3.32 1.18 -34.12
CA ASP A 226 3.94 1.32 -35.43
C ASP A 226 2.84 1.60 -36.45
N SER A 227 2.64 2.88 -36.77
CA SER A 227 1.58 3.27 -37.70
C SER A 227 1.92 2.96 -39.14
N SER A 228 3.14 2.51 -39.43
CA SER A 228 3.52 2.20 -40.81
C SER A 228 2.93 0.86 -41.25
N ASP A 229 3.22 -0.20 -40.51
CA ASP A 229 2.70 -1.53 -40.86
C ASP A 229 1.22 -1.61 -40.53
N TYR A 230 0.43 -2.05 -41.50
CA TYR A 230 -1.02 -2.18 -41.32
C TYR A 230 -1.42 -3.53 -40.74
N ASN A 231 -0.55 -4.54 -40.80
CA ASN A 231 -0.89 -5.85 -40.25
C ASN A 231 -1.00 -5.79 -38.73
N ARG A 232 0.03 -5.28 -38.06
CA ARG A 232 0.01 -5.15 -36.60
C ARG A 232 -0.85 -3.99 -36.12
N LEU A 233 -1.42 -3.20 -37.04
CA LEU A 233 -2.23 -2.06 -36.63
C LEU A 233 -3.50 -2.52 -35.91
N GLN A 234 -4.13 -3.58 -36.42
CA GLN A 234 -5.35 -4.08 -35.77
C GLN A 234 -5.04 -4.65 -34.39
N GLU A 235 -3.91 -5.35 -34.25
CA GLU A 235 -3.52 -5.87 -32.95
C GLU A 235 -3.21 -4.73 -31.97
N ALA A 236 -2.57 -3.67 -32.47
CA ALA A 236 -2.29 -2.52 -31.61
C ALA A 236 -3.59 -1.83 -31.18
N LEU A 237 -4.56 -1.72 -32.09
CA LEU A 237 -5.84 -1.13 -31.74
C LEU A 237 -6.57 -1.98 -30.70
N ASN A 238 -6.53 -3.31 -30.86
CA ASN A 238 -7.16 -4.19 -29.88
C ASN A 238 -6.48 -4.07 -28.51
N ASP A 239 -5.15 -4.00 -28.50
CA ASP A 239 -4.43 -3.85 -27.24
C ASP A 239 -4.76 -2.52 -26.57
N PHE A 240 -4.85 -1.45 -27.36
CA PHE A 240 -5.20 -0.14 -26.80
C PHE A 240 -6.62 -0.15 -26.24
N LYS A 241 -7.55 -0.80 -26.94
CA LYS A 241 -8.92 -0.90 -26.46
C LYS A 241 -8.99 -1.71 -25.17
N SER A 242 -8.20 -2.78 -25.08
CA SER A 242 -8.20 -3.59 -23.87
C SER A 242 -7.58 -2.85 -22.69
N ILE A 243 -6.52 -2.09 -22.94
CA ILE A 243 -5.86 -1.35 -21.86
C ILE A 243 -6.73 -0.19 -21.38
N TRP A 244 -7.39 0.50 -22.32
CA TRP A 244 -8.21 1.65 -21.95
C TRP A 244 -9.44 1.22 -21.15
N ASN A 245 -10.03 0.08 -21.50
CA ASN A 245 -11.22 -0.42 -20.83
C ASN A 245 -10.89 -1.24 -19.59
N ASN A 246 -9.68 -1.11 -19.05
CA ASN A 246 -9.31 -1.85 -17.85
C ASN A 246 -10.08 -1.33 -16.65
N ARG A 247 -10.53 -2.25 -15.80
CA ARG A 247 -11.34 -1.87 -14.64
C ARG A 247 -10.50 -1.17 -13.58
N TRP A 248 -9.24 -1.56 -13.42
CA TRP A 248 -8.37 -0.95 -12.43
C TRP A 248 -7.59 0.24 -12.97
N LEU A 249 -7.31 0.26 -14.27
CA LEU A 249 -6.59 1.36 -14.90
C LEU A 249 -7.51 2.38 -15.55
N ARG A 250 -8.76 2.46 -15.10
CA ARG A 250 -9.72 3.41 -15.64
C ARG A 250 -9.47 4.84 -15.16
N THR A 251 -8.58 5.03 -14.20
CA THR A 251 -8.27 6.37 -13.67
C THR A 251 -6.91 6.87 -14.13
N ILE A 252 -6.27 6.19 -15.06
CA ILE A 252 -4.95 6.57 -15.56
C ILE A 252 -5.05 6.82 -17.05
N SER A 253 -4.59 7.99 -17.48
CA SER A 253 -4.63 8.35 -18.89
C SER A 253 -3.54 7.61 -19.66
N VAL A 254 -3.81 7.40 -20.95
CA VAL A 254 -2.89 6.68 -21.84
C VAL A 254 -2.48 7.63 -22.96
N ILE A 255 -1.19 7.94 -23.02
CA ILE A 255 -0.65 8.80 -24.07
C ILE A 255 -0.29 7.94 -25.27
N LEU A 256 -0.67 8.40 -26.46
CA LEU A 256 -0.41 7.70 -27.70
C LEU A 256 0.57 8.50 -28.55
N PHE A 257 1.61 7.84 -29.04
CA PHE A 257 2.62 8.45 -29.90
C PHE A 257 2.65 7.71 -31.22
N LEU A 258 2.13 8.35 -32.27
CA LEU A 258 2.10 7.76 -33.61
C LEU A 258 3.49 7.86 -34.20
N ASN A 259 4.32 6.87 -33.90
CA ASN A 259 5.71 6.84 -34.33
C ASN A 259 5.81 6.44 -35.81
N LYS A 260 6.96 6.73 -36.39
CA LYS A 260 7.28 6.37 -37.78
C LYS A 260 6.28 7.01 -38.75
N GLN A 261 6.29 8.34 -38.77
CA GLN A 261 5.43 9.07 -39.69
C GLN A 261 6.03 9.12 -41.10
N ASP A 262 7.35 9.19 -41.21
CA ASP A 262 7.99 9.24 -42.52
C ASP A 262 7.82 7.92 -43.27
N LEU A 263 7.94 6.79 -42.57
CA LEU A 263 7.74 5.49 -43.20
C LEU A 263 6.29 5.35 -43.69
N LEU A 264 5.33 5.77 -42.87
CA LEU A 264 3.93 5.71 -43.28
C LEU A 264 3.68 6.61 -44.49
N ALA A 265 4.29 7.80 -44.51
CA ALA A 265 4.12 8.71 -45.64
C ALA A 265 4.69 8.10 -46.91
N GLU A 266 5.89 7.52 -46.82
CA GLU A 266 6.50 6.89 -47.99
C GLU A 266 5.67 5.71 -48.47
N LYS A 267 5.11 4.93 -47.54
CA LYS A 267 4.31 3.76 -47.93
C LYS A 267 3.00 4.18 -48.58
N VAL A 268 2.38 5.24 -48.08
CA VAL A 268 1.11 5.69 -48.66
C VAL A 268 1.33 6.46 -49.96
N LEU A 269 2.51 7.04 -50.18
CA LEU A 269 2.81 7.70 -51.44
C LEU A 269 3.34 6.76 -52.50
N ALA A 270 3.89 5.61 -52.10
CA ALA A 270 4.37 4.64 -53.08
C ALA A 270 3.22 4.03 -53.87
N GLY A 271 2.03 3.96 -53.29
CA GLY A 271 0.88 3.41 -53.97
C GLY A 271 0.80 1.91 -53.99
N LYS A 272 1.68 1.20 -53.27
CA LYS A 272 1.65 -0.26 -53.27
C LYS A 272 0.59 -0.78 -52.31
N SER A 273 0.53 -0.22 -51.10
CA SER A 273 -0.44 -0.63 -50.10
C SER A 273 -0.96 0.58 -49.35
N LYS A 274 -2.28 0.68 -49.22
CA LYS A 274 -2.93 1.79 -48.55
C LYS A 274 -3.90 1.24 -47.52
N ILE A 275 -4.62 2.16 -46.85
CA ILE A 275 -5.59 1.78 -45.82
C ILE A 275 -6.88 1.24 -46.40
N GLU A 276 -7.10 1.39 -47.71
CA GLU A 276 -8.34 0.91 -48.31
C GLU A 276 -8.45 -0.60 -48.25
N ASP A 277 -7.33 -1.31 -48.46
CA ASP A 277 -7.35 -2.77 -48.45
C ASP A 277 -7.50 -3.33 -47.04
N TYR A 278 -7.25 -2.53 -46.01
CA TYR A 278 -7.32 -2.99 -44.63
C TYR A 278 -8.54 -2.48 -43.87
N PHE A 279 -9.03 -1.28 -44.19
CA PHE A 279 -10.19 -0.71 -43.51
C PHE A 279 -11.16 -0.19 -44.56
N PRO A 280 -12.41 -0.65 -44.58
CA PRO A 280 -13.36 -0.14 -45.57
C PRO A 280 -13.87 1.26 -45.25
N GLU A 281 -13.92 1.62 -43.96
CA GLU A 281 -14.41 2.95 -43.58
C GLU A 281 -13.54 4.07 -44.16
N PHE A 282 -12.27 3.77 -44.47
CA PHE A 282 -11.42 4.76 -45.11
C PHE A 282 -11.96 5.21 -46.46
N ALA A 283 -12.83 4.41 -47.09
CA ALA A 283 -13.45 4.78 -48.34
C ALA A 283 -14.58 5.78 -48.16
N ARG A 284 -15.06 6.00 -46.93
CA ARG A 284 -16.15 6.92 -46.65
C ARG A 284 -15.76 7.96 -45.62
N TYR A 285 -14.47 8.30 -45.55
CA TYR A 285 -13.95 9.29 -44.61
C TYR A 285 -13.36 10.45 -45.39
N THR A 286 -13.64 11.67 -44.92
CA THR A 286 -13.15 12.88 -45.55
C THR A 286 -12.31 13.67 -44.56
N THR A 287 -11.47 14.55 -45.10
CA THR A 287 -10.62 15.38 -44.26
C THR A 287 -11.45 16.43 -43.53
N PRO A 288 -11.32 16.55 -42.22
CA PRO A 288 -12.09 17.56 -41.48
C PRO A 288 -11.68 18.97 -41.89
N GLU A 289 -12.61 19.90 -41.66
CA GLU A 289 -12.34 21.30 -42.00
C GLU A 289 -11.36 21.94 -41.04
N ASP A 290 -11.29 21.44 -39.80
CA ASP A 290 -10.40 21.99 -38.79
C ASP A 290 -8.99 21.39 -38.87
N GLY A 296 4.02 21.95 -46.38
CA GLY A 296 4.86 21.05 -47.14
C GLY A 296 4.54 19.57 -47.00
N GLU A 297 3.33 19.22 -46.59
CA GLU A 297 2.93 17.82 -46.40
C GLU A 297 1.90 17.44 -47.46
N ASP A 298 1.99 16.20 -47.92
CA ASP A 298 1.02 15.71 -48.90
C ASP A 298 -0.35 15.56 -48.24
N PRO A 299 -1.42 15.99 -48.91
CA PRO A 299 -2.75 15.87 -48.30
C PRO A 299 -3.16 14.43 -48.02
N ARG A 300 -2.63 13.46 -48.75
CA ARG A 300 -2.98 12.06 -48.50
C ARG A 300 -2.47 11.61 -47.13
N VAL A 301 -1.23 11.96 -46.80
CA VAL A 301 -0.68 11.59 -45.49
C VAL A 301 -1.46 12.27 -44.37
N THR A 302 -1.85 13.54 -44.58
CA THR A 302 -2.63 14.25 -43.57
C THR A 302 -3.99 13.59 -43.37
N ARG A 303 -4.66 13.23 -44.46
CA ARG A 303 -5.96 12.56 -44.33
C ARG A 303 -5.82 11.21 -43.65
N ALA A 304 -4.75 10.47 -43.97
CA ALA A 304 -4.54 9.17 -43.35
C ALA A 304 -4.30 9.30 -41.86
N LYS A 305 -3.43 10.23 -41.44
CA LYS A 305 -3.16 10.38 -40.02
C LYS A 305 -4.37 10.94 -39.28
N TYR A 306 -5.17 11.80 -39.91
CA TYR A 306 -6.38 12.29 -39.27
C TYR A 306 -7.41 11.18 -39.12
N PHE A 307 -7.52 10.29 -40.11
CA PHE A 307 -8.41 9.14 -39.97
C PHE A 307 -7.94 8.21 -38.86
N ILE A 308 -6.63 7.99 -38.75
CA ILE A 308 -6.10 7.14 -37.68
C ILE A 308 -6.39 7.77 -36.33
N ARG A 309 -6.19 9.08 -36.20
CA ARG A 309 -6.46 9.75 -34.94
C ARG A 309 -7.95 9.71 -34.60
N LYS A 310 -8.82 9.86 -35.60
CA LYS A 310 -10.26 9.79 -35.35
C LYS A 310 -10.67 8.39 -34.90
N GLU A 311 -10.09 7.35 -35.52
CA GLU A 311 -10.38 5.99 -35.09
C GLU A 311 -9.90 5.76 -33.65
N PHE A 312 -8.71 6.25 -33.32
CA PHE A 312 -8.21 6.10 -31.96
C PHE A 312 -9.10 6.82 -30.96
N VAL A 313 -9.57 8.02 -31.31
CA VAL A 313 -10.44 8.77 -30.41
C VAL A 313 -11.78 8.05 -30.23
N ASP A 314 -12.34 7.51 -31.32
CA ASP A 314 -13.60 6.77 -31.21
C ASP A 314 -13.45 5.49 -30.40
N ILE A 315 -12.28 4.86 -30.46
CA ILE A 315 -12.05 3.65 -29.67
C ILE A 315 -11.85 4.02 -28.19
N SER A 316 -11.16 5.13 -27.93
CA SER A 316 -10.85 5.51 -26.56
C SER A 316 -12.08 6.05 -25.82
N THR A 317 -12.85 6.91 -26.48
CA THR A 317 -14.02 7.52 -25.84
C THR A 317 -15.13 6.53 -25.56
N ALA A 318 -15.06 5.32 -26.11
CA ALA A 318 -16.08 4.30 -25.87
C ALA A 318 -16.03 3.87 -24.40
N SER A 319 -17.11 4.18 -23.66
CA SER A 319 -17.21 3.84 -22.24
C SER A 319 -16.07 4.45 -21.43
N GLY A 320 -15.73 5.71 -21.74
CA GLY A 320 -14.67 6.37 -21.02
C GLY A 320 -15.11 7.01 -19.72
N ASP A 321 -16.39 7.34 -19.60
CA ASP A 321 -17.03 7.93 -18.43
C ASP A 321 -16.53 9.33 -18.11
N GLY A 322 -15.64 9.90 -18.92
CA GLY A 322 -15.17 11.25 -18.72
C GLY A 322 -14.16 11.42 -17.61
N ARG A 323 -13.79 10.36 -16.90
CA ARG A 323 -12.83 10.48 -15.79
C ARG A 323 -11.38 10.51 -16.27
N HIS A 324 -11.11 10.03 -17.48
CA HIS A 324 -9.77 10.04 -18.03
C HIS A 324 -9.86 10.18 -19.55
N ILE A 325 -8.98 11.00 -20.11
CA ILE A 325 -8.96 11.28 -21.54
C ILE A 325 -7.62 10.87 -22.12
N CYS A 326 -7.62 10.61 -23.42
CA CYS A 326 -6.41 10.21 -24.13
C CYS A 326 -5.68 11.43 -24.68
N TYR A 327 -4.41 11.23 -25.03
CA TYR A 327 -3.56 12.28 -25.58
C TYR A 327 -2.80 11.74 -26.78
N PRO A 328 -3.31 11.94 -28.00
CA PRO A 328 -2.57 11.51 -29.19
C PRO A 328 -1.59 12.57 -29.67
N HIS A 329 -0.43 12.12 -30.11
CA HIS A 329 0.61 13.02 -30.61
C HIS A 329 1.37 12.35 -31.73
N PHE A 330 1.64 13.10 -32.79
CA PHE A 330 2.44 12.63 -33.91
C PHE A 330 3.92 12.84 -33.61
N THR A 331 4.73 11.82 -33.85
CA THR A 331 6.15 11.89 -33.58
C THR A 331 6.88 10.97 -34.54
N CYS A 332 8.21 10.99 -34.47
CA CYS A 332 9.07 10.16 -35.30
C CYS A 332 10.25 9.69 -34.44
N SER A 333 11.27 9.15 -35.09
CA SER A 333 12.45 8.63 -34.40
C SER A 333 13.65 9.57 -34.51
N VAL A 334 13.44 10.82 -34.90
CA VAL A 334 14.54 11.77 -35.06
C VAL A 334 14.21 13.07 -34.35
N ASP A 335 12.93 13.25 -33.98
CA ASP A 335 12.52 14.49 -33.33
C ASP A 335 13.02 14.53 -31.89
N THR A 336 13.29 15.75 -31.42
CA THR A 336 13.75 15.97 -30.06
C THR A 336 12.73 16.69 -29.18
N GLU A 337 11.62 17.16 -29.75
CA GLU A 337 10.60 17.87 -28.99
C GLU A 337 9.61 16.93 -28.30
N ASN A 338 9.91 15.63 -28.24
CA ASN A 338 9.01 14.70 -27.58
C ASN A 338 8.97 14.92 -26.07
N ALA A 339 10.09 15.34 -25.48
CA ALA A 339 10.13 15.59 -24.04
C ALA A 339 9.19 16.73 -23.66
N ARG A 340 9.12 17.77 -24.49
CA ARG A 340 8.21 18.88 -24.21
C ARG A 340 6.75 18.43 -24.26
N ARG A 341 6.41 17.58 -25.24
CA ARG A 341 5.04 17.08 -25.32
C ARG A 341 4.72 16.19 -24.13
N ILE A 342 5.66 15.34 -23.71
CA ILE A 342 5.44 14.50 -22.54
C ILE A 342 5.24 15.36 -21.30
N PHE A 343 6.04 16.42 -21.15
CA PHE A 343 5.90 17.30 -20.00
C PHE A 343 4.55 18.02 -20.01
N ASN A 344 4.12 18.49 -21.19
CA ASN A 344 2.82 19.14 -21.28
C ASN A 344 1.68 18.18 -20.96
N ASP A 345 1.78 16.93 -21.43
CA ASP A 345 0.75 15.95 -21.13
C ASP A 345 0.70 15.64 -19.64
N CYS A 346 1.87 15.49 -19.01
CA CYS A 346 1.90 15.24 -17.57
C CYS A 346 1.33 16.43 -16.79
N LYS A 347 1.64 17.65 -17.24
CA LYS A 347 1.09 18.84 -16.59
C LYS A 347 -0.43 18.87 -16.72
N ASP A 348 -0.96 18.55 -17.89
CA ASP A 348 -2.41 18.53 -18.07
C ASP A 348 -3.05 17.44 -17.22
N ILE A 349 -2.40 16.29 -17.11
CA ILE A 349 -2.93 15.21 -16.28
C ILE A 349 -2.96 15.62 -14.82
N ILE A 350 -1.90 16.26 -14.33
CA ILE A 350 -1.88 16.70 -12.94
C ILE A 350 -2.91 17.79 -12.71
N LEU A 351 -3.12 18.66 -13.69
CA LEU A 351 -4.14 19.69 -13.57
C LEU A 351 -5.54 19.08 -13.50
N GLN A 352 -5.81 18.07 -14.34
CA GLN A 352 -7.11 17.40 -14.29
C GLN A 352 -7.29 16.67 -12.97
N MET A 353 -6.22 16.08 -12.44
CA MET A 353 -6.31 15.40 -11.14
C MET A 353 -6.60 16.41 -10.03
N ASN A 354 -5.96 17.59 -10.08
CA ASN A 354 -6.23 18.61 -9.08
C ASN A 354 -7.66 19.12 -9.19
N LEU A 355 -8.17 19.26 -10.41
CA LEU A 355 -9.57 19.68 -10.59
C LEU A 355 -10.53 18.63 -10.05
N ARG A 356 -10.26 17.36 -10.32
CA ARG A 356 -11.10 16.30 -9.78
C ARG A 356 -11.04 16.24 -8.26
N GLU A 357 -9.88 16.53 -7.67
CA GLU A 357 -9.78 16.58 -6.22
C GLU A 357 -10.56 17.76 -5.66
N TYR A 358 -10.50 18.92 -6.32
CA TYR A 358 -11.24 20.09 -5.85
C TYR A 358 -12.74 19.91 -6.00
N ASN A 359 -13.17 19.13 -7.00
CA ASN A 359 -14.60 18.89 -7.21
C ASN A 359 -15.14 17.76 -6.35
N LEU A 360 -14.27 16.98 -5.71
CA LEU A 360 -14.69 15.86 -4.86
C LEU A 360 -15.55 14.86 -5.63
N VAL A 361 -15.06 14.48 -6.81
CA VAL A 361 -15.78 13.54 -7.67
C VAL A 361 -15.69 12.13 -7.10
N GLU B 6 1.70 -38.64 -35.97
CA GLU B 6 0.96 -39.41 -34.98
C GLU B 6 0.47 -38.52 -33.85
N LEU B 7 0.26 -37.24 -34.15
CA LEU B 7 -0.22 -36.31 -33.15
C LEU B 7 -1.67 -36.57 -32.79
N ASP B 8 -2.48 -36.95 -33.78
CA ASP B 8 -3.90 -37.22 -33.52
C ASP B 8 -4.07 -38.44 -32.62
N GLN B 9 -3.20 -39.44 -32.77
CA GLN B 9 -3.28 -40.62 -31.93
C GLN B 9 -2.98 -40.26 -30.47
N LEU B 10 -1.93 -39.47 -30.24
CA LEU B 10 -1.62 -39.05 -28.88
C LEU B 10 -2.73 -38.17 -28.32
N ARG B 11 -3.32 -37.32 -29.16
CA ARG B 11 -4.41 -36.45 -28.70
C ARG B 11 -5.62 -37.26 -28.26
N GLN B 12 -6.02 -38.24 -29.08
CA GLN B 12 -7.17 -39.06 -28.72
C GLN B 12 -6.87 -39.96 -27.52
N GLU B 13 -5.62 -40.42 -27.38
CA GLU B 13 -5.25 -41.20 -26.20
C GLU B 13 -5.33 -40.35 -24.94
N ALA B 14 -4.83 -39.11 -25.00
CA ALA B 14 -4.94 -38.22 -23.84
C ALA B 14 -6.40 -37.90 -23.53
N GLU B 15 -7.22 -37.72 -24.56
CA GLU B 15 -8.64 -37.46 -24.33
C GLU B 15 -9.32 -38.65 -23.69
N GLN B 16 -9.00 -39.86 -24.13
CA GLN B 16 -9.58 -41.06 -23.52
C GLN B 16 -9.13 -41.21 -22.08
N LEU B 17 -7.86 -40.92 -21.80
CA LEU B 17 -7.37 -41.00 -20.42
C LEU B 17 -8.07 -39.97 -19.54
N LYS B 18 -8.28 -38.76 -20.06
CA LYS B 18 -8.97 -37.74 -19.29
C LYS B 18 -10.42 -38.14 -19.02
N ASN B 19 -11.09 -38.71 -20.02
CA ASN B 19 -12.46 -39.17 -19.83
C ASN B 19 -12.52 -40.30 -18.81
N GLN B 20 -11.55 -41.22 -18.85
CA GLN B 20 -11.52 -42.30 -17.87
C GLN B 20 -11.29 -41.76 -16.47
N ILE B 21 -10.39 -40.79 -16.31
CA ILE B 21 -10.15 -40.19 -15.00
C ILE B 21 -11.40 -39.48 -14.51
N ARG B 22 -12.10 -38.77 -15.40
CA ARG B 22 -13.32 -38.10 -15.00
C ARG B 22 -14.41 -39.08 -14.57
N ASP B 23 -14.54 -40.19 -15.31
CA ASP B 23 -15.53 -41.19 -14.95
C ASP B 23 -15.19 -41.85 -13.61
N ALA B 24 -13.90 -42.13 -13.38
CA ALA B 24 -13.50 -42.72 -12.11
C ALA B 24 -13.70 -41.75 -10.94
N ARG B 25 -13.52 -40.46 -11.19
CA ARG B 25 -13.76 -39.47 -10.13
C ARG B 25 -15.25 -39.32 -9.86
N LYS B 26 -16.08 -39.36 -10.90
CA LYS B 26 -17.52 -39.24 -10.71
C LYS B 26 -18.10 -40.49 -10.06
N ALA B 27 -17.51 -41.66 -10.31
CA ALA B 27 -18.03 -42.89 -9.72
C ALA B 27 -17.83 -42.91 -8.20
N CYS B 28 -16.82 -42.19 -7.70
CA CYS B 28 -16.56 -42.14 -6.26
C CYS B 28 -17.39 -41.08 -5.55
N ALA B 29 -18.19 -40.30 -6.27
CA ALA B 29 -19.03 -39.27 -5.67
C ALA B 29 -20.29 -39.93 -5.10
N ASP B 30 -20.16 -40.45 -3.89
CA ASP B 30 -21.28 -41.10 -3.23
C ASP B 30 -22.32 -40.08 -2.77
N ALA B 31 -21.87 -39.00 -2.14
CA ALA B 31 -22.77 -37.96 -1.67
C ALA B 31 -22.02 -36.64 -1.64
N THR B 32 -22.78 -35.56 -1.52
CA THR B 32 -22.21 -34.21 -1.48
C THR B 32 -21.93 -33.79 -0.04
N LEU B 33 -21.07 -32.79 0.10
CA LEU B 33 -20.71 -32.30 1.44
C LEU B 33 -21.86 -31.53 2.07
N SER B 34 -22.73 -30.93 1.26
CA SER B 34 -23.83 -30.14 1.82
C SER B 34 -24.87 -31.02 2.49
N GLN B 35 -25.16 -32.19 1.91
CA GLN B 35 -26.16 -33.07 2.49
C GLN B 35 -25.70 -33.69 3.80
N ILE B 36 -24.39 -33.80 4.02
CA ILE B 36 -23.89 -34.40 5.25
C ILE B 36 -23.81 -33.39 6.39
N THR B 37 -23.56 -32.11 6.07
CA THR B 37 -23.39 -31.07 7.08
C THR B 37 -24.67 -30.31 7.36
N ASN B 38 -25.82 -30.98 7.25
CA ASN B 38 -27.10 -30.34 7.54
C ASN B 38 -27.50 -30.49 9.01
N ASN B 39 -27.06 -31.55 9.68
CA ASN B 39 -27.43 -31.77 11.06
C ASN B 39 -26.58 -30.96 12.04
N ILE B 40 -25.41 -30.49 11.61
CA ILE B 40 -24.54 -29.72 12.48
C ILE B 40 -25.10 -28.30 12.64
N ASP B 41 -24.89 -27.73 13.82
CA ASP B 41 -25.38 -26.39 14.10
C ASP B 41 -24.58 -25.37 13.29
N PRO B 42 -25.24 -24.29 12.84
CA PRO B 42 -24.53 -23.27 12.06
C PRO B 42 -23.56 -22.48 12.92
N VAL B 43 -22.62 -21.81 12.24
CA VAL B 43 -21.61 -21.03 12.93
C VAL B 43 -22.19 -19.74 13.47
N GLY B 44 -23.16 -19.15 12.78
CA GLY B 44 -23.75 -17.90 13.20
C GLY B 44 -22.95 -16.70 12.75
N ARG B 45 -23.50 -15.51 13.05
CA ARG B 45 -22.85 -14.25 12.67
C ARG B 45 -21.65 -14.01 13.56
N ILE B 46 -20.45 -14.21 13.01
CA ILE B 46 -19.20 -14.00 13.73
C ILE B 46 -18.74 -12.58 13.44
N GLN B 47 -18.98 -11.67 14.39
CA GLN B 47 -18.60 -10.28 14.24
C GLN B 47 -17.14 -10.09 14.70
N MET B 48 -16.38 -9.36 13.90
CA MET B 48 -14.98 -9.07 14.21
C MET B 48 -14.74 -7.58 14.21
N ARG B 49 -13.81 -7.14 15.05
CA ARG B 49 -13.47 -5.73 15.18
C ARG B 49 -11.96 -5.55 15.06
N THR B 50 -11.57 -4.41 14.50
CA THR B 50 -10.16 -4.08 14.33
C THR B 50 -9.58 -3.63 15.67
N ARG B 51 -8.63 -4.40 16.20
CA ARG B 51 -8.01 -4.07 17.48
C ARG B 51 -6.82 -3.13 17.31
N ARG B 52 -6.02 -3.33 16.27
CA ARG B 52 -4.86 -2.50 15.99
C ARG B 52 -4.89 -2.04 14.54
N THR B 53 -4.51 -0.78 14.32
CA THR B 53 -4.48 -0.19 12.98
C THR B 53 -3.05 0.25 12.68
N LEU B 54 -2.44 -0.38 11.68
CA LEU B 54 -1.06 -0.10 11.31
C LEU B 54 -1.02 0.92 10.19
N ARG B 55 -0.27 2.00 10.39
CA ARG B 55 -0.10 3.05 9.41
C ARG B 55 1.38 3.37 9.24
N GLY B 56 1.74 3.77 8.02
CA GLY B 56 3.13 4.10 7.72
C GLY B 56 3.56 3.68 6.34
N HIS B 57 2.72 2.89 5.66
CA HIS B 57 3.04 2.45 4.31
C HIS B 57 2.97 3.62 3.34
N LEU B 58 3.96 3.69 2.45
CA LEU B 58 4.04 4.76 1.47
C LEU B 58 3.36 4.42 0.15
N ALA B 59 3.04 3.15 -0.08
CA ALA B 59 2.40 2.72 -1.31
C ALA B 59 1.35 1.67 -0.95
N LYS B 60 0.84 0.98 -1.97
CA LYS B 60 -0.18 -0.03 -1.75
C LYS B 60 0.44 -1.28 -1.12
N ILE B 61 -0.23 -1.83 -0.12
CA ILE B 61 0.20 -3.06 0.51
C ILE B 61 -0.14 -4.23 -0.39
N TYR B 62 0.84 -5.08 -0.67
CA TYR B 62 0.67 -6.19 -1.60
C TYR B 62 0.72 -7.56 -0.93
N ALA B 63 1.64 -7.79 0.00
CA ALA B 63 1.80 -9.10 0.62
C ALA B 63 2.17 -8.95 2.08
N MET B 64 1.74 -9.92 2.88
CA MET B 64 2.08 -9.99 4.28
C MET B 64 2.21 -11.45 4.70
N HIS B 65 2.92 -11.67 5.79
CA HIS B 65 3.18 -13.03 6.26
C HIS B 65 3.49 -13.02 7.75
N TRP B 66 2.90 -13.96 8.47
CA TRP B 66 3.17 -14.16 9.89
C TRP B 66 4.24 -15.23 10.08
N GLY B 67 5.04 -15.06 11.13
CA GLY B 67 6.05 -16.03 11.48
C GLY B 67 5.49 -17.16 12.31
N THR B 68 6.39 -17.88 12.97
CA THR B 68 5.96 -18.97 13.86
C THR B 68 5.19 -18.42 15.05
N ASP B 69 5.59 -17.26 15.55
CA ASP B 69 4.88 -16.60 16.64
C ASP B 69 3.81 -15.66 16.08
N SER B 70 2.76 -15.46 16.87
CA SER B 70 1.65 -14.60 16.48
C SER B 70 1.89 -13.14 16.84
N ARG B 71 3.14 -12.74 17.03
CA ARG B 71 3.48 -11.38 17.41
C ARG B 71 4.11 -10.57 16.28
N LEU B 72 5.11 -11.11 15.61
CA LEU B 72 5.77 -10.41 14.51
C LEU B 72 5.02 -10.64 13.20
N LEU B 73 5.13 -9.66 12.30
CA LEU B 73 4.51 -9.73 10.99
C LEU B 73 5.43 -9.04 9.99
N VAL B 74 5.51 -9.58 8.77
CA VAL B 74 6.28 -8.95 7.71
C VAL B 74 5.32 -8.51 6.61
N SER B 75 5.57 -7.33 6.05
CA SER B 75 4.71 -6.79 5.00
C SER B 75 5.59 -6.15 3.93
N ALA B 76 5.09 -6.17 2.70
CA ALA B 76 5.79 -5.58 1.56
C ALA B 76 4.94 -4.47 0.97
N SER B 77 5.59 -3.38 0.56
CA SER B 77 4.91 -2.26 -0.08
C SER B 77 5.49 -2.04 -1.47
N GLN B 78 4.66 -1.56 -2.39
CA GLN B 78 5.04 -1.40 -3.79
C GLN B 78 6.03 -0.25 -4.02
N ASP B 79 6.53 0.41 -2.98
CA ASP B 79 7.58 1.41 -3.15
C ASP B 79 8.97 0.84 -2.88
N GLY B 80 9.08 -0.45 -2.57
CA GLY B 80 10.35 -1.07 -2.28
C GLY B 80 10.70 -1.05 -0.81
N LYS B 81 9.72 -1.37 0.04
CA LYS B 81 9.91 -1.34 1.49
C LYS B 81 9.34 -2.59 2.12
N LEU B 82 10.16 -3.28 2.91
CA LEU B 82 9.73 -4.39 3.73
C LEU B 82 9.65 -3.91 5.19
N ILE B 83 8.46 -4.00 5.77
CA ILE B 83 8.21 -3.48 7.11
C ILE B 83 7.94 -4.65 8.06
N ILE B 84 8.52 -4.57 9.25
CA ILE B 84 8.33 -5.57 10.29
C ILE B 84 7.42 -4.95 11.36
N TRP B 85 6.18 -5.40 11.40
CA TRP B 85 5.17 -4.88 12.32
C TRP B 85 5.07 -5.76 13.56
N ASP B 86 4.78 -5.11 14.68
CA ASP B 86 4.54 -5.77 15.96
C ASP B 86 3.06 -5.63 16.30
N SER B 87 2.36 -6.76 16.40
CA SER B 87 0.92 -6.74 16.62
C SER B 87 0.55 -6.31 18.03
N TYR B 88 1.49 -6.33 18.96
CA TYR B 88 1.21 -5.99 20.35
C TYR B 88 1.58 -4.56 20.72
N THR B 89 2.74 -4.08 20.26
CA THR B 89 3.19 -2.73 20.59
C THR B 89 2.90 -1.71 19.50
N THR B 90 2.41 -2.15 18.33
CA THR B 90 2.07 -1.28 17.21
C THR B 90 3.24 -0.42 16.75
N ASN B 91 4.47 -0.90 16.97
CA ASN B 91 5.67 -0.16 16.59
C ASN B 91 6.40 -0.91 15.48
N LYS B 92 7.12 -0.13 14.66
CA LYS B 92 7.90 -0.70 13.57
C LYS B 92 9.23 -1.23 14.10
N VAL B 93 9.56 -2.46 13.72
CA VAL B 93 10.78 -3.11 14.21
C VAL B 93 11.95 -2.89 13.25
N HIS B 94 11.74 -3.15 11.96
CA HIS B 94 12.77 -2.96 10.96
C HIS B 94 12.15 -2.37 9.69
N ALA B 95 13.02 -1.84 8.83
CA ALA B 95 12.61 -1.27 7.55
C ALA B 95 13.69 -1.59 6.54
N ILE B 96 13.38 -2.50 5.62
CA ILE B 96 14.33 -2.96 4.60
C ILE B 96 14.02 -2.24 3.30
N PRO B 97 14.93 -1.38 2.79
CA PRO B 97 14.71 -0.75 1.49
C PRO B 97 15.10 -1.71 0.36
N LEU B 98 14.19 -1.90 -0.58
CA LEU B 98 14.42 -2.80 -1.70
C LEU B 98 14.99 -2.05 -2.90
N ARG B 99 15.84 -2.75 -3.66
CA ARG B 99 16.42 -2.15 -4.86
C ARG B 99 15.38 -1.99 -5.96
N SER B 100 14.44 -2.94 -6.06
CA SER B 100 13.37 -2.88 -7.05
C SER B 100 12.05 -2.70 -6.31
N SER B 101 11.33 -1.63 -6.66
CA SER B 101 10.07 -1.33 -6.01
C SER B 101 8.91 -2.21 -6.47
N TRP B 102 9.09 -2.94 -7.57
CA TRP B 102 8.01 -3.77 -8.12
C TRP B 102 8.01 -5.16 -7.46
N VAL B 103 7.76 -5.15 -6.15
CA VAL B 103 7.68 -6.37 -5.36
C VAL B 103 6.23 -6.81 -5.29
N MET B 104 5.99 -8.12 -5.43
CA MET B 104 4.65 -8.67 -5.42
C MET B 104 4.42 -9.73 -4.35
N THR B 105 5.46 -10.15 -3.63
CA THR B 105 5.30 -11.17 -2.61
C THR B 105 6.41 -11.02 -1.57
N CYS B 106 6.17 -11.61 -0.40
CA CYS B 106 7.15 -11.61 0.67
C CYS B 106 7.05 -12.92 1.43
N ALA B 107 8.16 -13.33 2.04
CA ALA B 107 8.22 -14.57 2.78
C ALA B 107 8.95 -14.35 4.09
N TYR B 108 8.58 -15.14 5.10
CA TYR B 108 9.19 -15.07 6.42
C TYR B 108 9.63 -16.48 6.80
N ALA B 109 10.93 -16.67 7.03
CA ALA B 109 11.45 -17.96 7.40
C ALA B 109 10.94 -18.37 8.79
N PRO B 110 10.75 -19.67 9.02
CA PRO B 110 10.30 -20.11 10.35
C PRO B 110 11.32 -19.88 11.45
N SER B 111 12.60 -19.81 11.11
CA SER B 111 13.62 -19.51 12.12
C SER B 111 13.62 -18.04 12.52
N GLY B 112 12.98 -17.17 11.75
CA GLY B 112 12.96 -15.77 12.06
C GLY B 112 14.25 -15.04 11.77
N ASN B 113 15.06 -15.54 10.84
CA ASN B 113 16.34 -14.93 10.51
C ASN B 113 16.43 -14.38 9.11
N TYR B 114 15.66 -14.91 8.16
CA TYR B 114 15.72 -14.49 6.77
C TYR B 114 14.33 -14.12 6.28
N VAL B 115 14.30 -13.17 5.34
CA VAL B 115 13.06 -12.71 4.72
C VAL B 115 13.28 -12.59 3.22
N ALA B 116 12.37 -13.15 2.43
CA ALA B 116 12.49 -13.16 0.98
C ALA B 116 11.55 -12.17 0.34
N CYS B 117 11.90 -11.74 -0.87
CA CYS B 117 11.08 -10.82 -1.64
C CYS B 117 11.38 -11.01 -3.12
N GLY B 118 10.42 -10.62 -3.95
CA GLY B 118 10.58 -10.74 -5.40
C GLY B 118 9.38 -10.16 -6.10
N GLY B 119 9.43 -10.19 -7.42
CA GLY B 119 8.34 -9.67 -8.22
C GLY B 119 8.67 -9.50 -9.69
N LEU B 120 8.35 -8.33 -10.24
CA LEU B 120 8.57 -8.07 -11.65
C LEU B 120 10.04 -7.99 -12.03
N ASP B 121 10.94 -7.86 -11.06
CA ASP B 121 12.37 -7.79 -11.34
C ASP B 121 12.96 -9.14 -11.70
N ASN B 122 12.20 -10.23 -11.56
CA ASN B 122 12.64 -11.59 -11.86
C ASN B 122 13.86 -12.00 -11.03
N ILE B 123 14.08 -11.34 -9.90
CA ILE B 123 15.21 -11.63 -9.02
C ILE B 123 14.68 -11.79 -7.61
N CYS B 124 14.97 -12.92 -6.99
CA CYS B 124 14.55 -13.19 -5.62
C CYS B 124 15.65 -12.78 -4.66
N SER B 125 15.33 -11.85 -3.76
CA SER B 125 16.29 -11.32 -2.80
C SER B 125 15.90 -11.79 -1.40
N ILE B 126 16.82 -12.47 -0.73
CA ILE B 126 16.64 -12.93 0.64
C ILE B 126 17.63 -12.15 1.51
N TYR B 127 17.10 -11.46 2.53
CA TYR B 127 17.90 -10.65 3.43
C TYR B 127 17.90 -11.28 4.82
N ASN B 128 19.04 -11.17 5.51
CA ASN B 128 19.19 -11.71 6.85
C ASN B 128 18.81 -10.65 7.88
N LEU B 129 17.97 -11.04 8.84
CA LEU B 129 17.54 -10.12 9.89
C LEU B 129 18.42 -10.16 11.12
N LYS B 130 19.19 -11.23 11.31
CA LYS B 130 20.06 -11.39 12.47
C LYS B 130 21.51 -11.06 12.15
N THR B 131 21.74 -10.08 11.27
CA THR B 131 23.09 -9.68 10.92
C THR B 131 23.80 -9.07 12.13
N ARG B 132 25.05 -9.50 12.34
CA ARG B 132 25.82 -9.00 13.48
C ARG B 132 26.10 -7.50 13.35
N GLU B 133 26.21 -7.01 12.12
CA GLU B 133 26.47 -5.58 11.91
C GLU B 133 25.27 -4.70 12.21
N GLY B 134 24.11 -5.29 12.44
CA GLY B 134 22.90 -4.52 12.76
C GLY B 134 22.08 -4.07 11.58
N ASN B 135 22.73 -3.53 10.55
CA ASN B 135 22.03 -3.07 9.36
C ASN B 135 21.64 -4.25 8.48
N VAL B 136 20.68 -3.99 7.59
CA VAL B 136 20.21 -5.02 6.66
C VAL B 136 21.19 -5.15 5.51
N ARG B 137 21.61 -6.38 5.24
CA ARG B 137 22.57 -6.67 4.18
C ARG B 137 21.96 -7.67 3.21
N VAL B 138 22.28 -7.51 1.92
CA VAL B 138 21.77 -8.41 0.89
C VAL B 138 22.45 -9.77 1.09
N SER B 139 21.69 -10.76 1.55
CA SER B 139 22.26 -12.07 1.83
C SER B 139 22.37 -12.90 0.55
N ARG B 140 21.24 -13.14 -0.12
CA ARG B 140 21.24 -13.98 -1.33
C ARG B 140 20.33 -13.34 -2.37
N GLU B 141 20.92 -12.81 -3.44
CA GLU B 141 20.17 -12.23 -4.55
C GLU B 141 20.30 -13.16 -5.75
N LEU B 142 19.35 -14.09 -5.87
CA LEU B 142 19.40 -15.11 -6.91
C LEU B 142 18.49 -14.76 -8.07
N ALA B 143 18.87 -15.19 -9.27
CA ALA B 143 18.11 -14.95 -10.48
C ALA B 143 18.18 -16.19 -11.36
N GLY B 144 17.48 -16.14 -12.49
CA GLY B 144 17.46 -17.25 -13.42
C GLY B 144 16.11 -17.48 -14.06
N HIS B 145 15.06 -16.96 -13.45
CA HIS B 145 13.72 -17.11 -13.99
C HIS B 145 13.44 -16.04 -15.03
N THR B 146 12.70 -16.41 -16.08
CA THR B 146 12.32 -15.51 -17.15
C THR B 146 10.88 -15.01 -16.99
N GLY B 147 10.42 -14.84 -15.76
CA GLY B 147 9.08 -14.37 -15.51
C GLY B 147 8.99 -13.71 -14.15
N TYR B 148 7.89 -12.98 -13.95
CA TYR B 148 7.69 -12.28 -12.69
C TYR B 148 7.39 -13.24 -11.56
N LEU B 149 7.95 -12.95 -10.38
CA LEU B 149 7.73 -13.78 -9.21
C LEU B 149 6.39 -13.46 -8.58
N SER B 150 5.59 -14.50 -8.34
CA SER B 150 4.25 -14.34 -7.78
C SER B 150 4.19 -14.67 -6.30
N CYS B 151 4.89 -15.70 -5.85
CA CYS B 151 4.86 -16.09 -4.45
C CYS B 151 6.14 -16.82 -4.10
N CYS B 152 6.54 -16.70 -2.83
CA CYS B 152 7.74 -17.35 -2.32
C CYS B 152 7.49 -17.83 -0.90
N ARG B 153 7.98 -19.02 -0.57
CA ARG B 153 7.80 -19.60 0.75
C ARG B 153 9.08 -20.31 1.18
N PHE B 154 9.20 -20.52 2.48
CA PHE B 154 10.36 -21.20 3.06
C PHE B 154 9.92 -22.54 3.65
N LEU B 155 10.66 -23.59 3.32
CA LEU B 155 10.44 -24.89 3.94
C LEU B 155 11.33 -25.10 5.16
N ASP B 156 12.53 -24.53 5.16
CA ASP B 156 13.45 -24.62 6.28
C ASP B 156 14.46 -23.48 6.15
N ASP B 157 15.52 -23.53 6.95
CA ASP B 157 16.55 -22.50 6.94
C ASP B 157 17.57 -22.69 5.82
N ASN B 158 17.31 -23.59 4.88
CA ASN B 158 18.25 -23.85 3.79
C ASN B 158 17.60 -23.89 2.40
N GLN B 159 16.31 -24.16 2.30
CA GLN B 159 15.62 -24.26 1.03
C GLN B 159 14.50 -23.23 0.95
N ILE B 160 14.15 -22.86 -0.28
CA ILE B 160 13.10 -21.87 -0.52
C ILE B 160 12.40 -22.21 -1.83
N VAL B 161 11.07 -22.24 -1.79
CA VAL B 161 10.26 -22.49 -2.99
C VAL B 161 9.81 -21.15 -3.56
N THR B 162 9.96 -20.98 -4.87
CA THR B 162 9.62 -19.74 -5.55
C THR B 162 8.76 -20.05 -6.77
N SER B 163 7.78 -19.19 -7.02
CA SER B 163 6.92 -19.30 -8.18
C SER B 163 7.19 -18.14 -9.13
N SER B 164 7.21 -18.43 -10.43
CA SER B 164 7.51 -17.44 -11.45
C SER B 164 6.44 -17.45 -12.52
N GLY B 165 6.34 -16.34 -13.25
CA GLY B 165 5.38 -16.23 -14.33
C GLY B 165 5.75 -16.93 -15.62
N ASP B 166 6.94 -17.52 -15.68
CA ASP B 166 7.40 -18.25 -16.85
C ASP B 166 6.98 -19.70 -16.85
N THR B 167 5.95 -20.06 -16.06
CA THR B 167 5.41 -21.41 -15.98
C THR B 167 6.45 -22.45 -15.60
N THR B 168 7.46 -22.06 -14.82
CA THR B 168 8.50 -22.97 -14.37
C THR B 168 8.88 -22.60 -12.94
N CYS B 169 8.80 -23.58 -12.04
CA CYS B 169 9.15 -23.39 -10.65
C CYS B 169 10.35 -24.26 -10.30
N ALA B 170 11.04 -23.88 -9.22
CA ALA B 170 12.22 -24.62 -8.79
C ALA B 170 12.47 -24.32 -7.32
N LEU B 171 13.15 -25.26 -6.64
CA LEU B 171 13.49 -25.14 -5.24
C LEU B 171 14.94 -24.65 -5.14
N TRP B 172 15.11 -23.44 -4.61
CA TRP B 172 16.43 -22.84 -4.50
C TRP B 172 17.05 -23.14 -3.15
N ASP B 173 18.38 -23.22 -3.13
CA ASP B 173 19.16 -23.46 -1.93
C ASP B 173 19.85 -22.17 -1.51
N ILE B 174 19.65 -21.77 -0.25
CA ILE B 174 20.26 -20.54 0.23
C ILE B 174 21.77 -20.66 0.31
N GLU B 175 22.29 -21.87 0.48
CA GLU B 175 23.73 -22.05 0.65
C GLU B 175 24.48 -21.80 -0.65
N THR B 176 23.95 -22.28 -1.78
CA THR B 176 24.63 -22.17 -3.06
C THR B 176 23.93 -21.26 -4.05
N GLY B 177 22.62 -21.03 -3.91
CA GLY B 177 21.90 -20.18 -4.84
C GLY B 177 21.67 -20.81 -6.20
N GLN B 178 21.35 -22.11 -6.22
CA GLN B 178 21.09 -22.83 -7.46
C GLN B 178 19.81 -23.65 -7.32
N GLN B 179 19.24 -23.99 -8.48
CA GLN B 179 18.00 -24.77 -8.51
C GLN B 179 18.31 -26.21 -8.08
N THR B 180 17.82 -26.59 -6.90
CA THR B 180 18.04 -27.96 -6.42
C THR B 180 17.14 -28.95 -7.15
N THR B 181 15.83 -28.72 -7.12
CA THR B 181 14.86 -29.56 -7.78
C THR B 181 13.96 -28.69 -8.65
N THR B 182 13.85 -29.05 -9.93
CA THR B 182 13.01 -28.32 -10.88
C THR B 182 11.81 -29.17 -11.27
N PHE B 183 10.74 -28.51 -11.69
CA PHE B 183 9.51 -29.15 -12.08
C PHE B 183 9.20 -28.86 -13.55
N THR B 184 8.27 -29.65 -14.10
CA THR B 184 7.88 -29.46 -15.49
C THR B 184 7.15 -28.13 -15.67
N GLY B 185 6.25 -27.79 -14.76
CA GLY B 185 5.53 -26.54 -14.81
C GLY B 185 4.08 -26.75 -15.22
N HIS B 186 3.28 -25.71 -14.98
CA HIS B 186 1.87 -25.72 -15.32
C HIS B 186 1.69 -25.26 -16.77
N THR B 187 0.44 -25.08 -17.19
CA THR B 187 0.12 -24.52 -18.49
C THR B 187 -0.23 -23.04 -18.42
N GLY B 188 0.01 -22.40 -17.27
CA GLY B 188 -0.26 -20.99 -17.11
C GLY B 188 0.63 -20.42 -16.02
N ASP B 189 0.56 -19.10 -15.88
CA ASP B 189 1.38 -18.41 -14.88
C ASP B 189 0.88 -18.71 -13.48
N VAL B 190 1.78 -19.18 -12.62
CA VAL B 190 1.45 -19.47 -11.23
C VAL B 190 1.12 -18.17 -10.51
N MET B 191 0.07 -18.20 -9.70
CA MET B 191 -0.39 -17.00 -8.98
C MET B 191 0.03 -16.97 -7.52
N SER B 192 -0.05 -18.10 -6.82
CA SER B 192 0.33 -18.14 -5.41
C SER B 192 0.67 -19.57 -5.04
N LEU B 193 1.28 -19.72 -3.87
CA LEU B 193 1.70 -21.03 -3.36
C LEU B 193 1.18 -21.22 -1.95
N SER B 194 1.19 -22.48 -1.50
CA SER B 194 0.75 -22.82 -0.15
C SER B 194 1.41 -24.13 0.26
N LEU B 195 2.23 -24.09 1.29
CA LEU B 195 2.95 -25.26 1.75
C LEU B 195 2.12 -26.04 2.76
N ALA B 196 2.20 -27.36 2.68
CA ALA B 196 1.50 -28.24 3.62
C ALA B 196 2.27 -28.33 4.93
N PRO B 197 1.57 -28.62 6.03
CA PRO B 197 2.26 -28.66 7.33
C PRO B 197 3.29 -29.77 7.44
N ASP B 198 3.14 -30.87 6.69
CA ASP B 198 4.10 -31.97 6.76
C ASP B 198 5.37 -31.70 5.97
N THR B 199 5.42 -30.60 5.21
CA THR B 199 6.62 -30.21 4.45
C THR B 199 7.04 -31.29 3.46
N ARG B 200 6.08 -32.02 2.91
CA ARG B 200 6.34 -33.05 1.91
C ARG B 200 5.70 -32.78 0.56
N LEU B 201 4.49 -32.23 0.54
CA LEU B 201 3.79 -31.91 -0.70
C LEU B 201 3.36 -30.45 -0.65
N PHE B 202 3.06 -29.90 -1.83
CA PHE B 202 2.56 -28.54 -1.90
C PHE B 202 1.74 -28.37 -3.17
N VAL B 203 0.62 -27.68 -3.05
CA VAL B 203 -0.29 -27.45 -4.18
C VAL B 203 -0.01 -26.07 -4.75
N SER B 204 0.07 -25.99 -6.08
CA SER B 204 0.35 -24.75 -6.78
C SER B 204 -0.77 -24.47 -7.78
N GLY B 205 -1.20 -23.22 -7.82
CA GLY B 205 -2.29 -22.80 -8.70
C GLY B 205 -1.82 -21.79 -9.72
N ALA B 206 -2.26 -21.98 -10.96
CA ALA B 206 -1.90 -21.11 -12.08
C ALA B 206 -3.16 -20.48 -12.66
N CYS B 207 -2.98 -19.73 -13.74
CA CYS B 207 -4.09 -19.04 -14.40
C CYS B 207 -4.91 -19.95 -15.30
N ASP B 208 -4.53 -21.22 -15.43
CA ASP B 208 -5.22 -22.17 -16.30
C ASP B 208 -6.40 -22.85 -15.61
N ALA B 209 -6.90 -22.27 -14.52
CA ALA B 209 -8.03 -22.84 -13.76
C ALA B 209 -7.72 -24.26 -13.29
N SER B 210 -6.48 -24.49 -12.91
CA SER B 210 -6.03 -25.81 -12.48
C SER B 210 -5.02 -25.67 -11.34
N ALA B 211 -5.05 -26.65 -10.44
CA ALA B 211 -4.12 -26.70 -9.32
C ALA B 211 -3.44 -28.06 -9.31
N LYS B 212 -2.11 -28.06 -9.20
CA LYS B 212 -1.32 -29.28 -9.27
C LYS B 212 -0.57 -29.48 -7.95
N LEU B 213 -0.59 -30.73 -7.47
CA LEU B 213 0.07 -31.09 -6.22
C LEU B 213 1.45 -31.68 -6.55
N TRP B 214 2.50 -30.94 -6.20
CA TRP B 214 3.87 -31.37 -6.45
C TRP B 214 4.52 -31.85 -5.15
N ASP B 215 5.57 -32.64 -5.32
CA ASP B 215 6.36 -33.17 -4.20
C ASP B 215 7.68 -32.43 -4.10
N VAL B 216 8.19 -32.32 -2.87
CA VAL B 216 9.44 -31.60 -2.64
C VAL B 216 10.61 -32.42 -3.17
N ARG B 217 10.68 -33.70 -2.80
CA ARG B 217 11.79 -34.54 -3.23
C ARG B 217 11.64 -34.94 -4.70
N GLU B 218 10.52 -35.54 -5.07
CA GLU B 218 10.27 -35.98 -6.43
C GLU B 218 9.69 -34.82 -7.24
N GLY B 219 10.41 -34.41 -8.27
CA GLY B 219 9.96 -33.31 -9.12
C GLY B 219 8.87 -33.72 -10.09
N MET B 220 7.70 -34.06 -9.57
CA MET B 220 6.57 -34.46 -10.40
C MET B 220 5.27 -34.12 -9.69
N CYS B 221 4.19 -34.08 -10.45
CA CYS B 221 2.86 -33.77 -9.93
C CYS B 221 2.10 -35.06 -9.66
N ARG B 222 1.37 -35.09 -8.55
CA ARG B 222 0.61 -36.26 -8.14
C ARG B 222 -0.88 -36.13 -8.47
N GLN B 223 -1.47 -34.97 -8.19
CA GLN B 223 -2.89 -34.74 -8.45
C GLN B 223 -3.07 -33.43 -9.19
N THR B 224 -4.12 -33.37 -9.99
CA THR B 224 -4.44 -32.18 -10.79
C THR B 224 -5.93 -31.93 -10.72
N PHE B 225 -6.30 -30.68 -10.43
CA PHE B 225 -7.69 -30.27 -10.32
C PHE B 225 -7.99 -29.21 -11.37
N THR B 226 -9.01 -29.45 -12.19
CA THR B 226 -9.42 -28.54 -13.25
C THR B 226 -10.91 -28.21 -13.11
N GLY B 227 -11.34 -27.93 -11.89
CA GLY B 227 -12.74 -27.64 -11.62
C GLY B 227 -13.13 -26.19 -11.72
N HIS B 228 -12.16 -25.27 -11.75
CA HIS B 228 -12.47 -23.85 -11.79
C HIS B 228 -12.94 -23.44 -13.20
N GLU B 229 -13.41 -22.20 -13.29
CA GLU B 229 -13.90 -21.65 -14.54
C GLU B 229 -13.15 -20.41 -14.98
N SER B 230 -12.23 -19.90 -14.18
CA SER B 230 -11.46 -18.71 -14.52
C SER B 230 -10.10 -18.80 -13.84
N ASP B 231 -9.36 -17.69 -13.86
CA ASP B 231 -8.02 -17.68 -13.29
C ASP B 231 -8.08 -17.84 -11.76
N ILE B 232 -7.31 -18.78 -11.25
CA ILE B 232 -7.23 -19.01 -9.80
C ILE B 232 -6.30 -17.97 -9.20
N ASN B 233 -6.84 -17.07 -8.39
CA ASN B 233 -6.07 -15.98 -7.81
C ASN B 233 -5.73 -16.17 -6.35
N ALA B 234 -6.27 -17.20 -5.69
CA ALA B 234 -6.00 -17.46 -4.28
C ALA B 234 -5.89 -18.96 -4.06
N ILE B 235 -5.10 -19.34 -3.07
CA ILE B 235 -4.89 -20.75 -2.74
C ILE B 235 -4.36 -20.82 -1.32
N CYS B 236 -4.89 -21.79 -0.55
CA CYS B 236 -4.45 -22.00 0.82
C CYS B 236 -4.81 -23.42 1.23
N PHE B 237 -3.86 -24.09 1.88
CA PHE B 237 -4.04 -25.48 2.29
C PHE B 237 -4.71 -25.55 3.66
N PHE B 238 -5.45 -26.64 3.87
CA PHE B 238 -6.10 -26.85 5.14
C PHE B 238 -5.07 -27.16 6.22
N PRO B 239 -5.32 -26.79 7.48
CA PRO B 239 -4.35 -27.05 8.54
C PRO B 239 -3.99 -28.53 8.69
N ASN B 240 -4.88 -29.45 8.31
CA ASN B 240 -4.57 -30.86 8.40
C ASN B 240 -3.79 -31.38 7.19
N GLY B 241 -3.69 -30.60 6.13
CA GLY B 241 -2.95 -31.02 4.96
C GLY B 241 -3.68 -31.98 4.04
N ASN B 242 -5.01 -32.11 4.19
CA ASN B 242 -5.78 -33.02 3.38
C ASN B 242 -6.61 -32.33 2.30
N ALA B 243 -6.91 -31.04 2.46
CA ALA B 243 -7.71 -30.30 1.50
C ALA B 243 -7.13 -28.92 1.32
N PHE B 244 -7.71 -28.17 0.38
CA PHE B 244 -7.28 -26.81 0.11
C PHE B 244 -8.37 -26.08 -0.66
N ALA B 245 -8.59 -24.82 -0.33
CA ALA B 245 -9.58 -23.99 -0.99
C ALA B 245 -8.89 -22.99 -1.91
N THR B 246 -9.44 -22.82 -3.11
CA THR B 246 -8.89 -21.89 -4.10
C THR B 246 -10.00 -21.00 -4.62
N GLY B 247 -9.71 -19.71 -4.73
CA GLY B 247 -10.67 -18.74 -5.23
C GLY B 247 -10.32 -18.31 -6.65
N SER B 248 -11.34 -18.06 -7.45
CA SER B 248 -11.18 -17.66 -8.84
C SER B 248 -11.72 -16.25 -9.04
N ASP B 249 -11.53 -15.74 -10.26
CA ASP B 249 -12.00 -14.40 -10.61
C ASP B 249 -13.51 -14.35 -10.84
N ASP B 250 -14.17 -15.50 -10.93
CA ASP B 250 -15.61 -15.57 -11.13
C ASP B 250 -16.39 -15.54 -9.82
N ALA B 251 -15.80 -15.00 -8.76
CA ALA B 251 -16.44 -14.91 -7.44
C ALA B 251 -16.84 -16.29 -6.92
N THR B 252 -16.00 -17.28 -7.19
CA THR B 252 -16.28 -18.66 -6.79
C THR B 252 -15.05 -19.25 -6.11
N CYS B 253 -15.26 -19.88 -4.96
CA CYS B 253 -14.21 -20.61 -4.25
C CYS B 253 -14.55 -22.09 -4.26
N ARG B 254 -13.54 -22.92 -4.50
CA ARG B 254 -13.72 -24.37 -4.58
C ARG B 254 -12.78 -25.05 -3.62
N LEU B 255 -13.31 -26.01 -2.85
CA LEU B 255 -12.53 -26.78 -1.88
C LEU B 255 -12.23 -28.15 -2.46
N PHE B 256 -10.97 -28.40 -2.79
CA PHE B 256 -10.54 -29.68 -3.33
C PHE B 256 -9.80 -30.46 -2.25
N ASP B 257 -10.18 -31.73 -2.07
CA ASP B 257 -9.56 -32.60 -1.09
C ASP B 257 -8.50 -33.46 -1.75
N LEU B 258 -7.32 -33.55 -1.12
CA LEU B 258 -6.25 -34.35 -1.69
C LEU B 258 -6.54 -35.83 -1.58
N ARG B 259 -7.14 -36.26 -0.46
CA ARG B 259 -7.45 -37.68 -0.29
C ARG B 259 -8.61 -38.11 -1.19
N ALA B 260 -9.54 -37.20 -1.48
CA ALA B 260 -10.67 -37.52 -2.35
C ALA B 260 -10.40 -37.21 -3.81
N ASP B 261 -9.50 -36.26 -4.10
CA ASP B 261 -9.14 -35.88 -5.46
C ASP B 261 -10.38 -35.44 -6.25
N GLN B 262 -11.18 -34.58 -5.63
CA GLN B 262 -12.40 -34.07 -6.25
C GLN B 262 -12.90 -32.87 -5.45
N GLU B 263 -13.74 -32.06 -6.09
CA GLU B 263 -14.29 -30.89 -5.44
C GLU B 263 -15.33 -31.27 -4.40
N LEU B 264 -15.30 -30.59 -3.26
CA LEU B 264 -16.22 -30.85 -2.15
C LEU B 264 -17.23 -29.75 -1.97
N MET B 265 -16.80 -28.50 -1.84
CA MET B 265 -17.69 -27.39 -1.57
C MET B 265 -17.39 -26.24 -2.53
N THR B 266 -18.45 -25.56 -2.98
CA THR B 266 -18.37 -24.44 -3.90
C THR B 266 -19.05 -23.24 -3.25
N TYR B 267 -18.24 -22.31 -2.75
CA TYR B 267 -18.73 -21.07 -2.16
C TYR B 267 -18.95 -20.04 -3.26
N SER B 268 -20.18 -19.55 -3.38
CA SER B 268 -20.52 -18.55 -4.38
C SER B 268 -21.79 -17.83 -3.94
N HIS B 269 -22.03 -16.68 -4.54
CA HIS B 269 -23.20 -15.87 -4.22
C HIS B 269 -23.63 -15.09 -5.46
N ASP B 270 -24.93 -14.84 -5.56
CA ASP B 270 -25.45 -14.13 -6.71
C ASP B 270 -25.07 -12.65 -6.69
N ASN B 271 -25.18 -12.01 -5.53
CA ASN B 271 -24.87 -10.59 -5.41
C ASN B 271 -23.38 -10.31 -5.42
N ILE B 272 -22.53 -11.33 -5.30
CA ILE B 272 -21.08 -11.17 -5.31
C ILE B 272 -20.59 -11.41 -6.73
N ILE B 273 -19.94 -10.41 -7.32
CA ILE B 273 -19.41 -10.50 -8.67
C ILE B 273 -17.91 -10.29 -8.74
N CYS B 274 -17.29 -9.76 -7.69
CA CYS B 274 -15.86 -9.53 -7.68
C CYS B 274 -15.11 -10.81 -7.36
N GLY B 275 -13.93 -10.96 -7.95
CA GLY B 275 -13.13 -12.15 -7.76
C GLY B 275 -12.46 -12.19 -6.41
N ILE B 276 -11.94 -13.37 -6.08
CA ILE B 276 -11.25 -13.60 -4.82
C ILE B 276 -9.78 -13.27 -5.00
N THR B 277 -9.21 -12.53 -4.04
CA THR B 277 -7.81 -12.13 -4.10
C THR B 277 -6.91 -12.95 -3.18
N SER B 278 -7.38 -13.28 -1.98
CA SER B 278 -6.58 -14.02 -1.02
C SER B 278 -7.48 -14.87 -0.15
N VAL B 279 -6.99 -16.05 0.23
CA VAL B 279 -7.71 -16.99 1.07
C VAL B 279 -6.76 -17.49 2.15
N SER B 280 -7.25 -17.54 3.39
CA SER B 280 -6.48 -18.05 4.51
C SER B 280 -7.42 -18.77 5.47
N PHE B 281 -6.88 -19.80 6.13
CA PHE B 281 -7.63 -20.60 7.08
C PHE B 281 -7.22 -20.27 8.51
N SER B 282 -8.14 -20.50 9.44
CA SER B 282 -7.88 -20.30 10.86
C SER B 282 -7.18 -21.53 11.42
N LYS B 283 -7.06 -21.59 12.75
CA LYS B 283 -6.42 -22.73 13.38
C LYS B 283 -7.28 -23.98 13.30
N SER B 284 -8.60 -23.83 13.37
CA SER B 284 -9.51 -24.97 13.28
C SER B 284 -9.96 -25.25 11.85
N GLY B 285 -10.11 -24.22 11.03
CA GLY B 285 -10.52 -24.38 9.65
C GLY B 285 -11.99 -24.15 9.38
N ARG B 286 -12.79 -23.86 10.41
CA ARG B 286 -14.22 -23.63 10.19
C ARG B 286 -14.48 -22.31 9.47
N LEU B 287 -13.73 -21.27 9.83
CA LEU B 287 -13.92 -19.94 9.26
C LEU B 287 -12.93 -19.74 8.11
N LEU B 288 -13.46 -19.40 6.93
CA LEU B 288 -12.64 -19.12 5.75
C LEU B 288 -12.84 -17.66 5.38
N LEU B 289 -11.76 -16.89 5.42
CA LEU B 289 -11.80 -15.46 5.10
C LEU B 289 -11.38 -15.27 3.66
N ALA B 290 -12.22 -14.60 2.87
CA ALA B 290 -11.97 -14.36 1.46
C ALA B 290 -12.10 -12.87 1.18
N GLY B 291 -11.06 -12.29 0.56
CA GLY B 291 -11.09 -10.89 0.18
C GLY B 291 -11.56 -10.73 -1.26
N TYR B 292 -12.45 -9.77 -1.47
CA TYR B 292 -13.02 -9.50 -2.78
C TYR B 292 -12.68 -8.09 -3.21
N ASP B 293 -12.85 -7.82 -4.51
CA ASP B 293 -12.63 -6.50 -5.07
C ASP B 293 -13.77 -5.54 -4.79
N ASP B 294 -14.79 -5.97 -4.04
CA ASP B 294 -15.92 -5.13 -3.69
C ASP B 294 -15.67 -4.34 -2.40
N PHE B 295 -14.40 -4.11 -2.05
CA PHE B 295 -14.00 -3.33 -0.88
C PHE B 295 -14.44 -3.98 0.43
N ASN B 296 -14.74 -5.27 0.41
CA ASN B 296 -15.21 -5.98 1.60
C ASN B 296 -14.60 -7.38 1.64
N CYS B 297 -14.52 -7.93 2.84
CA CYS B 297 -14.07 -9.29 3.06
C CYS B 297 -15.22 -10.11 3.64
N ASN B 298 -15.25 -11.40 3.32
CA ASN B 298 -16.35 -12.26 3.73
C ASN B 298 -15.82 -13.50 4.45
N VAL B 299 -16.49 -13.88 5.53
CA VAL B 299 -16.16 -15.07 6.31
C VAL B 299 -17.23 -16.12 6.02
N TRP B 300 -16.79 -17.30 5.58
CA TRP B 300 -17.70 -18.39 5.25
C TRP B 300 -17.41 -19.59 6.14
N ASP B 301 -18.41 -20.47 6.25
CA ASP B 301 -18.28 -21.70 7.02
C ASP B 301 -17.78 -22.82 6.12
N ALA B 302 -16.83 -23.60 6.62
CA ALA B 302 -16.28 -24.69 5.85
C ALA B 302 -17.27 -25.83 5.63
N LEU B 303 -18.26 -25.96 6.52
CA LEU B 303 -19.26 -27.03 6.42
C LEU B 303 -20.64 -26.53 6.03
N LYS B 304 -21.07 -25.39 6.55
CA LYS B 304 -22.40 -24.86 6.24
C LYS B 304 -22.41 -24.01 4.97
N ALA B 305 -21.25 -23.54 4.52
CA ALA B 305 -21.12 -22.71 3.32
C ALA B 305 -21.98 -21.45 3.39
N ASP B 306 -22.16 -20.92 4.61
CA ASP B 306 -22.95 -19.72 4.83
C ASP B 306 -22.04 -18.57 5.26
N ARG B 307 -22.49 -17.35 4.97
CA ARG B 307 -21.72 -16.16 5.33
C ARG B 307 -21.73 -15.98 6.84
N ALA B 308 -20.54 -15.90 7.44
CA ALA B 308 -20.41 -15.75 8.88
C ALA B 308 -20.12 -14.33 9.33
N GLY B 309 -19.67 -13.45 8.43
CA GLY B 309 -19.38 -12.09 8.80
C GLY B 309 -18.84 -11.32 7.62
N VAL B 310 -19.00 -9.99 7.70
CA VAL B 310 -18.54 -9.08 6.67
C VAL B 310 -17.54 -8.10 7.29
N LEU B 311 -16.55 -7.71 6.50
CA LEU B 311 -15.51 -6.77 6.94
C LEU B 311 -15.47 -5.63 5.94
N ALA B 312 -15.88 -4.45 6.38
CA ALA B 312 -15.91 -3.25 5.55
C ALA B 312 -14.95 -2.19 6.05
N GLY B 313 -13.82 -2.60 6.63
CA GLY B 313 -12.85 -1.68 7.17
C GLY B 313 -11.77 -1.29 6.17
N HIS B 314 -12.07 -1.43 4.89
CA HIS B 314 -11.13 -1.10 3.83
C HIS B 314 -11.80 -0.16 2.82
N ASP B 315 -10.98 0.66 2.17
CA ASP B 315 -11.45 1.60 1.16
C ASP B 315 -10.93 1.28 -0.23
N ASN B 316 -10.29 0.12 -0.41
CA ASN B 316 -9.78 -0.30 -1.70
C ASN B 316 -9.82 -1.82 -1.77
N ARG B 317 -9.29 -2.36 -2.86
CA ARG B 317 -9.27 -3.81 -3.05
C ARG B 317 -8.45 -4.49 -1.96
N VAL B 318 -9.04 -5.48 -1.30
CA VAL B 318 -8.34 -6.25 -0.29
C VAL B 318 -7.24 -7.06 -0.99
N SER B 319 -5.99 -6.68 -0.75
CA SER B 319 -4.88 -7.30 -1.48
C SER B 319 -4.47 -8.63 -0.87
N CYS B 320 -4.49 -8.74 0.46
CA CYS B 320 -4.06 -9.98 1.11
C CYS B 320 -4.64 -10.04 2.51
N LEU B 321 -4.73 -11.26 3.03
CA LEU B 321 -5.19 -11.49 4.39
C LEU B 321 -4.53 -12.75 4.92
N GLY B 322 -4.16 -12.71 6.20
CA GLY B 322 -3.46 -13.83 6.81
C GLY B 322 -3.83 -14.05 8.26
N VAL B 323 -4.08 -15.32 8.62
CA VAL B 323 -4.45 -15.69 9.98
C VAL B 323 -3.22 -16.23 10.68
N THR B 324 -3.08 -15.91 11.97
CA THR B 324 -1.95 -16.38 12.75
C THR B 324 -2.02 -17.89 12.95
N ASP B 325 -0.90 -18.46 13.39
CA ASP B 325 -0.83 -19.90 13.59
C ASP B 325 -1.76 -20.37 14.71
N ASP B 326 -1.97 -19.53 15.72
CA ASP B 326 -2.85 -19.86 16.82
C ASP B 326 -4.26 -19.33 16.65
N GLY B 327 -4.52 -18.54 15.62
CA GLY B 327 -5.86 -18.04 15.38
C GLY B 327 -6.30 -16.91 16.29
N MET B 328 -5.36 -16.12 16.80
CA MET B 328 -5.71 -15.01 17.69
C MET B 328 -6.27 -13.83 16.91
N ALA B 329 -5.61 -13.44 15.83
CA ALA B 329 -6.04 -12.30 15.04
C ALA B 329 -5.71 -12.54 13.57
N VAL B 330 -6.31 -11.71 12.72
CA VAL B 330 -6.12 -11.81 11.27
C VAL B 330 -5.67 -10.45 10.75
N ALA B 331 -4.56 -10.44 10.01
CA ALA B 331 -4.01 -9.22 9.45
C ALA B 331 -4.45 -9.11 7.98
N THR B 332 -5.15 -8.03 7.66
CA THR B 332 -5.66 -7.79 6.31
C THR B 332 -5.05 -6.51 5.76
N GLY B 333 -4.43 -6.61 4.60
CA GLY B 333 -3.82 -5.47 3.93
C GLY B 333 -4.48 -5.23 2.58
N SER B 334 -4.73 -3.96 2.28
CA SER B 334 -5.38 -3.55 1.04
C SER B 334 -4.51 -2.53 0.32
N TRP B 335 -4.98 -2.08 -0.84
CA TRP B 335 -4.27 -1.07 -1.61
C TRP B 335 -4.36 0.32 -0.99
N ASP B 336 -5.16 0.50 0.06
CA ASP B 336 -5.28 1.78 0.74
C ASP B 336 -4.17 2.02 1.77
N SER B 337 -3.09 1.26 1.71
CA SER B 337 -1.93 1.42 2.59
C SER B 337 -2.31 1.24 4.06
N PHE B 338 -3.37 0.48 4.33
CA PHE B 338 -3.82 0.20 5.69
C PHE B 338 -3.74 -1.30 5.94
N LEU B 339 -3.06 -1.68 7.00
CA LEU B 339 -2.90 -3.08 7.41
C LEU B 339 -3.61 -3.24 8.75
N LYS B 340 -4.85 -3.71 8.72
CA LYS B 340 -5.68 -3.77 9.91
C LYS B 340 -5.65 -5.16 10.52
N ILE B 341 -5.63 -5.21 11.85
CA ILE B 341 -5.55 -6.45 12.61
C ILE B 341 -6.91 -6.67 13.26
N TRP B 342 -7.73 -7.53 12.66
CA TRP B 342 -9.04 -7.85 13.18
C TRP B 342 -8.94 -8.98 14.20
N ASN B 343 -9.83 -8.95 15.19
CA ASN B 343 -9.85 -9.97 16.23
C ASN B 343 -10.43 -11.28 15.70
N VAL C 1 33.22 -6.18 14.65
CA VAL C 1 33.10 -4.79 15.04
C VAL C 1 34.25 -4.41 15.98
N GLN C 2 34.55 -3.11 16.03
CA GLN C 2 35.64 -2.61 16.86
C GLN C 2 35.21 -1.32 17.54
N LEU C 3 35.60 -1.17 18.80
CA LEU C 3 35.32 0.02 19.60
C LEU C 3 36.63 0.46 20.24
N VAL C 4 37.26 1.48 19.68
CA VAL C 4 38.56 1.97 20.15
C VAL C 4 38.32 3.19 21.02
N GLU C 5 38.65 3.08 22.30
CA GLU C 5 38.51 4.17 23.25
C GLU C 5 39.86 4.85 23.45
N SER C 6 39.82 6.15 23.76
CA SER C 6 41.04 6.92 23.98
C SER C 6 40.72 8.13 24.84
N GLY C 7 41.76 8.69 25.45
CA GLY C 7 41.64 9.85 26.29
C GLY C 7 41.99 9.63 27.75
N GLY C 8 42.16 8.38 28.17
CA GLY C 8 42.47 8.09 29.55
C GLY C 8 43.90 8.45 29.91
N GLY C 9 44.19 8.31 31.20
CA GLY C 9 45.50 8.62 31.73
C GLY C 9 45.39 9.29 33.08
N LEU C 10 46.42 10.04 33.44
CA LEU C 10 46.47 10.75 34.71
C LEU C 10 45.88 12.15 34.54
N VAL C 11 44.94 12.50 35.42
CA VAL C 11 44.27 13.79 35.38
C VAL C 11 44.31 14.39 36.79
N GLN C 12 44.70 15.65 36.88
CA GLN C 12 44.72 16.34 38.16
C GLN C 12 43.30 16.58 38.65
N PRO C 13 43.08 16.58 39.96
CA PRO C 13 41.73 16.82 40.49
C PRO C 13 41.22 18.21 40.12
N GLY C 14 39.95 18.27 39.75
CA GLY C 14 39.32 19.52 39.37
C GLY C 14 39.39 19.87 37.91
N GLY C 15 40.10 19.08 37.10
CA GLY C 15 40.24 19.34 35.68
C GLY C 15 39.11 18.74 34.86
N SER C 16 39.35 18.68 33.55
CA SER C 16 38.38 18.14 32.61
C SER C 16 39.09 17.19 31.65
N ARG C 17 38.31 16.34 31.00
CA ARG C 17 38.87 15.38 30.06
C ARG C 17 37.78 14.94 29.09
N LYS C 18 38.13 14.84 27.81
CA LYS C 18 37.21 14.44 26.76
C LYS C 18 37.61 13.06 26.26
N LEU C 19 36.89 12.04 26.73
CA LEU C 19 37.13 10.68 26.28
C LEU C 19 36.45 10.44 24.93
N SER C 20 37.20 9.93 23.97
CA SER C 20 36.70 9.67 22.63
C SER C 20 36.57 8.17 22.40
N CYS C 21 35.61 7.80 21.54
CA CYS C 21 35.36 6.41 21.21
C CYS C 21 35.01 6.31 19.73
N SER C 22 35.83 5.59 18.98
CA SER C 22 35.61 5.37 17.56
C SER C 22 35.03 3.99 17.35
N ALA C 23 33.93 3.91 16.61
CA ALA C 23 33.23 2.67 16.32
C ALA C 23 33.43 2.28 14.86
N SER C 24 33.54 0.98 14.61
CA SER C 24 33.70 0.50 13.25
C SER C 24 33.09 -0.90 13.14
N GLY C 25 32.73 -1.28 11.92
CA GLY C 25 32.17 -2.58 11.65
C GLY C 25 30.67 -2.69 11.79
N PHE C 26 29.98 -1.60 12.12
CA PHE C 26 28.54 -1.64 12.28
C PHE C 26 28.00 -0.22 12.13
N ALA C 27 26.66 -0.12 12.10
CA ALA C 27 26.00 1.17 11.98
C ALA C 27 25.97 1.84 13.34
N PHE C 28 26.75 2.91 13.50
CA PHE C 28 26.81 3.62 14.77
C PHE C 28 25.51 4.36 15.06
N SER C 29 24.82 4.84 14.04
CA SER C 29 23.60 5.60 14.23
C SER C 29 22.41 4.72 14.61
N SER C 30 22.53 3.40 14.49
CA SER C 30 21.42 2.51 14.79
C SER C 30 21.45 1.97 16.21
N PHE C 31 22.62 1.86 16.83
CA PHE C 31 22.75 1.29 18.15
C PHE C 31 22.86 2.38 19.21
N GLY C 32 22.20 2.17 20.34
CA GLY C 32 22.35 3.07 21.46
C GLY C 32 23.62 2.80 22.25
N MET C 33 24.18 3.86 22.80
CA MET C 33 25.48 3.79 23.45
C MET C 33 25.32 3.90 24.97
N HIS C 34 26.12 3.13 25.70
CA HIS C 34 26.13 3.14 27.15
C HIS C 34 27.57 3.21 27.65
N TRP C 35 27.75 3.88 28.79
CA TRP C 35 29.04 3.97 29.44
C TRP C 35 29.00 3.19 30.75
N VAL C 36 29.93 2.25 30.92
CA VAL C 36 30.01 1.43 32.12
C VAL C 36 31.38 1.63 32.75
N ARG C 37 31.40 2.06 34.01
CA ARG C 37 32.65 2.26 34.74
C ARG C 37 32.94 1.07 35.63
N GLN C 38 34.23 0.83 35.86
CA GLN C 38 34.67 -0.26 36.73
C GLN C 38 35.84 0.24 37.57
N ALA C 39 35.66 0.21 38.89
CA ALA C 39 36.71 0.61 39.81
C ALA C 39 37.68 -0.56 40.04
N PRO C 40 38.93 -0.28 40.40
CA PRO C 40 39.88 -1.36 40.67
C PRO C 40 39.43 -2.20 41.86
N GLU C 41 39.43 -3.52 41.66
CA GLU C 41 39.01 -4.49 42.69
C GLU C 41 37.58 -4.25 43.15
N LYS C 42 36.73 -3.78 42.23
CA LYS C 42 35.33 -3.54 42.53
C LYS C 42 34.49 -4.02 41.34
N GLY C 43 33.18 -3.77 41.39
CA GLY C 43 32.27 -4.20 40.36
C GLY C 43 32.03 -3.12 39.31
N LEU C 44 31.01 -3.36 38.50
CA LEU C 44 30.64 -2.45 37.44
C LEU C 44 29.63 -1.41 37.93
N GLU C 45 29.44 -0.38 37.12
CA GLU C 45 28.50 0.70 37.45
C GLU C 45 28.17 1.46 36.19
N TRP C 46 26.88 1.72 35.97
CA TRP C 46 26.43 2.46 34.80
C TRP C 46 26.69 3.95 34.97
N VAL C 47 27.07 4.61 33.88
CA VAL C 47 27.41 6.02 33.88
C VAL C 47 26.38 6.86 33.12
N ALA C 48 26.23 6.60 31.82
CA ALA C 48 25.31 7.39 31.00
C ALA C 48 24.86 6.54 29.82
N TYR C 49 23.80 7.01 29.16
CA TYR C 49 23.21 6.32 28.03
C TYR C 49 22.66 7.33 27.04
N ILE C 50 22.91 7.09 25.75
CA ILE C 50 22.39 7.93 24.68
C ILE C 50 21.76 7.02 23.63
N SER C 51 20.71 7.54 23.00
CA SER C 51 19.97 6.79 21.98
C SER C 51 20.35 7.30 20.60
N SER C 52 19.64 6.81 19.57
CA SER C 52 19.91 7.22 18.21
C SER C 52 19.44 8.65 17.98
N GLY C 53 20.28 9.45 17.33
CA GLY C 53 19.93 10.83 17.06
C GLY C 53 19.89 11.75 18.26
N SER C 54 20.43 11.31 19.40
CA SER C 54 20.47 12.10 20.63
C SER C 54 19.07 12.52 21.08
N GLY C 55 18.07 11.67 20.80
CA GLY C 55 16.70 11.98 21.19
C GLY C 55 16.35 11.62 22.62
N THR C 56 17.15 10.75 23.25
CA THR C 56 16.91 10.34 24.63
C THR C 56 18.25 10.13 25.29
N ILE C 57 18.56 10.95 26.28
CA ILE C 57 19.84 10.89 27.00
C ILE C 57 19.56 10.78 28.48
N TYR C 58 20.23 9.85 29.15
CA TYR C 58 20.08 9.65 30.59
C TYR C 58 21.46 9.56 31.24
N TYR C 59 21.53 10.00 32.49
CA TYR C 59 22.75 9.96 33.28
C TYR C 59 22.46 9.31 34.62
N ALA C 60 23.54 8.87 35.27
CA ALA C 60 23.42 8.29 36.60
C ALA C 60 23.18 9.39 37.63
N ASP C 61 22.42 9.04 38.67
CA ASP C 61 22.07 10.03 39.70
C ASP C 61 23.29 10.55 40.45
N THR C 62 24.39 9.80 40.45
CA THR C 62 25.60 10.25 41.14
C THR C 62 26.43 11.23 40.31
N VAL C 63 26.31 11.19 38.98
CA VAL C 63 27.12 12.02 38.11
C VAL C 63 26.28 13.02 37.33
N LYS C 64 25.12 13.40 37.87
CA LYS C 64 24.27 14.38 37.19
C LYS C 64 24.91 15.77 37.25
N GLY C 65 25.05 16.40 36.09
CA GLY C 65 25.57 17.74 35.98
C GLY C 65 27.05 17.83 35.66
N ARG C 66 27.81 16.77 35.90
CA ARG C 66 29.25 16.81 35.66
C ARG C 66 29.63 16.27 34.29
N PHE C 67 29.12 15.09 33.94
CA PHE C 67 29.47 14.46 32.66
C PHE C 67 28.51 14.88 31.57
N THR C 68 29.01 14.90 30.34
CA THR C 68 28.19 15.25 29.18
C THR C 68 28.56 14.35 28.02
N ILE C 69 27.59 13.61 27.51
CA ILE C 69 27.81 12.65 26.43
C ILE C 69 27.23 13.21 25.13
N SER C 70 27.98 13.05 24.04
CA SER C 70 27.54 13.49 22.73
C SER C 70 28.01 12.48 21.69
N ARG C 71 27.38 12.52 20.51
CA ARG C 71 27.69 11.60 19.45
C ARG C 71 27.70 12.31 18.12
N ASP C 72 28.66 11.94 17.27
CA ASP C 72 28.78 12.43 15.89
C ASP C 72 28.41 11.28 14.97
N ASP C 73 27.21 11.35 14.39
CA ASP C 73 26.69 10.29 13.54
C ASP C 73 27.33 10.29 12.15
N PRO C 74 27.52 11.44 11.49
CA PRO C 74 28.24 11.42 10.21
C PRO C 74 29.68 10.92 10.34
N LYS C 75 30.30 11.09 11.51
CA LYS C 75 31.67 10.64 11.73
C LYS C 75 31.74 9.33 12.51
N ASN C 76 30.61 8.85 13.04
CA ASN C 76 30.56 7.61 13.83
C ASN C 76 31.53 7.66 15.00
N THR C 77 31.31 8.63 15.89
CA THR C 77 32.18 8.84 17.03
C THR C 77 31.34 9.18 18.26
N LEU C 78 31.89 8.86 19.43
CA LEU C 78 31.25 9.19 20.70
C LEU C 78 32.23 9.99 21.55
N PHE C 79 31.71 10.99 22.26
CA PHE C 79 32.52 11.86 23.10
C PHE C 79 31.89 11.98 24.48
N LEU C 80 32.72 11.96 25.51
CA LEU C 80 32.27 12.09 26.89
C LEU C 80 33.15 13.11 27.59
N GLN C 81 32.57 14.25 27.94
CA GLN C 81 33.28 15.32 28.64
C GLN C 81 33.06 15.19 30.13
N MET C 82 34.16 15.18 30.90
CA MET C 82 34.12 15.08 32.35
C MET C 82 34.76 16.32 32.95
N THR C 83 34.02 17.00 33.82
CA THR C 83 34.49 18.21 34.48
C THR C 83 34.43 18.02 36.00
N SER C 84 35.36 18.67 36.70
CA SER C 84 35.45 18.62 38.15
C SER C 84 35.54 17.17 38.65
N LEU C 85 36.62 16.50 38.22
CA LEU C 85 36.83 15.12 38.60
C LEU C 85 37.26 15.01 40.06
N ARG C 86 36.72 14.02 40.77
CA ARG C 86 37.04 13.78 42.15
C ARG C 86 38.08 12.66 42.27
N SER C 87 38.53 12.41 43.50
CA SER C 87 39.52 11.37 43.73
C SER C 87 38.95 9.97 43.58
N GLU C 88 37.62 9.84 43.51
CA GLU C 88 36.98 8.54 43.36
C GLU C 88 36.74 8.17 41.90
N ASP C 89 36.80 9.14 40.99
CA ASP C 89 36.52 8.89 39.58
C ASP C 89 37.59 8.06 38.87
N THR C 90 38.66 7.67 39.56
CA THR C 90 39.68 6.84 38.96
C THR C 90 39.13 5.44 38.70
N ALA C 91 38.90 5.12 37.43
CA ALA C 91 38.30 3.85 37.06
C ALA C 91 38.53 3.62 35.57
N MET C 92 38.10 2.45 35.09
CA MET C 92 38.19 2.09 33.68
C MET C 92 36.80 2.15 33.07
N TYR C 93 36.65 2.89 31.98
CA TYR C 93 35.38 3.09 31.33
C TYR C 93 35.29 2.25 30.06
N TYR C 94 34.10 1.72 29.79
CA TYR C 94 33.82 0.90 28.62
C TYR C 94 32.59 1.43 27.90
N CYS C 95 32.63 1.43 26.58
CA CYS C 95 31.52 1.84 25.75
C CYS C 95 30.84 0.60 25.18
N VAL C 96 29.53 0.49 25.41
CA VAL C 96 28.76 -0.69 25.03
C VAL C 96 27.65 -0.26 24.07
N ARG C 97 27.39 -1.09 23.08
CA ARG C 97 26.29 -0.88 22.14
C ARG C 97 25.11 -1.76 22.52
N SER C 98 23.91 -1.23 22.27
CA SER C 98 22.69 -1.96 22.60
C SER C 98 21.56 -1.51 21.68
N ILE C 99 20.88 -2.48 21.06
CA ILE C 99 19.72 -2.24 20.23
C ILE C 99 18.52 -2.89 20.91
N TYR C 100 17.37 -2.23 20.84
CA TYR C 100 16.17 -2.65 21.56
C TYR C 100 15.05 -2.96 20.58
N TYR C 101 14.75 -4.25 20.42
CA TYR C 101 13.58 -4.69 19.66
C TYR C 101 13.28 -6.12 20.08
N TYR C 102 12.15 -6.64 19.59
CA TYR C 102 11.71 -7.99 19.93
C TYR C 102 12.67 -9.00 19.33
N GLY C 103 13.38 -9.73 20.18
CA GLY C 103 14.36 -10.70 19.73
C GLY C 103 15.77 -10.17 19.63
N SER C 104 16.06 -9.02 20.22
CA SER C 104 17.39 -8.42 20.15
C SER C 104 18.27 -8.97 21.26
N SER C 105 19.45 -8.38 21.43
CA SER C 105 20.38 -8.77 22.49
C SER C 105 21.17 -7.54 22.92
N PRO C 106 20.57 -6.71 23.78
CA PRO C 106 21.28 -5.50 24.24
C PRO C 106 22.53 -5.85 25.02
N PHE C 107 23.51 -4.94 24.98
CA PHE C 107 24.79 -5.10 25.64
C PHE C 107 25.48 -6.39 25.18
N ASP C 108 25.57 -6.55 23.86
CA ASP C 108 26.16 -7.75 23.28
C ASP C 108 27.66 -7.64 23.06
N PHE C 109 28.17 -6.44 22.76
CA PHE C 109 29.58 -6.23 22.50
C PHE C 109 30.11 -5.15 23.44
N TRP C 110 31.18 -5.46 24.14
CA TRP C 110 31.82 -4.54 25.07
C TRP C 110 33.14 -4.07 24.50
N GLY C 111 33.38 -2.76 24.56
CA GLY C 111 34.61 -2.20 24.04
C GLY C 111 35.80 -2.46 24.96
N GLN C 112 36.97 -2.06 24.48
CA GLN C 112 38.18 -2.24 25.26
C GLN C 112 38.24 -1.30 26.46
N GLY C 113 37.68 -0.10 26.33
CA GLY C 113 37.67 0.85 27.43
C GLY C 113 39.01 1.50 27.67
N THR C 114 39.04 2.51 28.53
CA THR C 114 40.27 3.22 28.86
C THR C 114 40.25 3.60 30.34
N THR C 115 41.45 3.69 30.91
CA THR C 115 41.59 3.99 32.34
C THR C 115 41.74 5.49 32.56
N LEU C 116 41.30 5.95 33.73
CA LEU C 116 41.38 7.36 34.11
C LEU C 116 41.68 7.42 35.59
N THR C 117 42.88 7.92 35.94
CA THR C 117 43.32 7.99 37.32
C THR C 117 43.45 9.46 37.73
N VAL C 118 42.78 9.82 38.82
CA VAL C 118 42.81 11.17 39.36
C VAL C 118 43.75 11.19 40.55
N SER C 119 44.72 12.10 40.53
CA SER C 119 45.71 12.24 41.59
C SER C 119 46.45 10.93 41.86
N ALA C 136 17.31 4.00 46.59
CA ALA C 136 15.86 4.05 46.45
C ALA C 136 15.40 3.26 45.24
N ASP C 137 16.24 3.22 44.21
CA ASP C 137 15.92 2.50 42.99
C ASP C 137 16.22 1.01 43.18
N ILE C 138 16.17 0.25 42.08
CA ILE C 138 16.44 -1.18 42.15
C ILE C 138 17.94 -1.41 42.27
N VAL C 139 18.33 -2.22 43.24
CA VAL C 139 19.74 -2.55 43.48
C VAL C 139 19.87 -4.06 43.55
N MET C 140 20.87 -4.60 42.84
CA MET C 140 21.12 -6.03 42.83
C MET C 140 22.07 -6.40 43.95
N THR C 141 21.70 -7.41 44.73
CA THR C 141 22.49 -7.87 45.87
C THR C 141 22.71 -9.36 45.75
N GLN C 142 23.97 -9.79 45.74
CA GLN C 142 24.33 -11.19 45.66
C GLN C 142 24.75 -11.69 47.04
N ALA C 143 24.36 -12.94 47.34
CA ALA C 143 24.68 -13.51 48.65
C ALA C 143 26.12 -13.99 48.72
N THR C 144 26.65 -14.50 47.62
CA THR C 144 28.01 -15.01 47.57
C THR C 144 28.85 -14.15 46.64
N SER C 145 30.16 -14.17 46.87
CA SER C 145 31.12 -13.42 46.07
C SER C 145 32.21 -14.27 45.45
N SER C 146 32.59 -15.38 46.08
CA SER C 146 33.61 -16.26 45.53
C SER C 146 33.26 -17.70 45.88
N VAL C 147 33.17 -18.55 44.87
CA VAL C 147 32.81 -19.96 45.07
C VAL C 147 33.90 -20.83 44.46
N PRO C 148 34.71 -21.52 45.27
CA PRO C 148 35.73 -22.42 44.72
C PRO C 148 35.07 -23.63 44.06
N VAL C 149 35.49 -23.93 42.84
CA VAL C 149 34.93 -25.04 42.06
C VAL C 149 36.06 -25.73 41.32
N THR C 150 35.99 -27.07 41.26
CA THR C 150 36.96 -27.92 40.59
C THR C 150 36.42 -28.38 39.23
N PRO C 151 37.30 -28.66 38.28
CA PRO C 151 36.83 -29.15 36.97
C PRO C 151 36.13 -30.50 37.10
N GLY C 152 34.92 -30.58 36.54
CA GLY C 152 34.10 -31.77 36.58
C GLY C 152 32.74 -31.56 37.22
N GLU C 153 32.64 -30.59 38.14
CA GLU C 153 31.39 -30.29 38.80
C GLU C 153 30.64 -29.17 38.06
N SER C 154 29.44 -28.87 38.53
CA SER C 154 28.60 -27.85 37.93
C SER C 154 28.61 -26.58 38.78
N VAL C 155 28.17 -25.49 38.16
CA VAL C 155 28.11 -24.18 38.81
C VAL C 155 26.67 -23.69 38.78
N SER C 156 26.21 -23.18 39.93
CA SER C 156 24.84 -22.66 40.07
C SER C 156 24.91 -21.42 40.94
N ILE C 157 24.93 -20.24 40.31
CA ILE C 157 25.02 -18.98 41.02
C ILE C 157 23.60 -18.44 41.24
N SER C 158 23.27 -18.18 42.50
CA SER C 158 21.97 -17.64 42.86
C SER C 158 22.06 -16.13 43.07
N CYS C 159 20.92 -15.45 42.88
CA CYS C 159 20.86 -14.00 43.05
C CYS C 159 19.47 -13.61 43.51
N ARG C 160 19.42 -12.60 44.38
CA ARG C 160 18.16 -12.09 44.93
C ARG C 160 18.04 -10.61 44.61
N SER C 161 16.83 -10.18 44.27
CA SER C 161 16.54 -8.79 43.95
C SER C 161 15.58 -8.20 44.96
N SER C 162 15.61 -6.88 45.08
CA SER C 162 14.75 -6.17 46.02
C SER C 162 13.37 -5.87 45.45
N LYS C 163 13.23 -5.88 44.13
CA LYS C 163 11.96 -5.61 43.47
C LYS C 163 11.71 -6.64 42.38
N SER C 164 10.46 -7.05 42.23
CA SER C 164 10.11 -8.04 41.21
C SER C 164 10.29 -7.44 39.82
N LEU C 165 11.20 -8.02 39.05
CA LEU C 165 11.48 -7.55 37.69
C LEU C 165 10.47 -8.05 36.67
N LEU C 166 9.49 -8.86 37.09
CA LEU C 166 8.47 -9.38 36.18
C LEU C 166 7.49 -8.27 35.85
N HIS C 167 7.69 -7.62 34.71
CA HIS C 167 6.82 -6.54 34.27
C HIS C 167 5.49 -7.10 33.76
N SER C 168 4.58 -6.20 33.44
CA SER C 168 3.25 -6.63 32.97
C SER C 168 3.31 -7.32 31.62
N ASN C 169 4.31 -6.98 30.79
CA ASN C 169 4.42 -7.60 29.47
C ASN C 169 4.90 -9.05 29.55
N GLY C 170 5.49 -9.45 30.68
CA GLY C 170 5.96 -10.81 30.85
C GLY C 170 7.43 -11.04 30.54
N ASN C 171 8.17 -9.99 30.24
CA ASN C 171 9.60 -10.12 29.93
C ASN C 171 10.43 -9.91 31.18
N THR C 172 11.45 -10.76 31.35
CA THR C 172 12.35 -10.67 32.49
C THR C 172 13.58 -9.87 32.09
N TYR C 173 13.79 -8.74 32.77
CA TYR C 173 14.91 -7.85 32.49
C TYR C 173 16.09 -8.25 33.35
N LEU C 174 16.81 -9.28 32.89
CA LEU C 174 17.98 -9.79 33.58
C LEU C 174 19.09 -10.03 32.56
N TYR C 175 20.25 -9.42 32.79
CA TYR C 175 21.39 -9.54 31.91
C TYR C 175 22.58 -10.08 32.69
N TRP C 176 23.26 -11.08 32.12
CA TRP C 176 24.44 -11.67 32.72
C TRP C 176 25.67 -11.30 31.91
N PHE C 177 26.75 -10.95 32.60
CA PHE C 177 28.00 -10.56 31.96
C PHE C 177 29.15 -11.33 32.58
N LEU C 178 29.94 -11.99 31.75
CA LEU C 178 31.10 -12.76 32.19
C LEU C 178 32.37 -11.99 31.80
N GLN C 179 33.05 -11.43 32.79
CA GLN C 179 34.27 -10.66 32.56
C GLN C 179 35.47 -11.52 32.93
N ARG C 180 36.39 -11.70 31.98
CA ARG C 180 37.61 -12.46 32.16
C ARG C 180 38.78 -11.52 32.43
N PRO C 181 39.78 -11.98 33.20
CA PRO C 181 40.95 -11.12 33.46
C PRO C 181 41.70 -10.81 32.19
N GLY C 182 41.73 -9.53 31.82
CA GLY C 182 42.40 -9.05 30.64
C GLY C 182 41.50 -8.87 29.43
N GLN C 183 40.33 -9.50 29.41
CA GLN C 183 39.40 -9.42 28.30
C GLN C 183 38.17 -8.62 28.70
N SER C 184 37.34 -8.32 27.70
CA SER C 184 36.12 -7.56 27.92
C SER C 184 34.98 -8.47 28.37
N PRO C 185 34.02 -7.94 29.13
CA PRO C 185 32.88 -8.77 29.54
C PRO C 185 32.07 -9.23 28.35
N GLN C 186 31.73 -10.52 28.34
CA GLN C 186 30.96 -11.14 27.28
C GLN C 186 29.54 -11.41 27.74
N LEU C 187 28.56 -11.08 26.90
CA LEU C 187 27.17 -11.30 27.23
C LEU C 187 26.80 -12.77 27.12
N LEU C 188 26.21 -13.32 28.18
CA LEU C 188 25.77 -14.71 28.19
C LEU C 188 24.26 -14.83 28.02
N ILE C 189 23.48 -14.15 28.85
CA ILE C 189 22.02 -14.16 28.77
C ILE C 189 21.54 -12.71 28.81
N TYR C 190 20.63 -12.37 27.89
CA TYR C 190 20.09 -11.03 27.80
C TYR C 190 18.69 -10.91 28.38
N ARG C 191 17.86 -11.95 28.24
CA ARG C 191 16.52 -11.95 28.81
C ARG C 191 16.16 -13.33 29.34
N SER C 193 16.83 -16.53 30.63
CA SER C 193 16.36 -17.74 29.97
C SER C 193 16.72 -17.72 28.49
N ASN C 194 16.52 -16.56 27.85
CA ASN C 194 16.83 -16.40 26.44
C ASN C 194 18.34 -16.40 26.24
N LEU C 195 18.87 -17.45 25.63
CA LEU C 195 20.30 -17.55 25.41
C LEU C 195 20.74 -16.59 24.31
N ALA C 196 21.90 -15.97 24.52
CA ALA C 196 22.43 -15.02 23.55
C ALA C 196 23.20 -15.74 22.45
N SER C 197 23.65 -14.99 21.46
CA SER C 197 24.40 -15.53 20.35
C SER C 197 25.89 -15.53 20.65
N GLY C 198 26.61 -16.48 20.05
CA GLY C 198 28.04 -16.61 20.23
C GLY C 198 28.47 -17.31 21.50
N VAL C 199 27.54 -17.81 22.30
CA VAL C 199 27.86 -18.51 23.53
C VAL C 199 27.30 -19.92 23.47
N PRO C 200 27.94 -20.90 24.10
CA PRO C 200 27.42 -22.28 24.06
C PRO C 200 26.10 -22.39 24.83
N ASP C 201 25.45 -23.54 24.63
CA ASP C 201 24.18 -23.82 25.29
C ASP C 201 24.35 -24.32 26.72
N ARG C 202 25.58 -24.39 27.23
CA ARG C 202 25.80 -24.88 28.59
C ARG C 202 25.23 -23.92 29.63
N PHE C 203 25.24 -22.62 29.34
CA PHE C 203 24.68 -21.64 30.27
C PHE C 203 23.17 -21.62 30.19
N SER C 204 22.52 -21.49 31.34
CA SER C 204 21.06 -21.43 31.39
C SER C 204 20.63 -20.57 32.56
N GLY C 205 19.47 -19.98 32.45
CA GLY C 205 18.93 -19.14 33.51
C GLY C 205 17.51 -19.53 33.86
N SER C 206 17.20 -19.47 35.15
CA SER C 206 15.87 -19.83 35.64
C SER C 206 15.56 -19.00 36.88
N GLY C 207 14.37 -19.21 37.42
CA GLY C 207 13.92 -18.54 38.62
C GLY C 207 12.67 -17.73 38.39
N SER C 208 12.20 -17.12 39.48
CA SER C 208 11.00 -16.30 39.44
C SER C 208 11.39 -14.83 39.24
N GLY C 209 10.43 -13.92 39.38
CA GLY C 209 10.70 -12.51 39.19
C GLY C 209 11.58 -11.90 40.26
N THR C 210 11.70 -12.55 41.41
CA THR C 210 12.51 -12.05 42.51
C THR C 210 13.88 -12.73 42.57
N ALA C 211 13.89 -14.06 42.65
CA ALA C 211 15.12 -14.83 42.73
C ALA C 211 15.49 -15.36 41.35
N PHE C 212 16.79 -15.39 41.06
CA PHE C 212 17.30 -15.87 39.79
C PHE C 212 18.44 -16.85 40.02
N THR C 213 18.63 -17.74 39.06
CA THR C 213 19.66 -18.77 39.16
C THR C 213 20.29 -18.97 37.79
N LEU C 214 21.62 -18.84 37.73
CA LEU C 214 22.39 -19.07 36.52
C LEU C 214 23.15 -20.37 36.69
N THR C 215 22.83 -21.36 35.87
CA THR C 215 23.45 -22.68 35.94
C THR C 215 24.33 -22.93 34.72
N ILE C 216 25.38 -23.72 34.93
CA ILE C 216 26.33 -24.08 33.88
C ILE C 216 26.35 -25.60 33.78
N SER C 217 26.07 -26.12 32.57
CA SER C 217 26.05 -27.56 32.37
C SER C 217 27.44 -28.16 32.52
N ARG C 218 28.38 -27.72 31.69
CA ARG C 218 29.75 -28.19 31.72
C ARG C 218 30.69 -27.01 31.91
N LEU C 219 31.55 -27.09 32.92
CA LEU C 219 32.49 -26.02 33.23
C LEU C 219 33.81 -26.29 32.52
N GLU C 220 34.17 -25.42 31.59
CA GLU C 220 35.41 -25.54 30.84
C GLU C 220 36.48 -24.62 31.43
N ALA C 221 37.65 -24.59 30.78
CA ALA C 221 38.75 -23.76 31.23
C ALA C 221 38.64 -22.31 30.75
N GLU C 222 37.67 -22.01 29.88
CA GLU C 222 37.48 -20.67 29.36
C GLU C 222 36.31 -19.95 30.02
N ASP C 223 35.61 -20.60 30.94
CA ASP C 223 34.47 -20.00 31.62
C ASP C 223 34.84 -19.32 32.92
N VAL C 224 36.13 -19.28 33.28
CA VAL C 224 36.55 -18.64 34.52
C VAL C 224 36.43 -17.12 34.37
N GLY C 225 36.15 -16.46 35.48
CA GLY C 225 36.01 -15.02 35.50
C GLY C 225 35.00 -14.60 36.56
N VAL C 226 34.48 -13.40 36.38
CA VAL C 226 33.52 -12.80 37.30
C VAL C 226 32.18 -12.64 36.57
N TYR C 227 31.11 -13.06 37.24
CA TYR C 227 29.75 -12.95 36.70
C TYR C 227 29.04 -11.77 37.36
N TYR C 228 28.50 -10.89 36.54
CA TYR C 228 27.75 -9.72 37.01
C TYR C 228 26.33 -9.80 36.49
N CYS C 229 25.38 -9.41 37.33
CA CYS C 229 23.97 -9.37 36.98
C CYS C 229 23.50 -7.92 36.88
N MET C 230 22.60 -7.67 35.94
CA MET C 230 22.08 -6.33 35.72
C MET C 230 20.58 -6.39 35.44
N GLN C 231 19.86 -5.41 35.94
CA GLN C 231 18.43 -5.26 35.69
C GLN C 231 18.21 -4.10 34.72
N HIS C 232 17.13 -4.21 33.93
CA HIS C 232 16.82 -3.20 32.93
C HIS C 232 15.35 -2.81 32.98
N LEU C 233 14.76 -2.82 34.19
CA LEU C 233 13.36 -2.42 34.32
C LEU C 233 13.20 -0.91 34.18
N GLU C 234 14.17 -0.15 34.66
CA GLU C 234 14.15 1.30 34.57
C GLU C 234 15.46 1.79 33.95
N TYR C 235 15.51 3.12 33.72
CA TYR C 235 16.74 3.69 33.16
C TYR C 235 17.92 3.62 34.12
N PRO C 236 17.81 4.03 35.40
CA PRO C 236 18.97 3.91 36.29
C PRO C 236 19.36 2.46 36.54
N LEU C 237 20.53 2.06 36.06
CA LEU C 237 21.00 0.69 36.20
C LEU C 237 21.86 0.55 37.45
N THR C 238 21.97 -0.70 37.93
CA THR C 238 22.76 -0.99 39.12
C THR C 238 23.26 -2.42 39.00
N PHE C 239 24.57 -2.58 38.86
CA PHE C 239 25.17 -3.91 38.76
C PHE C 239 25.32 -4.54 40.14
N GLY C 240 25.43 -5.86 40.16
CA GLY C 240 25.59 -6.60 41.39
C GLY C 240 27.04 -6.65 41.83
N ALA C 241 27.28 -7.43 42.89
CA ALA C 241 28.63 -7.58 43.41
C ALA C 241 29.50 -8.40 42.48
N GLY C 242 28.92 -9.41 41.83
CA GLY C 242 29.68 -10.25 40.92
C GLY C 242 30.36 -11.41 41.61
N THR C 243 30.12 -12.63 41.13
CA THR C 243 30.69 -13.83 41.71
C THR C 243 31.91 -14.23 40.89
N LYS C 244 33.05 -14.37 41.56
CA LYS C 244 34.31 -14.71 40.90
C LYS C 244 34.59 -16.19 41.06
N LEU C 245 35.00 -16.84 39.97
CA LEU C 245 35.33 -18.26 39.98
C LEU C 245 36.80 -18.43 39.67
N GLU C 246 37.51 -19.14 40.56
CA GLU C 246 38.94 -19.40 40.40
C GLU C 246 39.15 -20.87 40.10
N LEU C 247 40.05 -21.14 39.14
CA LEU C 247 40.34 -22.50 38.73
C LEU C 247 41.78 -22.61 38.24
N THR D 6 10.71 -31.18 -34.00
CA THR D 6 9.33 -31.33 -33.58
C THR D 6 9.23 -31.42 -32.06
N ALA D 7 8.72 -30.35 -31.43
CA ALA D 7 8.56 -30.30 -29.99
C ALA D 7 7.13 -30.55 -29.53
N SER D 8 6.15 -30.49 -30.44
CA SER D 8 4.77 -30.74 -30.05
C SER D 8 4.53 -32.21 -29.75
N ILE D 9 5.18 -33.11 -30.49
CA ILE D 9 5.00 -34.54 -30.25
C ILE D 9 5.59 -34.94 -28.91
N ALA D 10 6.74 -34.36 -28.54
CA ALA D 10 7.33 -34.65 -27.25
C ALA D 10 6.45 -34.15 -26.11
N GLN D 11 5.86 -32.96 -26.27
CA GLN D 11 4.95 -32.44 -25.25
C GLN D 11 3.71 -33.31 -25.14
N ALA D 12 3.20 -33.80 -26.28
CA ALA D 12 2.04 -34.69 -26.24
C ALA D 12 2.37 -36.00 -25.53
N ARG D 13 3.55 -36.56 -25.81
CA ARG D 13 3.95 -37.79 -25.13
C ARG D 13 4.11 -37.55 -23.63
N LYS D 14 4.68 -36.41 -23.24
CA LYS D 14 4.84 -36.10 -21.83
C LYS D 14 3.48 -35.94 -21.15
N LEU D 15 2.53 -35.29 -21.83
CA LEU D 15 1.19 -35.14 -21.27
C LEU D 15 0.49 -36.49 -21.12
N VAL D 16 0.64 -37.37 -22.12
CA VAL D 16 0.03 -38.70 -22.04
C VAL D 16 0.64 -39.50 -20.89
N GLU D 17 1.96 -39.40 -20.72
CA GLU D 17 2.61 -40.10 -19.61
C GLU D 17 2.15 -39.55 -18.26
N GLN D 18 2.02 -38.23 -18.15
CA GLN D 18 1.53 -37.64 -16.91
C GLN D 18 0.11 -38.08 -16.61
N LEU D 19 -0.74 -38.14 -17.63
CA LEU D 19 -2.13 -38.56 -17.42
C LEU D 19 -2.20 -40.03 -17.02
N LYS D 20 -1.44 -40.89 -17.67
CA LYS D 20 -1.46 -42.32 -17.32
C LYS D 20 -0.80 -42.59 -15.98
N MET D 21 0.08 -41.70 -15.51
CA MET D 21 0.66 -41.87 -14.19
C MET D 21 -0.29 -41.34 -13.10
N GLU D 22 -1.03 -40.27 -13.39
CA GLU D 22 -1.98 -39.75 -12.43
C GLU D 22 -3.23 -40.62 -12.33
N ALA D 23 -3.57 -41.32 -13.41
CA ALA D 23 -4.75 -42.18 -13.40
C ALA D 23 -4.61 -43.34 -12.43
N ASN D 24 -3.39 -43.73 -12.06
CA ASN D 24 -3.15 -44.83 -11.14
C ASN D 24 -3.26 -44.42 -9.68
N ILE D 25 -3.52 -43.14 -9.40
CA ILE D 25 -3.63 -42.68 -8.02
C ILE D 25 -4.94 -43.18 -7.42
N ASP D 26 -4.86 -43.78 -6.24
CA ASP D 26 -6.06 -44.30 -5.58
C ASP D 26 -6.91 -43.16 -5.04
N ARG D 27 -8.22 -43.36 -5.07
CA ARG D 27 -9.19 -42.38 -4.59
C ARG D 27 -10.24 -43.07 -3.73
N ILE D 28 -10.80 -42.31 -2.78
CA ILE D 28 -11.79 -42.84 -1.87
C ILE D 28 -13.10 -42.10 -2.05
N LYS D 29 -14.13 -42.50 -1.30
CA LYS D 29 -15.45 -41.89 -1.40
C LYS D 29 -15.46 -40.52 -0.72
N VAL D 30 -16.57 -39.80 -0.91
CA VAL D 30 -16.69 -38.46 -0.32
C VAL D 30 -17.12 -38.55 1.14
N SER D 31 -17.85 -39.60 1.51
CA SER D 31 -18.37 -39.69 2.88
C SER D 31 -17.24 -39.83 3.90
N LYS D 32 -16.21 -40.62 3.58
CA LYS D 32 -15.09 -40.80 4.50
C LYS D 32 -14.33 -39.50 4.71
N ALA D 33 -14.04 -38.78 3.63
CA ALA D 33 -13.34 -37.51 3.74
C ALA D 33 -14.18 -36.48 4.49
N ALA D 34 -15.49 -36.47 4.25
CA ALA D 34 -16.37 -35.55 4.95
C ALA D 34 -16.40 -35.85 6.44
N ALA D 35 -16.47 -37.13 6.81
CA ALA D 35 -16.45 -37.51 8.22
C ALA D 35 -15.13 -37.15 8.87
N ASP D 36 -14.01 -37.36 8.15
CA ASP D 36 -12.71 -37.00 8.70
C ASP D 36 -12.59 -35.49 8.93
N LEU D 37 -13.06 -34.69 7.96
CA LEU D 37 -13.02 -33.24 8.11
C LEU D 37 -13.91 -32.79 9.26
N MET D 38 -15.09 -33.39 9.40
CA MET D 38 -15.98 -33.04 10.49
C MET D 38 -15.37 -33.38 11.84
N ALA D 39 -14.73 -34.55 11.94
CA ALA D 39 -14.07 -34.92 13.19
C ALA D 39 -12.91 -33.98 13.51
N TYR D 40 -12.12 -33.61 12.50
CA TYR D 40 -11.02 -32.68 12.71
C TYR D 40 -11.55 -31.32 13.18
N CYS D 41 -12.63 -30.84 12.58
CA CYS D 41 -13.20 -29.56 12.99
C CYS D 41 -13.75 -29.62 14.41
N GLU D 42 -14.45 -30.71 14.74
CA GLU D 42 -14.98 -30.84 16.10
C GLU D 42 -13.88 -30.99 17.13
N ALA D 43 -12.73 -31.54 16.74
CA ALA D 43 -11.62 -31.68 17.67
C ALA D 43 -10.86 -30.37 17.85
N HIS D 44 -10.72 -29.59 16.79
CA HIS D 44 -9.96 -28.35 16.85
C HIS D 44 -10.81 -27.11 17.14
N ALA D 45 -12.13 -27.26 17.27
CA ALA D 45 -12.96 -26.13 17.63
C ALA D 45 -12.72 -25.64 19.06
N LYS D 46 -12.18 -26.51 19.93
CA LYS D 46 -11.93 -26.11 21.31
C LYS D 46 -10.71 -25.21 21.45
N GLU D 47 -9.90 -25.06 20.40
CA GLU D 47 -8.70 -24.23 20.42
C GLU D 47 -8.72 -23.24 19.26
N ASP D 48 -9.87 -22.59 19.07
CA ASP D 48 -10.03 -21.62 17.99
C ASP D 48 -10.55 -20.30 18.57
N PRO D 49 -9.69 -19.30 18.76
CA PRO D 49 -10.16 -18.02 19.30
C PRO D 49 -11.12 -17.29 18.38
N LEU D 50 -11.10 -17.57 17.07
CA LEU D 50 -12.02 -16.90 16.16
C LEU D 50 -13.43 -17.47 16.28
N LEU D 51 -13.55 -18.79 16.45
CA LEU D 51 -14.86 -19.41 16.58
C LEU D 51 -15.46 -19.16 17.97
N THR D 52 -14.73 -19.55 19.01
CA THR D 52 -15.19 -19.34 20.38
C THR D 52 -14.74 -17.97 20.88
N PRO D 53 -15.66 -17.15 21.39
CA PRO D 53 -15.26 -15.82 21.88
C PRO D 53 -14.28 -15.92 23.04
N VAL D 54 -13.07 -15.43 22.83
CA VAL D 54 -12.02 -15.45 23.84
C VAL D 54 -12.14 -14.19 24.70
N PRO D 55 -12.09 -14.31 26.02
CA PRO D 55 -12.16 -13.12 26.87
C PRO D 55 -10.96 -12.20 26.66
N ALA D 56 -11.13 -10.95 27.08
CA ALA D 56 -10.07 -9.96 26.92
C ALA D 56 -8.89 -10.21 27.85
N SER D 57 -9.07 -11.02 28.89
CA SER D 57 -7.98 -11.31 29.80
C SER D 57 -6.90 -12.17 29.14
N GLU D 58 -7.27 -12.95 28.13
CA GLU D 58 -6.31 -13.80 27.44
C GLU D 58 -5.69 -13.14 26.21
N ASN D 59 -6.32 -12.09 25.68
CA ASN D 59 -5.79 -11.40 24.51
C ASN D 59 -4.59 -10.53 24.88
N GLN E 23 -14.98 -28.58 -15.87
CA GLN E 23 -13.77 -28.38 -16.63
C GLN E 23 -14.04 -27.53 -17.87
N VAL E 24 -13.28 -26.44 -18.01
CA VAL E 24 -13.46 -25.54 -19.15
C VAL E 24 -13.05 -26.25 -20.43
N GLN E 25 -13.99 -26.38 -21.37
CA GLN E 25 -13.75 -27.06 -22.63
C GLN E 25 -14.44 -26.30 -23.75
N LEU E 26 -13.74 -26.13 -24.87
CA LEU E 26 -14.28 -25.45 -26.04
C LEU E 26 -13.93 -26.28 -27.28
N GLN E 27 -14.97 -26.79 -27.94
CA GLN E 27 -14.81 -27.64 -29.11
C GLN E 27 -15.31 -26.89 -30.35
N GLU E 28 -14.45 -26.77 -31.35
CA GLU E 28 -14.80 -26.11 -32.60
C GLU E 28 -15.04 -27.16 -33.68
N SER E 29 -16.07 -26.93 -34.50
CA SER E 29 -16.45 -27.84 -35.57
C SER E 29 -16.42 -27.11 -36.91
N GLY E 30 -16.63 -27.86 -37.98
CA GLY E 30 -16.62 -27.29 -39.31
C GLY E 30 -15.22 -27.24 -39.90
N GLY E 31 -15.07 -26.35 -40.87
CA GLY E 31 -13.79 -26.17 -41.54
C GLY E 31 -13.64 -27.08 -42.74
N GLY E 32 -12.41 -27.11 -43.25
CA GLY E 32 -12.05 -27.92 -44.38
C GLY E 32 -11.70 -27.08 -45.60
N LEU E 33 -11.83 -27.72 -46.77
CA LEU E 33 -11.57 -27.08 -48.05
C LEU E 33 -12.89 -26.54 -48.61
N VAL E 34 -12.95 -25.23 -48.82
CA VAL E 34 -14.15 -24.57 -49.32
C VAL E 34 -13.78 -23.78 -50.57
N GLN E 35 -14.57 -23.94 -51.62
CA GLN E 35 -14.33 -23.21 -52.86
C GLN E 35 -14.60 -21.72 -52.65
N PRO E 36 -13.91 -20.85 -53.38
CA PRO E 36 -14.14 -19.41 -53.23
C PRO E 36 -15.53 -19.01 -53.71
N GLY E 37 -16.24 -18.23 -52.90
CA GLY E 37 -17.59 -17.81 -53.20
C GLY E 37 -18.67 -18.63 -52.53
N GLY E 38 -18.30 -19.59 -51.68
CA GLY E 38 -19.28 -20.42 -51.00
C GLY E 38 -19.67 -19.88 -49.64
N SER E 39 -20.14 -20.78 -48.79
CA SER E 39 -20.58 -20.42 -47.44
C SER E 39 -20.04 -21.44 -46.45
N LEU E 40 -19.85 -20.99 -45.21
CA LEU E 40 -19.35 -21.84 -44.14
C LEU E 40 -20.05 -21.47 -42.84
N ARG E 41 -20.37 -22.48 -42.04
CA ARG E 41 -21.04 -22.28 -40.76
C ARG E 41 -20.22 -22.97 -39.67
N LEU E 42 -19.37 -22.19 -38.99
CA LEU E 42 -18.53 -22.71 -37.92
C LEU E 42 -19.28 -22.68 -36.59
N SER E 43 -19.12 -23.73 -35.81
CA SER E 43 -19.77 -23.85 -34.51
C SER E 43 -18.72 -24.03 -33.42
N CYS E 44 -19.00 -23.45 -32.25
CA CYS E 44 -18.13 -23.52 -31.09
C CYS E 44 -18.99 -23.86 -29.88
N ALA E 45 -18.76 -25.05 -29.31
CA ALA E 45 -19.51 -25.53 -28.15
C ALA E 45 -18.63 -25.38 -26.91
N ALA E 46 -19.13 -24.64 -25.91
CA ALA E 46 -18.41 -24.39 -24.68
C ALA E 46 -19.12 -25.08 -23.52
N SER E 47 -18.36 -25.83 -22.74
CA SER E 47 -18.91 -26.56 -21.60
C SER E 47 -17.98 -26.41 -20.40
N GLY E 48 -18.56 -26.54 -19.20
CA GLY E 48 -17.80 -26.45 -17.97
C GLY E 48 -17.88 -25.11 -17.27
N PHE E 49 -18.65 -24.16 -17.78
CA PHE E 49 -18.78 -22.84 -17.17
C PHE E 49 -20.04 -22.18 -17.68
N THR E 50 -20.35 -21.02 -17.10
CA THR E 50 -21.52 -20.24 -17.50
C THR E 50 -21.21 -19.51 -18.80
N PHE E 51 -21.80 -19.98 -19.90
CA PHE E 51 -21.54 -19.38 -21.20
C PHE E 51 -22.12 -17.97 -21.32
N SER E 52 -23.13 -17.64 -20.53
CA SER E 52 -23.79 -16.34 -20.61
C SER E 52 -23.09 -15.26 -19.78
N ASN E 53 -21.90 -15.55 -19.23
CA ASN E 53 -21.20 -14.59 -18.40
C ASN E 53 -19.78 -14.31 -18.88
N TYR E 54 -19.45 -14.65 -20.13
CA TYR E 54 -18.11 -14.42 -20.67
C TYR E 54 -18.22 -13.90 -22.09
N LYS E 55 -17.32 -12.98 -22.43
CA LYS E 55 -17.27 -12.42 -23.78
C LYS E 55 -16.53 -13.37 -24.71
N MET E 56 -17.13 -13.67 -25.86
CA MET E 56 -16.58 -14.64 -26.80
C MET E 56 -15.79 -13.93 -27.90
N ASN E 57 -14.77 -14.62 -28.41
CA ASN E 57 -13.89 -14.07 -29.42
C ASN E 57 -13.54 -15.15 -30.43
N TRP E 58 -13.55 -14.78 -31.71
CA TRP E 58 -13.04 -15.62 -32.80
C TRP E 58 -11.79 -14.97 -33.36
N VAL E 59 -10.70 -15.73 -33.40
CA VAL E 59 -9.42 -15.26 -33.92
C VAL E 59 -8.94 -16.24 -34.98
N ARG E 60 -7.90 -15.82 -35.71
CA ARG E 60 -7.35 -16.64 -36.78
C ARG E 60 -5.83 -16.63 -36.70
N GLN E 61 -5.22 -17.70 -37.22
CA GLN E 61 -3.78 -17.83 -37.32
C GLN E 61 -3.42 -18.35 -38.69
N ALA E 62 -2.69 -17.55 -39.47
CA ALA E 62 -2.28 -17.92 -40.81
C ALA E 62 -0.99 -18.73 -40.78
N PRO E 63 -0.78 -19.61 -41.77
CA PRO E 63 0.47 -20.37 -41.82
C PRO E 63 1.67 -19.45 -41.99
N GLY E 64 2.64 -19.61 -41.10
CA GLY E 64 3.81 -18.75 -41.11
C GLY E 64 3.61 -17.38 -40.50
N LYS E 65 2.48 -17.14 -39.84
CA LYS E 65 2.20 -15.85 -39.22
C LYS E 65 1.75 -16.04 -37.77
N GLY E 66 1.30 -14.96 -37.14
CA GLY E 66 0.86 -15.00 -35.76
C GLY E 66 -0.66 -14.99 -35.63
N LEU E 67 -1.10 -15.00 -34.37
CA LEU E 67 -2.53 -14.99 -34.07
C LEU E 67 -3.12 -13.63 -34.41
N GLU E 68 -4.16 -13.63 -35.25
CA GLU E 68 -4.83 -12.41 -35.67
C GLU E 68 -6.28 -12.46 -35.20
N TRP E 69 -6.71 -11.39 -34.52
CA TRP E 69 -8.08 -11.31 -34.05
C TRP E 69 -9.04 -11.04 -35.21
N VAL E 70 -10.20 -11.69 -35.17
CA VAL E 70 -11.22 -11.55 -36.22
C VAL E 70 -12.45 -10.80 -35.71
N SER E 71 -13.11 -11.33 -34.67
CA SER E 71 -14.34 -10.73 -34.20
C SER E 71 -14.54 -11.03 -32.72
N ASP E 72 -15.39 -10.22 -32.09
CA ASP E 72 -15.75 -10.41 -30.69
C ASP E 72 -17.23 -10.12 -30.50
N ILE E 73 -17.83 -10.82 -29.54
CA ILE E 73 -19.24 -10.65 -29.19
C ILE E 73 -19.37 -10.69 -27.67
N SER E 74 -20.19 -9.81 -27.12
CA SER E 74 -20.36 -9.68 -25.68
C SER E 74 -21.26 -10.80 -25.17
N GLN E 75 -21.64 -10.72 -23.89
CA GLN E 75 -22.48 -11.75 -23.29
C GLN E 75 -23.90 -11.72 -23.86
N SER E 76 -24.57 -10.58 -23.76
CA SER E 76 -25.94 -10.44 -24.25
C SER E 76 -26.00 -10.20 -25.75
N GLY E 77 -24.87 -10.22 -26.45
CA GLY E 77 -24.88 -9.98 -27.88
C GLY E 77 -25.17 -8.56 -28.29
N ALA E 78 -25.03 -7.60 -27.37
CA ALA E 78 -25.28 -6.20 -27.70
C ALA E 78 -24.14 -5.60 -28.49
N SER E 79 -22.93 -5.60 -27.91
CA SER E 79 -21.75 -5.04 -28.57
C SER E 79 -21.04 -6.15 -29.33
N ILE E 80 -21.10 -6.07 -30.66
CA ILE E 80 -20.45 -7.03 -31.55
C ILE E 80 -19.49 -6.26 -32.45
N SER E 81 -18.23 -6.69 -32.47
CA SER E 81 -17.20 -5.99 -33.23
C SER E 81 -16.50 -6.95 -34.18
N TYR E 82 -16.14 -6.43 -35.35
CA TYR E 82 -15.41 -7.17 -36.37
C TYR E 82 -14.16 -6.40 -36.76
N THR E 83 -13.25 -7.10 -37.43
CA THR E 83 -12.03 -6.48 -37.93
C THR E 83 -12.26 -5.91 -39.33
N GLY E 84 -11.41 -4.97 -39.71
CA GLY E 84 -11.54 -4.31 -41.00
C GLY E 84 -11.25 -5.20 -42.19
N SER E 85 -10.59 -6.33 -41.98
CA SER E 85 -10.23 -7.20 -43.09
C SER E 85 -11.45 -7.94 -43.64
N VAL E 86 -12.36 -8.35 -42.75
CA VAL E 86 -13.53 -9.11 -43.16
C VAL E 86 -14.80 -8.42 -42.67
N LYS E 87 -14.74 -7.09 -42.55
CA LYS E 87 -15.89 -6.32 -42.09
C LYS E 87 -17.01 -6.37 -43.12
N GLY E 88 -18.19 -6.82 -42.70
CA GLY E 88 -19.35 -6.88 -43.55
C GLY E 88 -19.59 -8.22 -44.22
N ARG E 89 -18.62 -9.14 -44.16
CA ARG E 89 -18.77 -10.44 -44.79
C ARG E 89 -19.12 -11.56 -43.82
N PHE E 90 -18.60 -11.51 -42.59
CA PHE E 90 -18.88 -12.53 -41.60
C PHE E 90 -20.01 -12.09 -40.66
N THR E 91 -20.57 -13.06 -39.95
CA THR E 91 -21.65 -12.77 -39.01
C THR E 91 -21.52 -13.73 -37.84
N ILE E 92 -21.22 -13.20 -36.66
CA ILE E 92 -21.04 -14.01 -35.45
C ILE E 92 -22.26 -13.81 -34.56
N SER E 93 -22.71 -14.89 -33.93
CA SER E 93 -23.85 -14.85 -33.02
C SER E 93 -23.67 -15.93 -31.97
N ARG E 94 -24.48 -15.85 -30.92
CA ARG E 94 -24.40 -16.81 -29.82
C ARG E 94 -25.79 -17.17 -29.35
N ASP E 95 -25.92 -18.41 -28.85
CA ASP E 95 -27.18 -18.92 -28.32
C ASP E 95 -26.92 -19.42 -26.90
N ASN E 96 -27.54 -18.75 -25.92
CA ASN E 96 -27.38 -19.11 -24.53
C ASN E 96 -28.28 -20.25 -24.09
N ALA E 97 -29.29 -20.61 -24.89
CA ALA E 97 -30.15 -21.74 -24.53
C ALA E 97 -29.41 -23.06 -24.66
N LYS E 98 -28.48 -23.15 -25.61
CA LYS E 98 -27.66 -24.34 -25.80
C LYS E 98 -26.18 -24.07 -25.59
N ASN E 99 -25.80 -22.85 -25.25
CA ASN E 99 -24.40 -22.46 -25.02
C ASN E 99 -23.55 -22.76 -26.26
N THR E 100 -23.89 -22.09 -27.37
CA THR E 100 -23.21 -22.32 -28.63
C THR E 100 -22.84 -20.97 -29.25
N LEU E 101 -21.77 -20.98 -30.05
CA LEU E 101 -21.31 -19.80 -30.77
C LEU E 101 -21.24 -20.12 -32.26
N TYR E 102 -22.03 -19.41 -33.06
CA TYR E 102 -22.13 -19.67 -34.49
C TYR E 102 -21.44 -18.54 -35.26
N LEU E 103 -20.80 -18.91 -36.37
CA LEU E 103 -20.11 -17.95 -37.22
C LEU E 103 -20.41 -18.30 -38.67
N GLN E 104 -21.11 -17.40 -39.36
CA GLN E 104 -21.45 -17.57 -40.77
C GLN E 104 -20.44 -16.77 -41.60
N MET E 105 -19.71 -17.46 -42.47
CA MET E 105 -18.70 -16.87 -43.33
C MET E 105 -19.14 -17.01 -44.78
N ASN E 106 -19.30 -15.89 -45.47
CA ASN E 106 -19.73 -15.87 -46.86
C ASN E 106 -18.69 -15.16 -47.72
N SER E 107 -18.66 -15.55 -49.00
CA SER E 107 -17.72 -14.99 -49.98
C SER E 107 -16.28 -15.12 -49.50
N LEU E 108 -15.86 -16.36 -49.33
CA LEU E 108 -14.52 -16.64 -48.85
C LEU E 108 -13.48 -16.32 -49.91
N LYS E 109 -12.32 -15.85 -49.45
CA LYS E 109 -11.20 -15.51 -50.30
C LYS E 109 -10.03 -16.46 -50.08
N PRO E 110 -9.11 -16.58 -51.04
CA PRO E 110 -7.95 -17.45 -50.83
C PRO E 110 -7.09 -17.06 -49.63
N GLU E 111 -7.18 -15.82 -49.17
CA GLU E 111 -6.42 -15.38 -48.00
C GLU E 111 -7.02 -15.86 -46.69
N ASP E 112 -8.17 -16.54 -46.71
CA ASP E 112 -8.82 -17.03 -45.51
C ASP E 112 -8.31 -18.40 -45.07
N THR E 113 -7.30 -18.94 -45.76
CA THR E 113 -6.72 -20.23 -45.38
C THR E 113 -5.95 -20.05 -44.07
N ALA E 114 -6.53 -20.50 -42.97
CA ALA E 114 -5.95 -20.29 -41.65
C ALA E 114 -6.65 -21.19 -40.65
N VAL E 115 -6.10 -21.24 -39.45
CA VAL E 115 -6.69 -21.98 -38.34
C VAL E 115 -7.48 -21.00 -37.49
N TYR E 116 -8.78 -21.23 -37.34
CA TYR E 116 -9.65 -20.38 -36.55
C TYR E 116 -9.79 -20.93 -35.14
N TYR E 117 -9.73 -20.02 -34.16
CA TYR E 117 -9.81 -20.37 -32.75
C TYR E 117 -10.97 -19.62 -32.10
N CYS E 118 -11.64 -20.29 -31.18
CA CYS E 118 -12.79 -19.76 -30.44
C CYS E 118 -12.40 -19.70 -28.96
N ALA E 119 -12.24 -18.49 -28.43
CA ALA E 119 -11.79 -18.29 -27.06
C ALA E 119 -12.73 -17.35 -26.33
N ARG E 120 -12.43 -17.13 -25.04
CA ARG E 120 -13.21 -16.24 -24.20
C ARG E 120 -12.27 -15.43 -23.33
N CYS E 121 -12.80 -14.32 -22.81
CA CYS E 121 -12.03 -13.46 -21.92
C CYS E 121 -11.99 -14.06 -20.51
N PRO E 122 -10.87 -13.91 -19.80
CA PRO E 122 -10.77 -14.54 -18.47
C PRO E 122 -11.64 -13.88 -17.42
N ALA E 123 -11.73 -12.55 -17.43
CA ALA E 123 -12.49 -11.86 -16.40
C ALA E 123 -13.96 -11.78 -16.80
N PRO E 124 -14.88 -12.24 -15.96
CA PRO E 124 -16.31 -12.14 -16.26
C PRO E 124 -16.90 -10.81 -15.78
N PHE E 125 -18.01 -10.44 -16.43
CA PHE E 125 -18.75 -9.23 -16.08
C PHE E 125 -17.88 -7.98 -16.17
N THR E 126 -17.08 -7.89 -17.23
CA THR E 126 -16.20 -6.74 -17.43
C THR E 126 -16.23 -6.34 -18.90
N ARG E 127 -15.55 -5.24 -19.21
CA ARG E 127 -15.48 -4.73 -20.57
C ARG E 127 -14.13 -4.98 -21.24
N ASP E 128 -13.07 -5.15 -20.47
CA ASP E 128 -11.74 -5.40 -21.02
C ASP E 128 -11.56 -6.88 -21.30
N CYS E 129 -10.69 -7.18 -22.26
CA CYS E 129 -10.40 -8.56 -22.68
C CYS E 129 -8.92 -8.65 -23.01
N PHE E 130 -8.13 -9.10 -22.05
CA PHE E 130 -6.69 -9.22 -22.22
C PHE E 130 -6.31 -10.62 -22.69
N ASP E 131 -5.14 -10.71 -23.33
CA ASP E 131 -4.58 -11.97 -23.82
C ASP E 131 -5.55 -12.65 -24.80
N VAL E 132 -5.84 -11.94 -25.89
CA VAL E 132 -6.70 -12.48 -26.94
C VAL E 132 -5.88 -13.23 -27.99
N THR E 133 -4.71 -12.71 -28.35
CA THR E 133 -3.84 -13.33 -29.33
C THR E 133 -2.53 -13.80 -28.71
N SER E 134 -2.55 -14.14 -27.43
CA SER E 134 -1.35 -14.62 -26.75
C SER E 134 -1.03 -16.05 -27.18
N THR E 135 0.26 -16.36 -27.25
CA THR E 135 0.68 -17.68 -27.69
C THR E 135 0.31 -18.76 -26.68
N THR E 136 0.47 -18.47 -25.40
CA THR E 136 0.15 -19.42 -24.32
C THR E 136 -1.16 -18.96 -23.69
N TYR E 137 -2.28 -19.47 -24.21
CA TYR E 137 -3.61 -19.13 -23.72
C TYR E 137 -4.41 -20.43 -23.60
N ALA E 138 -4.66 -20.85 -22.36
CA ALA E 138 -5.32 -22.13 -22.11
C ALA E 138 -6.84 -22.05 -22.18
N TYR E 139 -7.40 -20.93 -22.60
CA TYR E 139 -8.85 -20.76 -22.70
C TYR E 139 -9.31 -20.69 -24.16
N ARG E 140 -8.67 -21.48 -25.03
CA ARG E 140 -9.04 -21.56 -26.43
C ARG E 140 -9.09 -23.03 -26.85
N GLY E 141 -9.81 -23.28 -27.95
CA GLY E 141 -9.93 -24.61 -28.47
C GLY E 141 -8.78 -24.98 -29.39
N GLN E 142 -8.96 -26.12 -30.07
CA GLN E 142 -7.92 -26.59 -30.99
C GLN E 142 -7.88 -25.79 -32.28
N GLY E 143 -9.00 -25.21 -32.69
CA GLY E 143 -9.05 -24.42 -33.91
C GLY E 143 -9.24 -25.28 -35.14
N THR E 144 -10.08 -24.83 -36.07
CA THR E 144 -10.38 -25.55 -37.29
C THR E 144 -9.64 -24.93 -38.46
N GLN E 145 -9.06 -25.78 -39.32
CA GLN E 145 -8.33 -25.33 -40.49
C GLN E 145 -9.29 -25.11 -41.65
N VAL E 146 -9.35 -23.88 -42.15
CA VAL E 146 -10.19 -23.52 -43.28
C VAL E 146 -9.30 -23.07 -44.42
N THR E 147 -9.31 -23.83 -45.51
CA THR E 147 -8.53 -23.51 -46.70
C THR E 147 -9.45 -23.27 -47.88
N VAL E 148 -8.98 -22.43 -48.81
CA VAL E 148 -9.73 -22.08 -50.02
C VAL E 148 -8.77 -22.21 -51.20
N SER E 149 -8.98 -23.24 -52.01
CA SER E 149 -8.14 -23.47 -53.17
C SER E 149 -8.91 -24.29 -54.19
N SER E 150 -8.49 -24.19 -55.45
CA SER E 150 -9.14 -24.92 -56.53
C SER E 150 -8.11 -25.41 -57.54
N SER F 29 -33.64 38.37 19.82
CA SER F 29 -32.22 38.58 20.05
C SER F 29 -31.50 37.24 20.20
N VAL F 30 -31.92 36.52 21.22
CA VAL F 30 -31.27 35.28 21.54
C VAL F 30 -31.54 34.37 20.44
N PHE F 31 -32.60 34.63 19.74
CA PHE F 31 -32.96 33.72 18.70
C PHE F 31 -32.05 34.04 17.56
N PHE F 32 -31.67 35.28 17.44
CA PHE F 32 -30.89 35.66 16.30
C PHE F 32 -29.52 35.10 16.49
N SER F 33 -29.25 34.55 17.64
CA SER F 33 -27.95 33.90 17.78
C SER F 33 -28.03 32.39 17.92
N VAL F 34 -29.16 31.85 18.34
CA VAL F 34 -29.26 30.41 18.36
C VAL F 34 -29.36 29.87 16.98
N ILE F 35 -30.44 30.13 16.32
CA ILE F 35 -30.69 29.63 14.97
C ILE F 35 -29.39 29.57 14.17
N PHE F 36 -28.58 30.64 14.24
CA PHE F 36 -27.29 30.63 13.58
C PHE F 36 -26.39 29.52 14.10
N MET F 37 -26.39 29.32 15.43
CA MET F 37 -25.57 28.28 16.02
C MET F 37 -25.99 26.90 15.52
N THR F 38 -27.30 26.63 15.48
CA THR F 38 -27.77 25.33 15.01
C THR F 38 -27.45 25.10 13.54
N VAL F 39 -27.69 26.13 12.71
CA VAL F 39 -27.41 25.99 11.28
C VAL F 39 -25.91 25.77 11.05
N GLY F 40 -25.08 26.48 11.80
CA GLY F 40 -23.64 26.32 11.69
C GLY F 40 -23.18 24.95 12.12
N ILE F 41 -23.71 24.45 13.24
CA ILE F 41 -23.37 23.10 13.70
C ILE F 41 -23.76 22.06 12.67
N LEU F 42 -24.96 22.17 12.08
CA LEU F 42 -25.38 21.22 11.06
C LEU F 42 -24.51 21.29 9.80
N SER F 43 -24.26 22.50 9.30
CA SER F 43 -23.45 22.68 8.10
C SER F 43 -21.99 22.28 8.32
N ASN F 44 -21.49 22.33 9.56
CA ASN F 44 -20.15 21.86 9.84
C ASN F 44 -20.09 20.35 10.03
N SER F 45 -21.10 19.75 10.65
CA SER F 45 -21.13 18.30 10.78
C SER F 45 -21.23 17.63 9.41
N LEU F 46 -22.14 18.13 8.56
CA LEU F 46 -22.26 17.58 7.21
C LEU F 46 -20.98 17.78 6.42
N ALA F 47 -20.34 18.94 6.56
CA ALA F 47 -19.09 19.20 5.85
C ALA F 47 -17.99 18.26 6.31
N ILE F 48 -17.88 18.04 7.62
CA ILE F 48 -16.88 17.12 8.14
C ILE F 48 -17.12 15.71 7.62
N ALA F 49 -18.39 15.28 7.62
CA ALA F 49 -18.72 13.95 7.11
C ALA F 49 -18.33 13.81 5.64
N ILE F 50 -18.71 14.78 4.82
CA ILE F 50 -18.42 14.70 3.38
C ILE F 50 -16.91 14.75 3.15
N LEU F 51 -16.19 15.58 3.90
CA LEU F 51 -14.75 15.71 3.70
C LEU F 51 -14.02 14.44 4.13
N MET F 52 -14.48 13.80 5.22
CA MET F 52 -13.87 12.53 5.61
C MET F 52 -14.15 11.45 4.58
N LYS F 53 -15.39 11.38 4.07
CA LYS F 53 -15.72 10.40 3.05
C LYS F 53 -14.91 10.62 1.78
N ALA F 54 -14.63 11.88 1.43
CA ALA F 54 -13.82 12.16 0.26
C ALA F 54 -12.34 11.88 0.50
N TYR F 55 -11.85 12.13 1.71
CA TYR F 55 -10.45 11.89 2.01
C TYR F 55 -10.13 10.40 2.06
N GLN F 56 -11.03 9.61 2.65
CA GLN F 56 -10.82 8.16 2.74
C GLN F 56 -10.78 7.50 1.37
N ARG F 57 -11.08 8.27 0.33
CA ARG F 57 -11.00 7.79 -1.04
C ARG F 57 -9.89 8.46 -1.86
N PHE F 58 -9.62 9.75 -1.62
CA PHE F 58 -8.61 10.47 -2.39
C PHE F 58 -7.23 10.46 -1.75
N ARG F 59 -7.08 9.86 -0.56
CA ARG F 59 -5.75 9.78 0.03
C ARG F 59 -4.85 8.80 -0.70
N GLN F 60 -5.41 7.95 -1.55
CA GLN F 60 -4.64 6.95 -2.29
C GLN F 60 -4.15 7.45 -3.64
N LYS F 61 -4.69 8.56 -4.14
CA LYS F 61 -4.35 9.06 -5.46
C LYS F 61 -3.42 10.26 -5.43
N SER F 62 -3.64 11.21 -4.53
CA SER F 62 -2.85 12.43 -4.47
C SER F 62 -2.59 12.76 -3.00
N LYS F 63 -2.09 13.97 -2.77
CA LYS F 63 -1.76 14.40 -1.41
C LYS F 63 -3.02 14.69 -0.59
N ALA F 64 -4.12 15.06 -1.25
CA ALA F 64 -5.37 15.43 -0.58
C ALA F 64 -5.14 16.57 0.42
N SER F 65 -4.29 17.53 0.04
CA SER F 65 -4.02 18.67 0.90
C SER F 65 -5.22 19.61 0.96
N PHE F 66 -5.93 19.78 -0.17
CA PHE F 66 -7.13 20.61 -0.18
C PHE F 66 -8.18 20.07 0.78
N LEU F 67 -8.38 18.76 0.80
CA LEU F 67 -9.35 18.16 1.70
C LEU F 67 -8.95 18.35 3.16
N LEU F 68 -7.65 18.22 3.45
CA LEU F 68 -7.19 18.43 4.82
C LEU F 68 -7.38 19.88 5.27
N LEU F 69 -7.06 20.84 4.38
CA LEU F 69 -7.26 22.24 4.73
C LEU F 69 -8.74 22.55 4.92
N ALA F 70 -9.60 22.00 4.07
CA ALA F 70 -11.03 22.23 4.22
C ALA F 70 -11.55 21.62 5.52
N SER F 71 -11.07 20.42 5.86
CA SER F 71 -11.49 19.79 7.12
C SER F 71 -11.04 20.61 8.32
N GLY F 72 -9.80 21.10 8.31
CA GLY F 72 -9.34 21.94 9.39
C GLY F 72 -10.13 23.23 9.52
N LEU F 73 -10.44 23.86 8.38
CA LEU F 73 -11.25 25.08 8.41
C LEU F 73 -12.63 24.81 8.97
N VAL F 74 -13.28 23.72 8.54
CA VAL F 74 -14.61 23.40 9.04
C VAL F 74 -14.56 23.09 10.53
N ILE F 75 -13.52 22.39 10.98
CA ILE F 75 -13.41 22.04 12.39
C ILE F 75 -13.23 23.29 13.25
N THR F 76 -12.33 24.20 12.83
CA THR F 76 -12.12 25.39 13.64
C THR F 76 -13.34 26.31 13.60
N ASP F 77 -14.05 26.38 12.46
CA ASP F 77 -15.27 27.17 12.41
C ASP F 77 -16.35 26.58 13.31
N PHE F 78 -16.47 25.25 13.34
CA PHE F 78 -17.43 24.60 14.22
C PHE F 78 -17.11 24.87 15.68
N PHE F 79 -15.83 24.76 16.05
CA PHE F 79 -15.44 25.03 17.43
C PHE F 79 -15.72 26.48 17.81
N GLY F 80 -15.37 27.42 16.93
CA GLY F 80 -15.64 28.83 17.21
C GLY F 80 -17.12 29.11 17.36
N HIS F 81 -17.93 28.55 16.46
CA HIS F 81 -19.38 28.76 16.53
C HIS F 81 -19.95 28.18 17.81
N LEU F 82 -19.50 26.98 18.18
CA LEU F 82 -20.02 26.35 19.39
C LEU F 82 -19.65 27.17 20.63
N ILE F 83 -18.40 27.64 20.69
CA ILE F 83 -17.98 28.46 21.84
C ILE F 83 -18.78 29.76 21.90
N ASN F 84 -18.95 30.42 20.75
CA ASN F 84 -19.70 31.67 20.73
C ASN F 84 -21.15 31.45 21.13
N GLY F 85 -21.76 30.37 20.65
CA GLY F 85 -23.14 30.09 21.03
C GLY F 85 -23.29 29.75 22.50
N ALA F 86 -22.36 28.99 23.05
CA ALA F 86 -22.40 28.68 24.48
C ALA F 86 -22.25 29.95 25.31
N ILE F 87 -21.32 30.83 24.93
CA ILE F 87 -21.14 32.07 25.67
C ILE F 87 -22.38 32.96 25.55
N ALA F 88 -22.99 33.00 24.37
CA ALA F 88 -24.19 33.82 24.18
C ALA F 88 -25.35 33.28 25.02
N VAL F 89 -25.50 31.96 25.08
CA VAL F 89 -26.55 31.38 25.91
C VAL F 89 -26.30 31.67 27.38
N PHE F 90 -25.04 31.56 27.82
CA PHE F 90 -24.72 31.86 29.21
C PHE F 90 -24.94 33.32 29.55
N VAL F 91 -24.74 34.22 28.59
CA VAL F 91 -24.97 35.64 28.84
C VAL F 91 -26.46 35.94 28.89
N TYR F 92 -27.23 35.42 27.92
CA TYR F 92 -28.66 35.66 27.89
C TYR F 92 -29.39 34.96 29.03
N ALA F 93 -28.78 33.95 29.65
CA ALA F 93 -29.41 33.28 30.77
C ALA F 93 -29.45 34.17 32.02
N SER F 94 -28.56 35.16 32.10
CA SER F 94 -28.49 36.05 33.26
C SER F 94 -29.16 37.40 33.01
N ASP F 95 -30.01 37.48 31.98
CA ASP F 95 -30.74 38.70 31.65
C ASP F 95 -29.80 39.88 31.37
N LYS F 96 -28.70 39.59 30.67
CA LYS F 96 -27.74 40.61 30.25
C LYS F 96 -27.16 41.37 31.45
N GLU F 97 -26.97 40.67 32.56
CA GLU F 97 -26.39 41.25 33.76
C GLU F 97 -24.93 40.81 33.86
N TRP F 98 -24.06 41.57 33.18
CA TRP F 98 -22.64 41.24 33.16
C TRP F 98 -21.99 41.39 34.53
N ILE F 99 -22.55 42.24 35.41
CA ILE F 99 -22.00 42.43 36.74
C ILE F 99 -22.21 41.23 37.64
N ARG F 100 -23.08 40.29 37.24
CA ARG F 100 -23.39 39.13 38.06
C ARG F 100 -22.39 37.98 37.84
N PHE F 101 -22.27 37.52 36.59
CA PHE F 101 -21.41 36.39 36.26
C PHE F 101 -20.03 36.81 35.80
N ASP F 102 -19.66 38.08 35.98
CA ASP F 102 -18.34 38.55 35.55
C ASP F 102 -17.93 39.68 36.49
N GLN F 103 -17.02 39.38 37.42
CA GLN F 103 -16.52 40.35 38.39
C GLN F 103 -15.08 40.77 38.12
N SER F 104 -14.21 39.83 37.76
CA SER F 104 -12.81 40.12 37.48
C SER F 104 -12.52 40.28 35.99
N ASN F 105 -13.57 40.38 35.16
CA ASN F 105 -13.45 40.53 33.71
C ASN F 105 -12.63 39.38 33.11
N VAL F 106 -13.14 38.17 33.31
CA VAL F 106 -12.50 36.96 32.83
C VAL F 106 -13.24 36.36 31.65
N LEU F 107 -14.58 36.42 31.64
CA LEU F 107 -15.34 35.86 30.54
C LEU F 107 -15.37 36.78 29.33
N CYS F 108 -15.38 38.10 29.55
CA CYS F 108 -15.37 39.05 28.44
C CYS F 108 -14.07 38.95 27.64
N SER F 109 -12.94 38.76 28.32
CA SER F 109 -11.67 38.63 27.62
C SER F 109 -11.64 37.37 26.77
N ILE F 110 -12.12 36.25 27.31
CA ILE F 110 -12.16 35.01 26.55
C ILE F 110 -13.11 35.13 25.37
N PHE F 111 -14.24 35.80 25.57
CA PHE F 111 -15.18 36.01 24.47
C PHE F 111 -14.54 36.86 23.37
N GLY F 112 -13.83 37.92 23.74
CA GLY F 112 -13.16 38.73 22.74
C GLY F 112 -12.07 37.98 22.00
N ILE F 113 -11.31 37.14 22.73
CA ILE F 113 -10.28 36.33 22.09
C ILE F 113 -10.90 35.36 21.09
N CYS F 114 -11.99 34.69 21.49
CA CYS F 114 -12.65 33.76 20.59
C CYS F 114 -13.23 34.48 19.38
N MET F 115 -13.75 35.69 19.58
CA MET F 115 -14.29 36.47 18.46
C MET F 115 -13.19 36.83 17.48
N VAL F 116 -12.06 37.33 17.99
CA VAL F 116 -10.93 37.68 17.13
C VAL F 116 -10.42 36.45 16.38
N PHE F 117 -10.38 35.31 17.06
CA PHE F 117 -9.92 34.08 16.42
C PHE F 117 -10.87 33.66 15.30
N SER F 118 -12.17 33.59 15.60
CA SER F 118 -13.14 33.21 14.59
C SER F 118 -13.28 34.24 13.47
N GLY F 119 -12.77 35.45 13.68
CA GLY F 119 -12.79 36.45 12.62
C GLY F 119 -11.54 36.46 11.77
N LEU F 120 -10.41 36.07 12.34
CA LEU F 120 -9.13 36.11 11.63
C LEU F 120 -8.73 34.77 11.03
N CYS F 121 -8.75 33.70 11.84
CA CYS F 121 -8.29 32.40 11.35
C CYS F 121 -9.05 31.88 10.14
N PRO F 122 -10.39 31.96 10.06
CA PRO F 122 -11.05 31.50 8.83
C PRO F 122 -10.63 32.26 7.59
N LEU F 123 -10.46 33.59 7.69
CA LEU F 123 -10.02 34.36 6.53
C LEU F 123 -8.61 33.98 6.11
N LEU F 124 -7.72 33.77 7.07
CA LEU F 124 -6.35 33.36 6.75
C LEU F 124 -6.34 31.99 6.10
N LEU F 125 -7.15 31.06 6.62
CA LEU F 125 -7.22 29.72 6.03
C LEU F 125 -7.78 29.78 4.61
N GLY F 126 -8.80 30.62 4.38
CA GLY F 126 -9.32 30.78 3.05
C GLY F 126 -8.31 31.37 2.08
N SER F 127 -7.53 32.35 2.56
CA SER F 127 -6.49 32.92 1.71
C SER F 127 -5.42 31.89 1.38
N VAL F 128 -5.02 31.10 2.37
CA VAL F 128 -4.02 30.05 2.13
C VAL F 128 -4.55 29.02 1.14
N MET F 129 -5.83 28.66 1.27
CA MET F 129 -6.43 27.70 0.35
C MET F 129 -6.51 28.26 -1.06
N ALA F 130 -6.83 29.55 -1.19
CA ALA F 130 -6.86 30.18 -2.51
C ALA F 130 -5.47 30.22 -3.13
N ILE F 131 -4.45 30.53 -2.32
CA ILE F 131 -3.08 30.54 -2.83
C ILE F 131 -2.68 29.14 -3.29
N GLU F 132 -3.04 28.13 -2.50
CA GLU F 132 -2.69 26.75 -2.87
C GLU F 132 -3.39 26.33 -4.16
N ARG F 133 -4.65 26.65 -4.29
CA ARG F 133 -5.32 26.33 -5.53
C ARG F 133 -4.80 27.11 -6.73
N CYS F 134 -4.42 28.35 -6.57
CA CYS F 134 -3.82 29.10 -7.67
C CYS F 134 -2.48 28.51 -8.08
N ILE F 135 -1.67 28.09 -7.10
CA ILE F 135 -0.39 27.47 -7.41
C ILE F 135 -0.60 26.13 -8.10
N GLY F 136 -1.59 25.36 -7.65
CA GLY F 136 -1.86 24.07 -8.27
C GLY F 136 -2.41 24.18 -9.68
N VAL F 137 -3.15 25.24 -9.96
CA VAL F 137 -3.71 25.41 -11.30
C VAL F 137 -2.66 26.00 -12.25
N THR F 138 -1.94 27.03 -11.81
CA THR F 138 -0.95 27.66 -12.68
C THR F 138 0.28 26.78 -12.87
N LYS F 139 0.80 26.21 -11.77
CA LYS F 139 1.98 25.37 -11.81
C LYS F 139 1.66 24.05 -11.12
N PRO F 140 1.04 23.11 -11.85
CA PRO F 140 0.72 21.81 -11.24
C PRO F 140 1.94 21.02 -10.81
N ILE F 141 3.04 21.14 -11.56
CA ILE F 141 4.26 20.41 -11.20
C ILE F 141 4.84 20.93 -9.89
N PHE F 142 4.84 22.25 -9.71
CA PHE F 142 5.38 22.83 -8.47
C PHE F 142 4.54 22.45 -7.27
N HIS F 143 3.24 22.21 -7.46
CA HIS F 143 2.37 21.82 -6.36
C HIS F 143 2.41 20.32 -6.09
N SER F 144 2.66 19.51 -7.12
CA SER F 144 2.65 18.07 -6.97
C SER F 144 4.01 17.50 -6.56
N THR F 145 5.10 18.17 -6.90
CA THR F 145 6.45 17.68 -6.61
C THR F 145 7.17 18.52 -5.57
N LYS F 146 7.22 19.85 -5.76
CA LYS F 146 7.96 20.70 -4.83
C LYS F 146 7.20 20.89 -3.52
N ILE F 147 5.89 21.16 -3.59
CA ILE F 147 5.10 21.36 -2.39
C ILE F 147 4.85 20.02 -1.73
N THR F 148 5.22 19.90 -0.46
CA THR F 148 5.07 18.68 0.31
C THR F 148 3.97 18.84 1.35
N SER F 149 3.36 17.72 1.74
CA SER F 149 2.32 17.77 2.76
C SER F 149 2.85 18.24 4.10
N LYS F 150 4.10 17.90 4.42
CA LYS F 150 4.69 18.39 5.66
C LYS F 150 4.83 19.92 5.64
N HIS F 151 5.16 20.48 4.47
CA HIS F 151 5.22 21.92 4.34
C HIS F 151 3.85 22.55 4.56
N VAL F 152 2.79 21.91 4.04
CA VAL F 152 1.44 22.43 4.24
C VAL F 152 1.05 22.36 5.71
N LYS F 153 1.42 21.28 6.39
CA LYS F 153 1.13 21.17 7.82
C LYS F 153 1.87 22.22 8.62
N MET F 154 3.15 22.47 8.28
CA MET F 154 3.91 23.51 8.97
C MET F 154 3.31 24.89 8.71
N MET F 155 2.86 25.15 7.48
CA MET F 155 2.22 26.43 7.18
C MET F 155 0.91 26.59 7.95
N LEU F 156 0.13 25.51 8.05
CA LEU F 156 -1.10 25.58 8.83
C LEU F 156 -0.81 25.85 10.31
N SER F 157 0.21 25.18 10.85
CA SER F 157 0.58 25.41 12.24
C SER F 157 1.05 26.85 12.45
N GLY F 158 1.83 27.38 11.51
CA GLY F 158 2.27 28.76 11.62
C GLY F 158 1.12 29.75 11.54
N VAL F 159 0.15 29.49 10.66
CA VAL F 159 -1.02 30.35 10.56
C VAL F 159 -1.83 30.31 11.85
N CYS F 160 -2.00 29.12 12.42
CA CYS F 160 -2.73 29.01 13.69
C CYS F 160 -1.99 29.73 14.81
N LEU F 161 -0.66 29.63 14.85
CA LEU F 161 0.10 30.31 15.87
C LEU F 161 0.01 31.82 15.71
N PHE F 162 0.08 32.32 14.48
CA PHE F 162 -0.07 33.75 14.24
C PHE F 162 -1.46 34.23 14.66
N ALA F 163 -2.49 33.44 14.35
CA ALA F 163 -3.85 33.81 14.71
C ALA F 163 -4.02 33.88 16.22
N VAL F 164 -3.52 32.87 16.93
CA VAL F 164 -3.68 32.88 18.39
C VAL F 164 -2.80 33.95 19.02
N PHE F 165 -1.69 34.31 18.38
CA PHE F 165 -0.85 35.39 18.91
C PHE F 165 -1.52 36.74 18.74
N ILE F 166 -2.14 36.98 17.58
CA ILE F 166 -2.88 38.22 17.40
C ILE F 166 -4.10 38.27 18.31
N ALA F 167 -4.72 37.11 18.57
CA ALA F 167 -5.84 37.08 19.51
C ALA F 167 -5.39 37.36 20.93
N LEU F 168 -4.20 36.90 21.31
CA LEU F 168 -3.63 37.18 22.62
C LEU F 168 -2.84 38.48 22.67
N LEU F 169 -2.83 39.25 21.58
CA LEU F 169 -2.07 40.50 21.57
C LEU F 169 -2.67 41.55 22.51
N PRO F 170 -3.98 41.82 22.51
CA PRO F 170 -4.51 42.79 23.48
C PRO F 170 -4.32 42.37 24.92
N ILE F 171 -4.31 41.06 25.20
CA ILE F 171 -4.11 40.60 26.57
C ILE F 171 -2.68 40.88 27.02
N LEU F 172 -1.71 40.73 26.12
CA LEU F 172 -0.31 40.99 26.43
C LEU F 172 0.08 42.45 26.26
N GLY F 173 -0.90 43.36 26.26
CA GLY F 173 -0.62 44.77 26.13
C GLY F 173 -1.14 45.58 27.29
N HIS F 174 -1.20 44.97 28.47
CA HIS F 174 -1.66 45.60 29.71
C HIS F 174 -3.09 46.12 29.60
N ARG F 175 -3.88 45.59 28.67
CA ARG F 175 -5.26 46.00 28.49
C ARG F 175 -6.13 44.75 28.30
N ASP F 176 -7.42 44.98 28.09
CA ASP F 176 -8.37 43.90 27.88
C ASP F 176 -9.48 44.38 26.97
N TYR F 177 -10.43 43.50 26.68
CA TYR F 177 -11.55 43.83 25.81
C TYR F 177 -12.65 44.52 26.62
N LYS F 178 -13.30 45.49 25.98
CA LYS F 178 -14.38 46.25 26.62
C LYS F 178 -15.73 45.78 26.11
N ILE F 179 -16.75 45.95 26.94
CA ILE F 179 -18.11 45.55 26.57
C ILE F 179 -18.66 46.54 25.56
N GLN F 180 -19.25 46.01 24.48
CA GLN F 180 -19.83 46.85 23.44
C GLN F 180 -21.16 47.45 23.91
N ALA F 181 -21.74 48.29 23.06
CA ALA F 181 -23.01 48.93 23.39
C ALA F 181 -24.17 47.95 23.41
N SER F 182 -24.08 46.84 22.68
CA SER F 182 -25.15 45.86 22.66
C SER F 182 -25.25 45.07 23.96
N ARG F 183 -24.19 45.08 24.78
CA ARG F 183 -24.17 44.38 26.07
C ARG F 183 -24.40 42.88 25.90
N THR F 184 -23.97 42.29 24.71
CA THR F 184 -24.13 40.86 24.45
C THR F 184 -22.88 40.20 23.88
N TRP F 185 -21.87 41.01 23.57
CA TRP F 185 -20.65 40.44 23.02
C TRP F 185 -19.51 41.41 23.23
N CYS F 186 -18.36 40.88 23.65
CA CYS F 186 -17.17 41.68 23.92
C CYS F 186 -16.25 41.69 22.71
N PHE F 187 -15.65 42.85 22.46
CA PHE F 187 -14.74 43.04 21.34
C PHE F 187 -13.84 44.23 21.67
N TYR F 188 -13.13 44.74 20.66
CA TYR F 188 -12.29 45.91 20.86
C TYR F 188 -13.13 47.11 21.26
N ASN F 189 -12.52 48.01 22.02
CA ASN F 189 -13.21 49.20 22.52
C ASN F 189 -13.55 50.12 21.35
N THR F 190 -14.83 50.19 21.00
CA THR F 190 -15.30 51.06 19.93
C THR F 190 -15.89 52.37 20.43
N GLU F 191 -16.41 52.40 21.64
CA GLU F 191 -17.00 53.60 22.23
C GLU F 191 -15.98 54.26 23.16
N ASP F 192 -15.91 55.59 23.09
CA ASP F 192 -15.00 56.39 23.91
C ASP F 192 -13.55 55.95 23.68
N ILE F 193 -13.09 56.11 22.44
CA ILE F 193 -11.74 55.74 22.06
C ILE F 193 -10.85 56.95 22.28
N LYS F 194 -9.95 56.84 23.27
CA LYS F 194 -9.02 57.91 23.61
C LYS F 194 -7.57 57.54 23.37
N ASP F 195 -7.14 56.37 23.83
CA ASP F 195 -5.77 55.95 23.65
C ASP F 195 -5.54 55.43 22.24
N TRP F 196 -4.29 55.54 21.77
CA TRP F 196 -3.95 55.17 20.41
C TRP F 196 -3.76 53.66 20.22
N GLU F 197 -3.66 52.90 21.31
CA GLU F 197 -3.46 51.46 21.17
C GLU F 197 -4.70 50.78 20.60
N ASP F 198 -5.89 51.23 21.01
CA ASP F 198 -7.11 50.67 20.45
C ASP F 198 -7.22 50.99 18.95
N ARG F 199 -6.87 52.22 18.57
CA ARG F 199 -6.88 52.59 17.16
C ARG F 199 -5.89 51.74 16.37
N PHE F 200 -4.70 51.51 16.94
CA PHE F 200 -3.70 50.70 16.26
C PHE F 200 -4.18 49.26 16.10
N TYR F 201 -4.81 48.71 17.14
CA TYR F 201 -5.32 47.34 17.04
C TYR F 201 -6.44 47.24 16.00
N LEU F 202 -7.34 48.22 15.97
CA LEU F 202 -8.39 48.21 14.97
C LEU F 202 -7.82 48.32 13.56
N LEU F 203 -6.83 49.20 13.36
CA LEU F 203 -6.22 49.34 12.05
C LEU F 203 -5.50 48.06 11.63
N LEU F 204 -4.83 47.40 12.59
CA LEU F 204 -4.14 46.15 12.28
C LEU F 204 -5.14 45.06 11.88
N PHE F 205 -6.23 44.95 12.64
CA PHE F 205 -7.27 43.97 12.31
C PHE F 205 -7.86 44.24 10.93
N SER F 206 -8.18 45.49 10.63
CA SER F 206 -8.76 45.84 9.34
C SER F 206 -7.77 45.56 8.21
N PHE F 207 -6.50 45.91 8.42
CA PHE F 207 -5.48 45.66 7.40
C PHE F 207 -5.30 44.17 7.13
N LEU F 208 -5.26 43.36 8.19
CA LEU F 208 -5.13 41.91 8.01
C LEU F 208 -6.32 41.35 7.25
N GLY F 209 -7.54 41.74 7.66
CA GLY F 209 -8.72 41.26 6.98
C GLY F 209 -8.76 41.65 5.51
N LEU F 210 -8.47 42.92 5.21
CA LEU F 210 -8.50 43.39 3.83
C LEU F 210 -7.41 42.73 3.00
N LEU F 211 -6.21 42.54 3.57
CA LEU F 211 -5.14 41.88 2.83
C LEU F 211 -5.49 40.43 2.54
N ALA F 212 -6.04 39.71 3.52
CA ALA F 212 -6.45 38.33 3.27
C ALA F 212 -7.53 38.25 2.21
N LEU F 213 -8.56 39.10 2.31
CA LEU F 213 -9.61 39.13 1.31
C LEU F 213 -9.10 39.47 -0.09
N GLY F 214 -8.19 40.44 -0.20
CA GLY F 214 -7.64 40.82 -1.48
C GLY F 214 -6.78 39.72 -2.09
N VAL F 215 -5.96 39.06 -1.26
CA VAL F 215 -5.15 37.95 -1.76
C VAL F 215 -6.04 36.82 -2.25
N SER F 216 -7.09 36.50 -1.49
CA SER F 216 -8.01 35.45 -1.91
C SER F 216 -8.71 35.81 -3.22
N LEU F 217 -9.19 37.06 -3.32
CA LEU F 217 -9.85 37.51 -4.54
C LEU F 217 -8.91 37.43 -5.74
N LEU F 218 -7.66 37.90 -5.57
CA LEU F 218 -6.71 37.89 -6.67
C LEU F 218 -6.37 36.47 -7.10
N CYS F 219 -6.16 35.57 -6.13
CA CYS F 219 -5.83 34.19 -6.47
C CYS F 219 -6.99 33.50 -7.18
N ASN F 220 -8.22 33.70 -6.69
CA ASN F 220 -9.38 33.08 -7.33
C ASN F 220 -9.60 33.66 -8.73
N ALA F 221 -9.37 34.97 -8.91
CA ALA F 221 -9.52 35.57 -10.22
C ALA F 221 -8.48 35.03 -11.20
N ILE F 222 -7.23 34.89 -10.74
CA ILE F 222 -6.19 34.33 -11.60
C ILE F 222 -6.53 32.89 -11.98
N THR F 223 -7.02 32.10 -11.02
CA THR F 223 -7.40 30.73 -11.31
C THR F 223 -8.54 30.68 -12.33
N GLY F 224 -9.54 31.55 -12.16
CA GLY F 224 -10.65 31.57 -13.10
C GLY F 224 -10.22 31.99 -14.49
N ILE F 225 -9.36 33.00 -14.59
CA ILE F 225 -8.86 33.43 -15.89
C ILE F 225 -8.05 32.32 -16.56
N THR F 226 -7.22 31.62 -15.77
CA THR F 226 -6.43 30.53 -16.33
C THR F 226 -7.34 29.40 -16.84
N LEU F 227 -8.38 29.07 -16.07
CA LEU F 227 -9.31 28.03 -16.50
C LEU F 227 -10.05 28.45 -17.76
N LEU F 228 -10.51 29.70 -17.82
CA LEU F 228 -11.20 30.17 -19.02
C LEU F 228 -10.29 30.14 -20.23
N ARG F 229 -9.02 30.52 -20.06
CA ARG F 229 -8.09 30.51 -21.18
C ARG F 229 -7.80 29.08 -21.65
N VAL F 230 -7.56 28.17 -20.71
CA VAL F 230 -7.26 26.80 -21.07
C VAL F 230 -8.49 26.08 -21.63
N LYS F 231 -9.69 26.59 -21.35
CA LYS F 231 -10.90 26.02 -21.94
C LYS F 231 -11.19 26.60 -23.32
N PHE F 232 -10.92 27.88 -23.52
CA PHE F 232 -11.18 28.49 -24.82
C PHE F 232 -10.11 28.16 -25.85
N LYS F 233 -8.87 27.89 -25.40
CA LYS F 233 -7.81 27.53 -26.33
C LYS F 233 -7.89 26.06 -26.73
N SER F 234 -8.14 25.17 -25.76
CA SER F 234 -8.25 23.74 -26.03
C SER F 234 -9.71 23.41 -26.31
N GLN F 235 -10.02 23.16 -27.58
CA GLN F 235 -11.38 22.83 -28.02
C GLN F 235 -11.36 21.60 -28.91
N GLN F 236 -10.66 20.55 -28.46
CA GLN F 236 -10.58 19.32 -29.22
C GLN F 236 -11.92 18.59 -29.22
N HIS F 237 -12.44 18.28 -28.05
CA HIS F 237 -13.72 17.58 -27.94
C HIS F 237 -14.43 17.95 -26.64
N GLY F 240 -13.62 17.28 -21.32
CA GLY F 240 -14.57 18.36 -21.52
C GLY F 240 -14.56 19.37 -20.39
N ARG F 241 -15.64 20.14 -20.28
CA ARG F 241 -15.78 21.16 -19.24
C ARG F 241 -16.54 20.65 -18.01
N SER F 242 -16.48 19.35 -17.75
CA SER F 242 -17.19 18.79 -16.60
C SER F 242 -16.54 19.18 -15.28
N HIS F 243 -15.29 19.64 -15.30
CA HIS F 243 -14.58 20.01 -14.08
C HIS F 243 -14.06 21.44 -14.10
N HIS F 244 -14.32 22.20 -15.16
CA HIS F 244 -13.87 23.58 -15.26
C HIS F 244 -14.97 24.60 -14.97
N LEU F 245 -16.15 24.42 -15.58
CA LEU F 245 -17.26 25.34 -15.34
C LEU F 245 -17.70 25.29 -13.87
N GLU F 246 -17.66 24.10 -13.26
CA GLU F 246 -18.02 23.99 -11.85
C GLU F 246 -17.05 24.78 -10.98
N MET F 247 -15.74 24.69 -11.27
CA MET F 247 -14.77 25.46 -10.52
C MET F 247 -14.94 26.95 -10.74
N VAL F 248 -15.27 27.35 -11.98
CA VAL F 248 -15.48 28.77 -12.27
C VAL F 248 -16.67 29.30 -11.47
N ILE F 249 -17.78 28.54 -11.45
CA ILE F 249 -18.95 28.97 -10.70
C ILE F 249 -18.66 29.01 -9.21
N GLN F 250 -17.92 28.01 -8.71
CA GLN F 250 -17.56 27.99 -7.30
C GLN F 250 -16.74 29.21 -6.92
N LEU F 251 -15.74 29.56 -7.74
CA LEU F 251 -14.93 30.74 -7.45
C LEU F 251 -15.74 32.02 -7.53
N LEU F 252 -16.57 32.15 -8.57
CA LEU F 252 -17.40 33.34 -8.72
C LEU F 252 -18.40 33.50 -7.59
N ALA F 253 -18.85 32.40 -6.97
CA ALA F 253 -19.75 32.49 -5.83
C ALA F 253 -19.00 32.80 -4.54
N ILE F 254 -17.85 32.14 -4.33
CA ILE F 254 -17.08 32.33 -3.12
C ILE F 254 -16.57 33.76 -3.03
N MET F 255 -15.98 34.26 -4.11
CA MET F 255 -15.49 35.64 -4.14
C MET F 255 -16.59 36.63 -3.80
N CYS F 256 -17.73 36.50 -4.46
CA CYS F 256 -18.86 37.40 -4.27
C CYS F 256 -19.36 37.38 -2.83
N VAL F 257 -19.60 36.19 -2.28
CA VAL F 257 -20.17 36.09 -0.94
C VAL F 257 -19.17 36.64 0.07
N SER F 258 -17.89 36.26 -0.08
CA SER F 258 -16.85 36.71 0.85
C SER F 258 -16.74 38.23 0.84
N CYS F 259 -16.70 38.83 -0.35
CA CYS F 259 -16.65 40.28 -0.45
C CYS F 259 -17.87 40.92 0.20
N ILE F 260 -19.06 40.59 -0.30
CA ILE F 260 -20.32 41.19 0.16
C ILE F 260 -20.43 41.10 1.67
N CYS F 261 -19.96 40.00 2.26
CA CYS F 261 -20.09 39.83 3.70
C CYS F 261 -19.02 40.61 4.47
N TRP F 262 -17.74 40.35 4.16
CA TRP F 262 -16.67 40.83 5.02
C TRP F 262 -16.27 42.28 4.76
N SER F 263 -16.48 42.80 3.54
CA SER F 263 -16.04 44.16 3.25
C SER F 263 -16.75 45.22 4.10
N PRO F 264 -18.10 45.20 4.26
CA PRO F 264 -18.74 46.21 5.09
C PRO F 264 -18.24 46.25 6.53
N PHE F 265 -18.04 45.07 7.13
CA PHE F 265 -17.59 45.02 8.52
C PHE F 265 -16.20 45.62 8.67
N LEU F 266 -15.28 45.25 7.78
CA LEU F 266 -13.92 45.78 7.86
C LEU F 266 -13.88 47.28 7.56
N VAL F 267 -14.70 47.74 6.62
CA VAL F 267 -14.77 49.17 6.34
C VAL F 267 -15.32 49.93 7.54
N THR F 268 -16.34 49.39 8.20
CA THR F 268 -16.90 50.05 9.38
C THR F 268 -15.86 50.10 10.51
N MET F 269 -15.16 48.99 10.73
CA MET F 269 -14.11 48.96 11.74
C MET F 269 -12.99 49.95 11.45
N ALA F 270 -12.52 50.03 10.20
CA ALA F 270 -11.50 51.00 9.84
C ALA F 270 -11.99 52.44 9.98
N ASN F 271 -13.23 52.72 9.59
CA ASN F 271 -13.78 54.06 9.76
C ASN F 271 -13.87 54.44 11.23
N ILE F 272 -14.31 53.52 12.08
CA ILE F 272 -14.38 53.79 13.51
C ILE F 272 -12.98 54.04 14.07
N GLY F 273 -12.03 53.19 13.70
CA GLY F 273 -10.67 53.34 14.21
C GLY F 273 -9.99 54.62 13.73
N ILE F 274 -10.38 55.11 12.56
CA ILE F 274 -9.75 56.33 12.03
C ILE F 274 -10.49 57.61 12.44
N ASN F 275 -11.76 57.50 12.86
CA ASN F 275 -12.53 58.67 13.23
C ASN F 275 -12.75 58.82 14.73
N GLY F 276 -12.45 57.80 15.53
CA GLY F 276 -12.62 57.94 16.96
C GLY F 276 -14.09 57.95 17.33
N ASN F 277 -14.50 58.94 18.13
CA ASN F 277 -15.88 59.08 18.55
C ASN F 277 -16.69 59.98 17.63
N HIS F 278 -16.11 60.43 16.53
CA HIS F 278 -16.81 61.32 15.59
C HIS F 278 -17.69 60.55 14.61
N SER F 279 -17.77 59.23 14.71
CA SER F 279 -18.58 58.45 13.80
C SER F 279 -20.07 58.74 14.02
N LEU F 280 -20.83 58.67 12.94
CA LEU F 280 -22.26 58.94 12.97
C LEU F 280 -23.10 57.69 13.12
N GLU F 281 -22.65 56.55 12.58
CA GLU F 281 -23.42 55.32 12.68
C GLU F 281 -23.45 54.81 14.11
N THR F 282 -24.49 54.05 14.42
CA THR F 282 -24.68 53.49 15.75
C THR F 282 -24.27 52.01 15.75
N CYS F 283 -24.54 51.32 16.86
CA CYS F 283 -24.20 49.91 16.98
C CYS F 283 -25.06 49.01 16.10
N GLU F 284 -26.14 49.54 15.52
CA GLU F 284 -26.99 48.73 14.65
C GLU F 284 -26.23 48.30 13.40
N THR F 285 -25.42 49.20 12.83
CA THR F 285 -24.63 48.83 11.66
C THR F 285 -23.59 47.77 12.01
N THR F 286 -22.95 47.89 13.17
CA THR F 286 -21.98 46.89 13.58
C THR F 286 -22.65 45.54 13.82
N LEU F 287 -23.84 45.54 14.41
CA LEU F 287 -24.57 44.29 14.63
C LEU F 287 -24.97 43.65 13.30
N PHE F 288 -25.43 44.47 12.34
CA PHE F 288 -25.79 43.94 11.04
C PHE F 288 -24.58 43.38 10.31
N ALA F 289 -23.42 44.04 10.45
CA ALA F 289 -22.21 43.53 9.84
C ALA F 289 -21.77 42.22 10.48
N LEU F 290 -21.87 42.12 11.81
CA LEU F 290 -21.54 40.87 12.49
C LEU F 290 -22.47 39.75 12.06
N ARG F 291 -23.70 40.05 11.82
CA ARG F 291 -24.56 39.01 11.44
C ARG F 291 -24.26 38.62 9.98
N MET F 292 -23.98 39.57 9.11
CA MET F 292 -23.56 39.18 7.76
C MET F 292 -22.33 38.28 7.92
N ALA F 293 -21.48 38.61 8.88
CA ALA F 293 -20.26 37.83 9.11
C ALA F 293 -20.54 36.44 9.69
N THR F 294 -21.45 36.34 10.65
CA THR F 294 -21.79 35.02 11.17
C THR F 294 -22.21 34.14 10.01
N TRP F 295 -22.78 34.73 8.97
CA TRP F 295 -23.23 33.95 7.83
C TRP F 295 -22.07 33.59 6.91
N ASN F 296 -21.27 34.58 6.54
CA ASN F 296 -20.10 34.29 5.74
C ASN F 296 -19.37 33.11 6.35
N GLN F 297 -19.59 32.88 7.64
CA GLN F 297 -18.91 31.80 8.35
C GLN F 297 -19.74 30.52 8.34
N ILE F 298 -21.07 30.63 8.31
CA ILE F 298 -21.91 29.45 8.25
C ILE F 298 -21.98 28.89 6.82
N LEU F 299 -22.05 29.78 5.83
CA LEU F 299 -22.17 29.35 4.44
C LEU F 299 -20.84 28.96 3.81
N ASP F 300 -19.72 29.17 4.49
CA ASP F 300 -18.43 28.76 3.93
C ASP F 300 -18.36 27.26 3.64
N PRO F 301 -18.74 26.36 4.55
CA PRO F 301 -18.77 24.94 4.18
C PRO F 301 -19.76 24.62 3.08
N TRP F 302 -20.81 25.43 2.92
CA TRP F 302 -21.72 25.24 1.80
C TRP F 302 -21.04 25.56 0.48
N VAL F 303 -20.51 26.78 0.34
CA VAL F 303 -19.92 27.21 -0.91
C VAL F 303 -18.60 26.50 -1.21
N TYR F 304 -17.99 25.86 -0.21
CA TYR F 304 -16.75 25.14 -0.42
C TYR F 304 -16.91 23.64 -0.55
N ILE F 305 -17.91 23.04 0.10
CA ILE F 305 -18.08 21.59 0.09
C ILE F 305 -19.47 21.20 -0.40
N LEU F 306 -20.50 21.79 0.22
CA LEU F 306 -21.86 21.32 -0.01
C LEU F 306 -22.45 21.75 -1.34
N LEU F 307 -21.90 22.78 -1.98
CA LEU F 307 -22.42 23.27 -3.25
C LEU F 307 -21.82 22.56 -4.45
N ARG F 308 -21.29 21.35 -4.27
CA ARG F 308 -20.79 20.55 -5.36
C ARG F 308 -21.87 19.60 -5.87
N LYS F 309 -21.85 19.35 -7.18
CA LYS F 309 -22.88 18.50 -7.79
C LYS F 309 -22.84 17.09 -7.20
N ALA F 310 -21.63 16.51 -7.07
CA ALA F 310 -21.52 15.18 -6.49
C ALA F 310 -21.98 15.17 -5.04
N VAL F 311 -21.56 16.17 -4.26
CA VAL F 311 -21.98 16.23 -2.87
C VAL F 311 -23.50 16.42 -2.77
N LEU F 312 -24.06 17.26 -3.64
CA LEU F 312 -25.50 17.49 -3.63
C LEU F 312 -26.28 16.21 -3.94
N LYS F 313 -25.88 15.50 -5.00
CA LYS F 313 -26.59 14.28 -5.34
C LYS F 313 -26.39 13.19 -4.30
N ASN F 314 -25.21 13.14 -3.66
CA ASN F 314 -25.00 12.17 -2.60
C ASN F 314 -25.88 12.46 -1.40
N LEU F 315 -25.97 13.74 -0.99
CA LEU F 315 -26.85 14.09 0.12
C LEU F 315 -28.31 13.82 -0.22
N TYR F 316 -28.71 14.08 -1.47
CA TYR F 316 -30.08 13.82 -1.87
C TYR F 316 -30.38 12.32 -1.82
N LYS F 317 -29.47 11.49 -2.33
CA LYS F 317 -29.67 10.05 -2.27
C LYS F 317 -29.71 9.56 -0.82
N LEU F 318 -28.86 10.12 0.04
CA LEU F 318 -28.86 9.71 1.45
C LEU F 318 -30.17 10.09 2.13
N ALA F 319 -30.67 11.30 1.87
CA ALA F 319 -31.93 11.72 2.48
C ALA F 319 -33.11 10.95 1.92
N SER F 320 -33.03 10.50 0.66
CA SER F 320 -34.12 9.71 0.08
C SER F 320 -34.09 8.27 0.56
N GLN F 321 -32.91 7.72 0.86
CA GLN F 321 -32.82 6.35 1.32
C GLN F 321 -33.09 6.23 2.81
N CYS F 322 -32.61 7.19 3.60
CA CYS F 322 -32.82 7.14 5.04
C CYS F 322 -34.25 7.52 5.41
N CYS F 323 -34.80 8.52 4.75
CA CYS F 323 -36.16 8.97 5.03
C CYS F 323 -37.11 8.60 3.89
C2 UGU G . -25.97 38.64 19.30
C3 UGU G . -24.92 37.86 18.51
C4 UGU G . -23.72 37.45 19.35
C5 UGU G . -22.43 37.66 18.56
C6 UGU G . -21.62 36.68 18.24
C7 UGU G . -21.95 35.27 18.70
C8 UGU G . -21.93 34.09 17.74
C9 UGU G . -22.74 32.80 18.43
O3 UGU G . -23.52 33.21 19.51
C12 UGU G . -22.52 34.34 16.55
C11 UGU G . -22.97 32.86 16.12
O4 UGU G . -24.09 33.01 15.32
C10 UGU G . -23.43 32.15 17.46
C13 UGU G . -21.37 34.60 15.62
C14 UGU G . -20.38 33.77 15.74
C15 UGU G . -19.24 33.99 14.80
O5 UGU G . -19.72 33.33 13.65
C16 UGU G . -19.06 35.46 14.45
C17 UGU G . -18.18 35.65 13.21
C18 UGU G . -16.83 36.28 13.56
C19 UGU G . -16.67 37.65 12.90
C20 UGU G . -15.88 38.63 13.77
O1 UGU G . -27.73 40.08 18.47
C1 UGU G . -27.19 38.94 18.43
O2 UGU G . -27.66 38.06 17.67
#